data_6P24
#
_entry.id   6P24
#
_cell.length_a   61.269
_cell.length_b   173.583
_cell.length_c   251.472
_cell.angle_alpha   90.000
_cell.angle_beta   90.000
_cell.angle_gamma   90.000
#
_symmetry.space_group_name_H-M   'P 21 21 21'
#
loop_
_entity.id
_entity.type
_entity.pdbx_description
1 polymer 'Phenylalanine--tRNA ligase alpha subunit'
2 polymer 'Phenylalanine--tRNA ligase beta subunit'
3 non-polymer 'MAGNESIUM ION'
4 non-polymer 'CHLORIDE ION'
5 non-polymer HEXANE-1,6-DIOL
6 non-polymer 2-AMINO-2-HYDROXYMETHYL-PROPANE-1,3-DIOL
7 non-polymer DI(HYDROXYETHYL)ETHER
8 non-polymer 1,2-ETHANEDIOL
9 non-polymer 'TRIETHYLENE GLYCOL'
10 water water
#
loop_
_entity_poly.entity_id
_entity_poly.type
_entity_poly.pdbx_seq_one_letter_code
_entity_poly.pdbx_strand_id
1 'polypeptide(L)'
;GSHMASSHLAELVASAKAAISQASDVAALDNVRVEYLGKKGHLTLQMTTLRELPPEERPAAGAVINEAKEQVQQALNARK
AELESAALNARLAAETIDVSLPGRRIENGGLHPVTRTIDRIESFFGELGFTVATGPEIEDDYHNFDALNIPGHHPARADH
DTFWFDTTRLLRTQTSGVQIRTMKAQQPPIRIIAPGRVYRNDYDQTHTPMFHQMEGLIVDTNISFTNLKGTLHDFLRNFF
EEDLQIRFRPSYFPFTEPSAEVDVMGKNGKWLEVLGCGMVHPNVLRNVGIDPEVYSGFAFGMGMERLTMLRYGVTDLRSF
FENDLRFLKQFK
;
A,C
2 'polypeptide(L)'
;MKFSELWLREWVNPAIDSDALANQITMAGLEVDGVEPVAGSFHGVVVGEVVECAQHPNADKLRVTKVNVGGDRLLDIVCG
APNCRQGLRVAVATIGAVLPGDFKIKAAKLRGEPSEGMLCSFSELGISDDHSGIIELPADAPIGTDIREYLKLDDNTIEI
SVTPNRADCLGIIGVARDVAVLNQLPLVQPEIVPVGATIDDTLPITVEAPEACPRYLGRVVKGINVKAPTPLWMKEKLRR
CGIRSIDAVVDVTNYVLLELGQPMHAFDKDRIEGGIVVRMAKEGETLVLLDGTEAKLNADTLVIADHNKALAMGGIFGGE
HSGVNDETQNVLLECAFFSPLSITGRARRHGLHTDASHRYERGVDPALQHKAMERATRLLIDICGGEAGPVIDITNEATL
PKRATITLRRSKLDRLIGHHIADEQVTDILRRLGCEVTEGKDEWQAVAPSWRFDMEIEEDLVEEVARVYGYNNIPDEPVQ
ASLIMGTHREADLSLKRVKTLLNDKGYQEVITYSFVDPKVQQMIHPGVEALLLPSPISVEMSAMRLSLWTGLLATVVYNQ
NRQQNRVRIFESGLRFVPDTQAPLGIRQDLMLAGVICGNRYEEHWNLAKETVDFYDLKGDLESVLDLTGKLNEVEFRAEA
NPALHPGQSAAIYLKGERIGFVGVVHPELERKLDLNGRTLVFELEWNKLADRVVPQAREISRFPANRRDIAVVVAENVPA
ADILSECKKVGVNQVVGVNLFDVYRGKGVAEGYKSLAISLILQDTSRTLEEEEIAATVAKCVEALKERFQASLRD
;
B,D
#
# COMPACT_ATOMS: atom_id res chain seq x y z
N LEU A 92 2.43 10.02 52.28
CA LEU A 92 3.00 11.36 52.39
C LEU A 92 2.00 12.41 51.93
N ALA A 93 2.40 13.23 50.96
CA ALA A 93 1.52 14.26 50.43
C ALA A 93 0.42 13.64 49.58
N ALA A 94 -0.78 14.19 49.67
CA ALA A 94 -1.95 13.68 48.97
C ALA A 94 -2.32 14.67 47.87
N GLU A 95 -1.63 14.56 46.74
CA GLU A 95 -1.93 15.37 45.55
C GLU A 95 -2.92 14.64 44.65
N THR A 96 -4.10 14.38 45.20
CA THR A 96 -5.13 13.64 44.48
C THR A 96 -5.78 14.53 43.43
N ILE A 97 -5.86 14.03 42.20
CA ILE A 97 -6.43 14.76 41.08
C ILE A 97 -7.59 13.97 40.50
N ASP A 98 -8.41 14.66 39.71
CA ASP A 98 -9.51 14.03 38.98
C ASP A 98 -8.95 13.49 37.68
N VAL A 99 -8.74 12.18 37.62
CA VAL A 99 -8.18 11.54 36.43
C VAL A 99 -9.12 11.58 35.24
N SER A 100 -10.39 11.92 35.46
CA SER A 100 -11.38 11.95 34.38
C SER A 100 -11.37 13.26 33.60
N LEU A 101 -10.69 14.30 34.10
CA LEU A 101 -10.61 15.56 33.38
C LEU A 101 -9.99 15.36 32.00
N PRO A 102 -10.44 16.11 31.00
CA PRO A 102 -9.86 15.96 29.66
C PRO A 102 -8.36 16.21 29.66
N GLY A 103 -7.63 15.36 28.95
CA GLY A 103 -6.20 15.49 28.86
C GLY A 103 -5.78 16.68 28.02
N ARG A 104 -4.49 17.01 28.12
CA ARG A 104 -3.91 18.14 27.41
C ARG A 104 -3.45 17.66 26.03
N ARG A 105 -4.15 18.10 24.98
CA ARG A 105 -3.86 17.69 23.62
C ARG A 105 -4.53 18.65 22.66
N ILE A 106 -4.14 18.57 21.40
CA ILE A 106 -4.84 19.21 20.30
C ILE A 106 -5.62 18.14 19.55
N GLU A 107 -6.85 18.46 19.15
CA GLU A 107 -7.75 17.48 18.55
C GLU A 107 -7.15 16.90 17.27
N ASN A 108 -7.42 15.62 17.03
CA ASN A 108 -7.01 14.99 15.79
C ASN A 108 -7.87 15.46 14.63
N GLY A 109 -7.22 15.72 13.49
CA GLY A 109 -7.93 15.91 12.26
C GLY A 109 -8.12 14.60 11.51
N GLY A 110 -8.83 14.67 10.39
CA GLY A 110 -9.13 13.49 9.60
C GLY A 110 -8.86 13.73 8.13
N LEU A 111 -9.10 12.69 7.35
CA LEU A 111 -8.96 12.74 5.91
C LEU A 111 -10.32 12.98 5.26
N HIS A 112 -10.30 13.57 4.07
CA HIS A 112 -11.52 13.73 3.31
C HIS A 112 -12.12 12.36 3.01
N PRO A 113 -13.45 12.22 3.02
CA PRO A 113 -14.04 10.90 2.72
C PRO A 113 -13.64 10.36 1.37
N VAL A 114 -13.43 11.22 0.37
CA VAL A 114 -12.97 10.74 -0.93
C VAL A 114 -11.56 10.19 -0.82
N THR A 115 -10.71 10.83 -0.01
CA THR A 115 -9.35 10.32 0.20
C THR A 115 -9.38 8.95 0.88
N ARG A 116 -10.28 8.76 1.85
CA ARG A 116 -10.41 7.45 2.48
C ARG A 116 -10.78 6.37 1.47
N THR A 117 -11.70 6.70 0.56
CA THR A 117 -12.09 5.73 -0.47
C THR A 117 -10.92 5.41 -1.38
N ILE A 118 -10.19 6.43 -1.82
CA ILE A 118 -9.06 6.21 -2.71
C ILE A 118 -8.00 5.34 -2.03
N ASP A 119 -7.76 5.57 -0.74
CA ASP A 119 -6.72 4.80 -0.04
C ASP A 119 -7.14 3.34 0.12
N ARG A 120 -8.43 3.09 0.35
CA ARG A 120 -8.91 1.72 0.47
C ARG A 120 -8.72 0.96 -0.84
N ILE A 121 -9.11 1.58 -1.96
CA ILE A 121 -9.01 0.90 -3.25
C ILE A 121 -7.56 0.68 -3.63
N GLU A 122 -6.69 1.65 -3.34
CA GLU A 122 -5.28 1.50 -3.66
C GLU A 122 -4.66 0.33 -2.90
N SER A 123 -5.07 0.11 -1.64
CA SER A 123 -4.53 -1.00 -0.87
C SER A 123 -5.10 -2.35 -1.34
N PHE A 124 -6.36 -2.37 -1.79
CA PHE A 124 -6.93 -3.59 -2.35
C PHE A 124 -6.12 -4.05 -3.56
N PHE A 125 -5.85 -3.14 -4.49
CA PHE A 125 -5.13 -3.50 -5.71
C PHE A 125 -3.62 -3.52 -5.52
N GLY A 126 -3.10 -2.83 -4.50
CA GLY A 126 -1.67 -2.91 -4.22
C GLY A 126 -1.25 -4.32 -3.88
N GLU A 127 -2.11 -5.06 -3.16
CA GLU A 127 -1.84 -6.45 -2.86
C GLU A 127 -1.89 -7.34 -4.09
N LEU A 128 -2.34 -6.83 -5.23
CA LEU A 128 -2.34 -7.55 -6.49
C LEU A 128 -1.18 -7.14 -7.39
N GLY A 129 -0.26 -6.32 -6.90
CA GLY A 129 0.86 -5.87 -7.69
C GLY A 129 0.59 -4.65 -8.53
N PHE A 130 -0.54 -3.98 -8.34
CA PHE A 130 -0.85 -2.76 -9.08
C PHE A 130 -0.08 -1.58 -8.51
N THR A 131 0.46 -0.76 -9.40
CA THR A 131 1.19 0.45 -9.02
C THR A 131 0.29 1.66 -9.20
N VAL A 132 0.40 2.61 -8.28
CA VAL A 132 -0.34 3.86 -8.37
C VAL A 132 0.42 4.82 -9.28
N ALA A 133 -0.28 5.37 -10.28
CA ALA A 133 0.30 6.31 -11.23
C ALA A 133 -0.61 7.54 -11.35
N THR A 134 0.02 8.71 -11.43
CA THR A 134 -0.70 9.98 -11.50
C THR A 134 -0.19 10.78 -12.70
N GLY A 135 -0.91 11.84 -13.04
CA GLY A 135 -0.56 12.68 -14.16
C GLY A 135 -1.25 14.02 -14.15
N PRO A 136 -1.02 14.81 -15.19
CA PRO A 136 -1.58 16.16 -15.24
C PRO A 136 -3.10 16.13 -15.48
N GLU A 137 -3.79 17.06 -14.81
CA GLU A 137 -5.24 17.18 -15.00
C GLU A 137 -5.62 17.90 -16.28
N ILE A 138 -4.71 18.71 -16.83
CA ILE A 138 -4.92 19.34 -18.13
C ILE A 138 -4.16 18.53 -19.17
N GLU A 139 -4.89 17.93 -20.11
CA GLU A 139 -4.32 17.08 -21.15
C GLU A 139 -4.58 17.71 -22.51
N ASP A 140 -4.04 17.06 -23.54
CA ASP A 140 -4.32 17.41 -24.93
C ASP A 140 -5.33 16.43 -25.52
N ASP A 141 -5.79 16.74 -26.73
CA ASP A 141 -6.82 15.92 -27.36
C ASP A 141 -6.30 14.54 -27.78
N TYR A 142 -4.99 14.35 -27.85
CA TYR A 142 -4.46 13.05 -28.25
C TYR A 142 -4.57 12.03 -27.12
N HIS A 143 -4.04 12.36 -25.94
CA HIS A 143 -4.06 11.40 -24.84
C HIS A 143 -5.47 11.16 -24.31
N ASN A 144 -6.32 12.20 -24.32
CA ASN A 144 -7.67 12.06 -23.77
C ASN A 144 -8.65 11.48 -24.78
N PHE A 145 -8.35 11.50 -26.07
CA PHE A 145 -9.27 11.02 -27.08
C PHE A 145 -8.60 10.08 -28.08
N ASP A 146 -7.66 10.60 -28.88
CA ASP A 146 -7.10 9.82 -29.98
C ASP A 146 -6.43 8.55 -29.49
N ALA A 147 -5.66 8.63 -28.39
CA ALA A 147 -5.00 7.46 -27.85
C ALA A 147 -5.99 6.43 -27.29
N LEU A 148 -7.21 6.86 -26.95
CA LEU A 148 -8.25 5.97 -26.45
C LEU A 148 -9.22 5.53 -27.55
N ASN A 149 -8.78 5.55 -28.80
CA ASN A 149 -9.61 5.19 -29.96
C ASN A 149 -10.84 6.07 -30.05
N ILE A 150 -10.63 7.38 -29.91
CA ILE A 150 -11.69 8.37 -30.08
C ILE A 150 -11.22 9.40 -31.11
N PRO A 151 -11.55 9.23 -32.39
CA PRO A 151 -11.11 10.20 -33.40
C PRO A 151 -11.81 11.55 -33.25
N GLY A 152 -11.44 12.51 -34.10
CA GLY A 152 -12.05 13.83 -34.02
C GLY A 152 -13.52 13.82 -34.39
N HIS A 153 -13.93 12.90 -35.26
CA HIS A 153 -15.31 12.78 -35.70
C HIS A 153 -16.14 11.88 -34.78
N HIS A 154 -15.64 11.54 -33.62
CA HIS A 154 -16.36 10.65 -32.72
C HIS A 154 -17.38 11.44 -31.90
N PRO A 155 -18.58 10.91 -31.71
CA PRO A 155 -19.59 11.65 -30.94
C PRO A 155 -19.17 11.92 -29.50
N ALA A 156 -18.50 10.96 -28.86
CA ALA A 156 -18.04 11.12 -27.48
C ALA A 156 -16.77 11.99 -27.44
N ARG A 157 -16.92 13.22 -27.92
CA ARG A 157 -15.82 14.18 -27.96
C ARG A 157 -16.37 15.59 -27.86
N ALA A 158 -17.15 16.00 -28.86
CA ALA A 158 -17.88 17.27 -28.75
C ALA A 158 -19.06 17.13 -27.79
N ASP A 159 -19.83 16.06 -27.93
CA ASP A 159 -20.92 15.74 -27.01
C ASP A 159 -20.34 14.96 -25.81
N HIS A 160 -19.55 15.69 -25.02
CA HIS A 160 -18.87 15.09 -23.88
C HIS A 160 -18.84 16.00 -22.66
N ASP A 161 -19.41 17.21 -22.73
CA ASP A 161 -19.38 18.17 -21.63
C ASP A 161 -17.94 18.49 -21.22
N THR A 162 -17.05 18.56 -22.22
CA THR A 162 -15.62 18.76 -21.98
C THR A 162 -15.30 20.24 -21.87
N PHE A 163 -14.49 20.58 -20.87
CA PHE A 163 -13.95 21.93 -20.74
C PHE A 163 -12.74 22.05 -21.67
N TRP A 164 -12.86 22.87 -22.70
CA TRP A 164 -11.78 23.12 -23.64
C TRP A 164 -11.19 24.51 -23.39
N PHE A 165 -9.87 24.62 -23.49
CA PHE A 165 -9.20 25.92 -23.49
C PHE A 165 -9.01 26.44 -24.91
N ASP A 166 -8.49 25.58 -25.80
CA ASP A 166 -8.43 25.87 -27.23
C ASP A 166 -8.88 24.64 -28.01
N THR A 167 -8.31 24.43 -29.20
CA THR A 167 -8.63 23.26 -30.00
C THR A 167 -7.81 22.04 -29.62
N THR A 168 -6.80 22.20 -28.78
CA THR A 168 -5.93 21.10 -28.37
C THR A 168 -5.98 20.80 -26.88
N ARG A 169 -5.95 21.83 -26.03
CA ARG A 169 -5.90 21.63 -24.59
C ARG A 169 -7.29 21.55 -23.99
N LEU A 170 -7.41 20.80 -22.91
CA LEU A 170 -8.70 20.57 -22.26
C LEU A 170 -8.48 20.12 -20.83
N LEU A 171 -9.54 20.22 -20.04
CA LEU A 171 -9.59 19.55 -18.74
C LEU A 171 -9.96 18.09 -18.96
N ARG A 172 -9.14 17.18 -18.43
CA ARG A 172 -9.30 15.77 -18.73
C ARG A 172 -10.63 15.24 -18.21
N THR A 173 -11.22 14.33 -18.98
CA THR A 173 -12.40 13.59 -18.56
C THR A 173 -12.08 12.16 -18.16
N GLN A 174 -10.83 11.75 -18.33
CA GLN A 174 -10.36 10.42 -17.98
C GLN A 174 -9.01 10.54 -17.29
N THR A 175 -8.65 9.51 -16.52
CA THR A 175 -7.31 9.40 -15.96
C THR A 175 -6.42 8.48 -16.79
N SER A 176 -6.80 8.23 -18.05
CA SER A 176 -6.08 7.30 -18.91
C SER A 176 -4.79 7.87 -19.46
N GLY A 177 -4.56 9.18 -19.32
CA GLY A 177 -3.37 9.78 -19.92
C GLY A 177 -2.09 9.17 -19.39
N VAL A 178 -2.04 8.87 -18.09
CA VAL A 178 -0.86 8.24 -17.51
C VAL A 178 -0.75 6.78 -17.88
N GLN A 179 -1.87 6.13 -18.21
CA GLN A 179 -1.81 4.74 -18.67
C GLN A 179 -1.26 4.66 -20.08
N ILE A 180 -1.56 5.66 -20.92
CA ILE A 180 -1.01 5.67 -22.28
C ILE A 180 0.49 5.91 -22.24
N ARG A 181 0.95 6.85 -21.42
CA ARG A 181 2.37 7.18 -21.37
C ARG A 181 3.18 6.03 -20.79
N THR A 182 2.64 5.34 -19.78
CA THR A 182 3.37 4.22 -19.19
C THR A 182 3.45 3.04 -20.15
N MET A 183 2.39 2.79 -20.93
CA MET A 183 2.41 1.70 -21.90
C MET A 183 3.39 1.97 -23.03
N LYS A 184 3.60 3.25 -23.38
CA LYS A 184 4.55 3.59 -24.43
C LYS A 184 5.99 3.46 -23.97
N ALA A 185 6.25 3.49 -22.66
CA ALA A 185 7.60 3.45 -22.13
C ALA A 185 8.05 2.05 -21.72
N GLN A 186 7.13 1.09 -21.63
CA GLN A 186 7.49 -0.25 -21.18
C GLN A 186 6.55 -1.27 -21.81
N GLN A 187 7.05 -2.50 -21.92
CA GLN A 187 6.30 -3.65 -22.40
C GLN A 187 5.56 -4.32 -21.25
N PRO A 188 4.57 -5.16 -21.55
CA PRO A 188 3.91 -5.93 -20.49
C PRO A 188 4.91 -6.76 -19.71
N PRO A 189 4.60 -7.14 -18.46
CA PRO A 189 3.32 -6.93 -17.76
C PRO A 189 3.05 -5.50 -17.30
N ILE A 190 1.80 -5.08 -17.42
CA ILE A 190 1.34 -3.77 -16.96
C ILE A 190 0.30 -3.99 -15.87
N ARG A 191 0.42 -3.23 -14.77
CA ARG A 191 -0.53 -3.34 -13.67
C ARG A 191 -0.51 -2.00 -12.92
N ILE A 192 -1.40 -1.10 -13.33
CA ILE A 192 -1.44 0.25 -12.78
C ILE A 192 -2.88 0.66 -12.48
N ILE A 193 -3.04 1.48 -11.44
CA ILE A 193 -4.29 2.17 -11.14
C ILE A 193 -4.00 3.65 -11.12
N ALA A 194 -4.93 4.45 -11.64
CA ALA A 194 -4.73 5.88 -11.82
C ALA A 194 -5.88 6.67 -11.20
N PRO A 195 -5.74 7.12 -9.95
CA PRO A 195 -6.72 8.05 -9.39
C PRO A 195 -6.39 9.49 -9.74
N GLY A 196 -7.43 10.31 -9.73
CA GLY A 196 -7.24 11.72 -9.98
C GLY A 196 -8.55 12.42 -10.27
N ARG A 197 -8.47 13.74 -10.33
CA ARG A 197 -9.63 14.57 -10.61
C ARG A 197 -9.90 14.63 -12.12
N VAL A 198 -11.17 14.53 -12.48
CA VAL A 198 -11.62 14.68 -13.86
C VAL A 198 -12.73 15.72 -13.88
N TYR A 199 -13.01 16.24 -15.08
CA TYR A 199 -13.86 17.41 -15.23
C TYR A 199 -14.92 17.17 -16.30
N ARG A 200 -16.18 17.30 -15.92
CA ARG A 200 -17.30 17.37 -16.84
C ARG A 200 -18.07 18.66 -16.58
N ASN A 201 -18.87 19.09 -17.56
CA ASN A 201 -19.40 20.45 -17.50
C ASN A 201 -20.61 20.57 -16.57
N ASP A 202 -21.61 19.70 -16.75
CA ASP A 202 -22.90 19.92 -16.11
C ASP A 202 -22.81 19.79 -14.59
N TYR A 203 -23.67 20.55 -13.91
CA TYR A 203 -23.73 20.60 -12.44
C TYR A 203 -25.15 20.24 -12.02
N ASP A 204 -25.30 19.17 -11.25
CA ASP A 204 -26.60 18.74 -10.77
C ASP A 204 -26.53 18.39 -9.29
N GLN A 205 -27.63 17.87 -8.74
CA GLN A 205 -27.62 17.41 -7.35
C GLN A 205 -26.78 16.15 -7.18
N THR A 206 -26.60 15.37 -8.23
CA THR A 206 -25.77 14.18 -8.20
C THR A 206 -24.59 14.26 -9.16
N HIS A 207 -24.29 15.46 -9.68
CA HIS A 207 -23.17 15.64 -10.61
C HIS A 207 -22.53 17.00 -10.34
N THR A 208 -21.21 17.00 -10.21
CA THR A 208 -20.43 18.20 -9.98
C THR A 208 -19.48 18.47 -11.15
N PRO A 209 -19.09 19.72 -11.38
CA PRO A 209 -18.15 20.00 -12.48
C PRO A 209 -16.80 19.33 -12.32
N MET A 210 -16.43 18.95 -11.10
CA MET A 210 -15.18 18.24 -10.83
C MET A 210 -15.47 17.08 -9.90
N PHE A 211 -14.93 15.91 -10.22
CA PHE A 211 -15.05 14.75 -9.35
C PHE A 211 -13.82 13.88 -9.51
N HIS A 212 -13.70 12.90 -8.63
CA HIS A 212 -12.53 12.04 -8.60
C HIS A 212 -12.85 10.69 -9.23
N GLN A 213 -11.93 10.20 -10.04
CA GLN A 213 -12.11 8.97 -10.79
C GLN A 213 -10.86 8.12 -10.67
N MET A 214 -11.04 6.82 -10.53
CA MET A 214 -9.93 5.87 -10.52
C MET A 214 -10.11 4.90 -11.69
N GLU A 215 -9.04 4.72 -12.45
CA GLU A 215 -9.04 3.77 -13.56
C GLU A 215 -7.89 2.79 -13.36
N GLY A 216 -8.19 1.51 -13.57
CA GLY A 216 -7.20 0.45 -13.45
C GLY A 216 -6.91 -0.14 -14.80
N LEU A 217 -5.70 -0.67 -14.96
CA LEU A 217 -5.28 -1.28 -16.22
C LEU A 217 -4.31 -2.41 -15.92
N ILE A 218 -4.57 -3.58 -16.51
CA ILE A 218 -3.65 -4.71 -16.46
C ILE A 218 -3.50 -5.27 -17.86
N VAL A 219 -2.26 -5.52 -18.27
CA VAL A 219 -1.95 -6.08 -19.57
C VAL A 219 -0.98 -7.24 -19.36
N ASP A 220 -1.33 -8.41 -19.89
CA ASP A 220 -0.48 -9.59 -19.79
C ASP A 220 -0.85 -10.54 -20.92
N THR A 221 -0.40 -11.79 -20.82
CA THR A 221 -0.49 -12.70 -21.95
C THR A 221 -1.88 -13.32 -22.08
N ASN A 222 -2.45 -13.82 -21.00
CA ASN A 222 -3.74 -14.51 -21.09
C ASN A 222 -4.80 -13.86 -20.21
N ILE A 223 -4.92 -12.53 -20.28
CA ILE A 223 -5.94 -11.82 -19.52
C ILE A 223 -7.27 -11.95 -20.26
N SER A 224 -8.29 -12.42 -19.55
CA SER A 224 -9.57 -12.76 -20.14
C SER A 224 -10.68 -11.97 -19.48
N PHE A 225 -11.88 -12.07 -20.07
CA PHE A 225 -13.06 -11.43 -19.48
C PHE A 225 -13.42 -12.07 -18.15
N THR A 226 -13.16 -13.37 -18.00
CA THR A 226 -13.35 -14.04 -16.71
C THR A 226 -12.49 -13.39 -15.63
N ASN A 227 -11.27 -12.97 -16.00
CA ASN A 227 -10.42 -12.28 -15.03
C ASN A 227 -10.97 -10.89 -14.70
N LEU A 228 -11.54 -10.20 -15.70
CA LEU A 228 -12.22 -8.94 -15.43
C LEU A 228 -13.35 -9.12 -14.43
N LYS A 229 -14.15 -10.16 -14.60
CA LYS A 229 -15.26 -10.41 -13.68
C LYS A 229 -14.76 -10.77 -12.29
N GLY A 230 -13.77 -11.66 -12.21
CA GLY A 230 -13.30 -12.12 -10.92
C GLY A 230 -12.60 -11.04 -10.11
N THR A 231 -11.85 -10.17 -10.79
CA THR A 231 -11.12 -9.12 -10.09
C THR A 231 -12.06 -8.04 -9.56
N LEU A 232 -13.05 -7.64 -10.36
CA LEU A 232 -13.96 -6.60 -9.91
C LEU A 232 -14.96 -7.14 -8.88
N HIS A 233 -15.32 -8.42 -8.98
CA HIS A 233 -16.17 -9.03 -7.97
C HIS A 233 -15.45 -9.06 -6.62
N ASP A 234 -14.18 -9.46 -6.60
CA ASP A 234 -13.41 -9.43 -5.36
C ASP A 234 -13.29 -8.01 -4.82
N PHE A 235 -13.11 -7.04 -5.71
CA PHE A 235 -12.99 -5.65 -5.27
C PHE A 235 -14.27 -5.16 -4.60
N LEU A 236 -15.43 -5.39 -5.25
CA LEU A 236 -16.68 -4.92 -4.69
C LEU A 236 -17.02 -5.61 -3.39
N ARG A 237 -16.68 -6.89 -3.28
CA ARG A 237 -16.88 -7.61 -2.03
C ARG A 237 -16.03 -7.03 -0.91
N ASN A 238 -14.82 -6.59 -1.23
CA ASN A 238 -13.98 -5.98 -0.20
C ASN A 238 -14.35 -4.53 0.06
N PHE A 239 -14.80 -3.80 -0.96
CA PHE A 239 -15.13 -2.38 -0.76
C PHE A 239 -16.38 -2.22 0.09
N PHE A 240 -17.41 -3.02 -0.16
CA PHE A 240 -18.63 -2.96 0.63
C PHE A 240 -18.67 -3.98 1.76
N GLU A 241 -17.69 -4.87 1.83
CA GLU A 241 -17.53 -5.83 2.93
C GLU A 241 -18.78 -6.68 3.13
N GLU A 242 -19.27 -7.25 2.02
CA GLU A 242 -20.41 -8.16 2.09
C GLU A 242 -20.51 -8.92 0.78
N ASP A 243 -21.08 -10.12 0.86
CA ASP A 243 -21.31 -10.94 -0.32
C ASP A 243 -22.49 -10.39 -1.11
N LEU A 244 -22.34 -9.17 -1.62
CA LEU A 244 -23.43 -8.47 -2.27
C LEU A 244 -23.68 -9.01 -3.66
N GLN A 245 -24.90 -8.77 -4.17
CA GLN A 245 -25.29 -9.21 -5.49
C GLN A 245 -24.86 -8.17 -6.52
N ILE A 246 -24.04 -8.60 -7.48
CA ILE A 246 -23.58 -7.73 -8.56
C ILE A 246 -23.98 -8.35 -9.88
N ARG A 247 -23.85 -7.57 -10.94
CA ARG A 247 -24.12 -8.06 -12.29
C ARG A 247 -23.25 -7.31 -13.28
N PHE A 248 -22.88 -8.00 -14.35
CA PHE A 248 -22.18 -7.39 -15.47
C PHE A 248 -23.17 -7.20 -16.61
N ARG A 249 -23.03 -6.08 -17.32
CA ARG A 249 -24.00 -5.71 -18.33
C ARG A 249 -23.28 -5.08 -19.51
N PRO A 250 -23.70 -5.39 -20.74
CA PRO A 250 -23.04 -4.82 -21.92
C PRO A 250 -23.13 -3.31 -21.95
N SER A 251 -22.05 -2.69 -22.42
CA SER A 251 -21.99 -1.25 -22.57
C SER A 251 -21.04 -0.94 -23.72
N TYR A 252 -20.65 0.32 -23.85
CA TYR A 252 -19.74 0.73 -24.90
C TYR A 252 -18.76 1.75 -24.38
N PHE A 253 -17.48 1.53 -24.65
CA PHE A 253 -16.42 2.50 -24.41
C PHE A 253 -15.50 2.36 -25.61
N PRO A 254 -15.08 3.47 -26.22
CA PRO A 254 -14.26 3.35 -27.44
C PRO A 254 -12.91 2.69 -27.22
N PHE A 255 -12.42 2.65 -25.98
CA PHE A 255 -11.13 2.09 -25.66
C PHE A 255 -11.19 0.62 -25.21
N THR A 256 -12.38 0.03 -25.17
CA THR A 256 -12.51 -1.38 -24.77
C THR A 256 -13.47 -2.09 -25.71
N GLU A 257 -13.25 -3.39 -25.86
CA GLU A 257 -14.12 -4.27 -26.63
C GLU A 257 -13.78 -5.72 -26.31
N PRO A 258 -14.68 -6.48 -25.66
CA PRO A 258 -16.01 -6.10 -25.20
C PRO A 258 -16.00 -5.12 -24.03
N SER A 259 -17.04 -4.30 -23.92
CA SER A 259 -17.18 -3.33 -22.84
C SER A 259 -18.32 -3.75 -21.92
N ALA A 260 -18.24 -3.29 -20.67
CA ALA A 260 -19.24 -3.67 -19.69
C ALA A 260 -19.36 -2.59 -18.62
N GLU A 261 -20.50 -2.63 -17.94
CA GLU A 261 -20.72 -1.86 -16.72
C GLU A 261 -21.16 -2.82 -15.63
N VAL A 262 -20.82 -2.47 -14.39
CA VAL A 262 -21.08 -3.32 -13.22
C VAL A 262 -22.05 -2.58 -12.30
N ASP A 263 -23.12 -3.26 -11.93
CA ASP A 263 -24.09 -2.73 -10.98
C ASP A 263 -24.09 -3.56 -9.71
N VAL A 264 -24.37 -2.90 -8.59
CA VAL A 264 -24.63 -3.58 -7.32
C VAL A 264 -26.11 -3.41 -7.00
N MET A 265 -26.70 -4.43 -6.38
CA MET A 265 -28.10 -4.38 -5.99
C MET A 265 -28.28 -3.34 -4.90
N GLY A 266 -28.89 -2.22 -5.23
CA GLY A 266 -29.08 -1.15 -4.28
C GLY A 266 -30.08 -1.51 -3.20
N LYS A 267 -30.06 -0.70 -2.13
CA LYS A 267 -30.98 -0.92 -1.02
CA LYS A 267 -30.98 -0.92 -1.02
C LYS A 267 -32.43 -0.68 -1.40
N ASN A 268 -32.67 0.02 -2.52
CA ASN A 268 -34.02 0.30 -2.98
C ASN A 268 -34.58 -0.80 -3.89
N GLY A 269 -33.85 -1.90 -4.05
CA GLY A 269 -34.26 -2.97 -4.93
C GLY A 269 -33.91 -2.77 -6.39
N LYS A 270 -33.26 -1.67 -6.74
CA LYS A 270 -32.86 -1.37 -8.10
C LYS A 270 -31.34 -1.49 -8.24
N TRP A 271 -30.91 -1.74 -9.47
CA TRP A 271 -29.48 -1.83 -9.76
C TRP A 271 -28.85 -0.45 -9.80
N LEU A 272 -27.64 -0.34 -9.25
CA LEU A 272 -26.93 0.92 -9.15
C LEU A 272 -25.61 0.80 -9.91
N GLU A 273 -25.46 1.59 -10.97
CA GLU A 273 -24.22 1.57 -11.75
C GLU A 273 -23.04 2.00 -10.88
N VAL A 274 -22.01 1.15 -10.82
CA VAL A 274 -20.88 1.36 -9.94
C VAL A 274 -19.59 1.62 -10.72
N LEU A 275 -19.41 0.95 -11.86
CA LEU A 275 -18.19 1.14 -12.63
C LEU A 275 -18.38 0.67 -14.06
N GLY A 276 -17.47 1.11 -14.92
CA GLY A 276 -17.40 0.64 -16.28
C GLY A 276 -16.07 -0.05 -16.52
N CYS A 277 -16.06 -1.02 -17.42
CA CYS A 277 -14.88 -1.83 -17.64
C CYS A 277 -14.95 -2.46 -19.03
N GLY A 278 -13.93 -3.23 -19.35
CA GLY A 278 -13.90 -3.97 -20.61
C GLY A 278 -12.50 -4.41 -20.94
N MET A 279 -12.43 -5.26 -21.96
CA MET A 279 -11.14 -5.73 -22.47
C MET A 279 -10.52 -4.67 -23.37
N VAL A 280 -9.23 -4.40 -23.17
CA VAL A 280 -8.58 -3.30 -23.87
C VAL A 280 -8.69 -3.49 -25.38
N HIS A 281 -9.16 -2.45 -26.05
CA HIS A 281 -9.34 -2.49 -27.50
C HIS A 281 -8.00 -2.74 -28.19
N PRO A 282 -7.97 -3.56 -29.25
CA PRO A 282 -6.69 -3.81 -29.93
C PRO A 282 -6.04 -2.57 -30.50
N ASN A 283 -6.85 -1.58 -30.95
CA ASN A 283 -6.27 -0.34 -31.44
C ASN A 283 -5.51 0.40 -30.34
N VAL A 284 -6.01 0.34 -29.11
CA VAL A 284 -5.35 1.02 -28.00
C VAL A 284 -3.98 0.39 -27.74
N LEU A 285 -3.92 -0.94 -27.69
CA LEU A 285 -2.64 -1.61 -27.48
C LEU A 285 -1.70 -1.39 -28.66
N ARG A 286 -2.25 -1.38 -29.88
CA ARG A 286 -1.42 -1.23 -31.07
C ARG A 286 -0.76 0.15 -31.10
N ASN A 287 -1.48 1.19 -30.68
CA ASN A 287 -0.94 2.54 -30.73
C ASN A 287 0.16 2.77 -29.70
N VAL A 288 0.21 1.97 -28.64
CA VAL A 288 1.25 2.09 -27.63
C VAL A 288 2.33 1.02 -27.79
N GLY A 289 2.35 0.33 -28.94
CA GLY A 289 3.42 -0.62 -29.22
C GLY A 289 3.25 -1.99 -28.60
N ILE A 290 2.04 -2.36 -28.22
CA ILE A 290 1.76 -3.66 -27.62
C ILE A 290 0.97 -4.49 -28.61
N ASP A 291 1.40 -5.73 -28.83
CA ASP A 291 0.80 -6.63 -29.81
C ASP A 291 -0.46 -7.27 -29.24
N PRO A 292 -1.64 -6.94 -29.78
CA PRO A 292 -2.86 -7.57 -29.27
C PRO A 292 -2.96 -9.05 -29.58
N GLU A 293 -2.15 -9.56 -30.51
CA GLU A 293 -2.13 -11.00 -30.78
C GLU A 293 -1.36 -11.77 -29.72
N VAL A 294 -0.45 -11.12 -29.01
CA VAL A 294 0.34 -11.75 -27.95
C VAL A 294 -0.20 -11.38 -26.58
N TYR A 295 -0.50 -10.11 -26.36
CA TYR A 295 -0.94 -9.61 -25.06
C TYR A 295 -2.40 -9.20 -25.10
N SER A 296 -3.02 -9.23 -23.92
CA SER A 296 -4.39 -8.78 -23.75
C SER A 296 -4.52 -8.18 -22.36
N GLY A 297 -5.67 -7.58 -22.08
CA GLY A 297 -5.88 -7.00 -20.77
C GLY A 297 -7.26 -6.40 -20.66
N PHE A 298 -7.59 -6.00 -19.44
CA PHE A 298 -8.83 -5.29 -19.18
C PHE A 298 -8.53 -3.98 -18.46
N ALA A 299 -9.47 -3.07 -18.56
CA ALA A 299 -9.40 -1.79 -17.87
C ALA A 299 -10.75 -1.54 -17.20
N PHE A 300 -10.73 -0.68 -16.19
CA PHE A 300 -11.95 -0.34 -15.48
C PHE A 300 -11.86 1.10 -15.00
N GLY A 301 -13.01 1.66 -14.68
CA GLY A 301 -13.08 3.04 -14.20
C GLY A 301 -14.26 3.20 -13.28
N MET A 302 -14.11 4.07 -12.29
CA MET A 302 -15.14 4.27 -11.29
C MET A 302 -15.03 5.68 -10.71
N GLY A 303 -16.16 6.20 -10.24
CA GLY A 303 -16.20 7.50 -9.60
C GLY A 303 -16.04 7.35 -8.10
N MET A 304 -15.10 8.10 -7.53
CA MET A 304 -14.81 7.98 -6.11
C MET A 304 -15.93 8.55 -5.26
N GLU A 305 -16.50 9.69 -5.67
CA GLU A 305 -17.61 10.27 -4.92
C GLU A 305 -18.78 9.31 -4.83
N ARG A 306 -19.13 8.66 -5.95
CA ARG A 306 -20.27 7.76 -5.97
C ARG A 306 -20.07 6.60 -5.00
N LEU A 307 -18.91 5.95 -5.07
CA LEU A 307 -18.62 4.84 -4.15
C LEU A 307 -18.55 5.31 -2.71
N THR A 308 -18.05 6.53 -2.48
CA THR A 308 -18.03 7.07 -1.12
C THR A 308 -19.44 7.27 -0.58
N MET A 309 -20.36 7.74 -1.43
CA MET A 309 -21.75 7.90 -1.02
C MET A 309 -22.38 6.56 -0.63
N LEU A 310 -22.15 5.53 -1.44
CA LEU A 310 -22.73 4.22 -1.16
C LEU A 310 -22.09 3.57 0.07
N ARG A 311 -20.80 3.82 0.29
CA ARG A 311 -20.10 3.18 1.41
C ARG A 311 -20.50 3.78 2.75
N TYR A 312 -20.52 5.11 2.84
CA TYR A 312 -20.73 5.79 4.12
C TYR A 312 -22.11 6.43 4.25
N GLY A 313 -22.99 6.27 3.26
CA GLY A 313 -24.32 6.80 3.36
C GLY A 313 -24.43 8.30 3.19
N VAL A 314 -23.65 8.90 2.29
CA VAL A 314 -23.75 10.31 1.99
C VAL A 314 -24.81 10.50 0.92
N THR A 315 -25.80 11.36 1.20
CA THR A 315 -26.96 11.49 0.32
C THR A 315 -26.80 12.55 -0.75
N ASP A 316 -25.98 13.58 -0.51
CA ASP A 316 -25.80 14.67 -1.46
C ASP A 316 -24.33 14.79 -1.83
N LEU A 317 -24.05 14.77 -3.13
CA LEU A 317 -22.67 14.87 -3.61
C LEU A 317 -22.07 16.25 -3.34
N ARG A 318 -22.89 17.29 -3.19
CA ARG A 318 -22.36 18.63 -2.94
C ARG A 318 -21.59 18.69 -1.63
N SER A 319 -21.94 17.84 -0.66
CA SER A 319 -21.28 17.89 0.64
C SER A 319 -19.78 17.66 0.53
N PHE A 320 -19.34 16.92 -0.49
CA PHE A 320 -17.93 16.61 -0.65
C PHE A 320 -17.10 17.86 -0.90
N PHE A 321 -17.63 18.79 -1.70
CA PHE A 321 -16.88 19.97 -2.09
C PHE A 321 -17.32 21.24 -1.38
N GLU A 322 -18.32 21.17 -0.50
CA GLU A 322 -18.60 22.29 0.39
C GLU A 322 -17.63 22.33 1.55
N ASN A 323 -17.08 21.16 1.94
CA ASN A 323 -16.03 21.06 2.94
C ASN A 323 -16.47 21.66 4.28
N ASP A 324 -17.71 21.38 4.67
CA ASP A 324 -18.18 21.75 6.00
C ASP A 324 -17.45 20.91 7.05
N LEU A 325 -16.83 21.59 8.02
CA LEU A 325 -16.05 20.87 9.03
C LEU A 325 -16.92 19.88 9.81
N ARG A 326 -18.20 20.18 10.00
CA ARG A 326 -19.09 19.25 10.66
C ARG A 326 -19.32 18.00 9.83
N PHE A 327 -19.28 18.12 8.50
CA PHE A 327 -19.39 16.97 7.62
C PHE A 327 -18.08 16.19 7.54
N LEU A 328 -16.96 16.90 7.45
CA LEU A 328 -15.67 16.22 7.32
C LEU A 328 -15.26 15.54 8.62
N LYS A 329 -15.66 16.08 9.77
CA LYS A 329 -15.26 15.52 11.05
C LYS A 329 -15.80 14.11 11.25
N GLN A 330 -16.88 13.75 10.56
CA GLN A 330 -17.48 12.43 10.75
C GLN A 330 -16.61 11.31 10.19
N PHE A 331 -15.66 11.61 9.32
CA PHE A 331 -14.87 10.59 8.64
C PHE A 331 -13.46 10.45 9.22
N LYS A 332 -13.24 10.90 10.45
CA LYS A 332 -11.96 10.69 11.10
C LYS A 332 -11.75 9.20 11.39
N MET B 1 -33.56 8.42 -27.10
CA MET B 1 -34.49 7.60 -27.88
C MET B 1 -35.67 7.14 -27.03
N LYS B 2 -36.85 7.63 -27.35
CA LYS B 2 -38.09 7.21 -26.72
C LYS B 2 -38.89 6.36 -27.69
N PHE B 3 -39.62 5.38 -27.15
CA PHE B 3 -40.44 4.53 -28.00
C PHE B 3 -41.54 3.89 -27.16
N SER B 4 -42.66 3.61 -27.82
CA SER B 4 -43.78 2.95 -27.15
C SER B 4 -43.48 1.48 -26.96
N GLU B 5 -43.80 0.96 -25.77
CA GLU B 5 -43.57 -0.46 -25.51
C GLU B 5 -44.52 -1.33 -26.34
N LEU B 6 -45.79 -0.94 -26.43
CA LEU B 6 -46.74 -1.71 -27.23
C LEU B 6 -46.35 -1.72 -28.70
N TRP B 7 -45.85 -0.58 -29.21
CA TRP B 7 -45.39 -0.55 -30.59
C TRP B 7 -44.22 -1.50 -30.80
N LEU B 8 -43.27 -1.51 -29.87
CA LEU B 8 -42.16 -2.47 -29.97
C LEU B 8 -42.67 -3.90 -29.95
N ARG B 9 -43.71 -4.17 -29.17
CA ARG B 9 -44.25 -5.52 -29.06
C ARG B 9 -45.01 -5.95 -30.30
N GLU B 10 -45.30 -5.02 -31.23
CA GLU B 10 -45.86 -5.42 -32.51
C GLU B 10 -44.84 -6.13 -33.39
N TRP B 11 -43.55 -5.97 -33.08
CA TRP B 11 -42.47 -6.65 -33.79
C TRP B 11 -41.98 -7.89 -33.04
N VAL B 12 -41.82 -7.79 -31.73
CA VAL B 12 -41.45 -8.93 -30.90
C VAL B 12 -42.11 -8.76 -29.55
N ASN B 13 -42.90 -9.77 -29.14
CA ASN B 13 -43.70 -9.71 -27.91
C ASN B 13 -43.30 -10.86 -27.01
N PRO B 14 -42.17 -10.74 -26.30
CA PRO B 14 -41.79 -11.80 -25.37
C PRO B 14 -42.76 -11.87 -24.19
N ALA B 15 -42.88 -13.08 -23.63
CA ALA B 15 -43.86 -13.34 -22.57
C ALA B 15 -43.32 -12.86 -21.22
N ILE B 16 -43.06 -11.56 -21.14
CA ILE B 16 -42.58 -10.92 -19.92
C ILE B 16 -43.26 -9.57 -19.77
N ASP B 17 -43.30 -9.09 -18.53
CA ASP B 17 -43.97 -7.83 -18.24
C ASP B 17 -43.09 -6.65 -18.64
N SER B 18 -43.56 -5.44 -18.33
CA SER B 18 -42.85 -4.24 -18.77
C SER B 18 -41.52 -4.08 -18.05
N ASP B 19 -41.48 -4.40 -16.76
CA ASP B 19 -40.23 -4.26 -16.01
C ASP B 19 -39.16 -5.21 -16.54
N ALA B 20 -39.55 -6.44 -16.89
CA ALA B 20 -38.56 -7.39 -17.39
C ALA B 20 -38.09 -7.01 -18.79
N LEU B 21 -38.99 -6.49 -19.63
CA LEU B 21 -38.59 -6.07 -20.96
C LEU B 21 -37.62 -4.89 -20.90
N ALA B 22 -37.91 -3.90 -20.05
CA ALA B 22 -36.99 -2.78 -19.88
C ALA B 22 -35.63 -3.24 -19.38
N ASN B 23 -35.62 -4.16 -18.40
CA ASN B 23 -34.35 -4.71 -17.93
C ASN B 23 -33.67 -5.49 -19.03
N GLN B 24 -34.44 -6.20 -19.86
CA GLN B 24 -33.87 -6.90 -21.00
C GLN B 24 -33.21 -5.92 -21.96
N ILE B 25 -33.89 -4.82 -22.27
CA ILE B 25 -33.31 -3.79 -23.14
C ILE B 25 -32.03 -3.25 -22.53
N THR B 26 -32.01 -3.05 -21.22
CA THR B 26 -30.79 -2.59 -20.55
C THR B 26 -29.67 -3.61 -20.69
N MET B 27 -30.01 -4.90 -20.55
CA MET B 27 -29.01 -5.96 -20.66
C MET B 27 -28.51 -6.17 -22.09
N ALA B 28 -29.13 -5.53 -23.08
CA ALA B 28 -28.62 -5.59 -24.44
C ALA B 28 -27.53 -4.56 -24.72
N GLY B 29 -27.30 -3.64 -23.78
CA GLY B 29 -26.42 -2.52 -24.01
C GLY B 29 -27.13 -1.20 -24.24
N LEU B 30 -28.45 -1.16 -24.08
CA LEU B 30 -29.27 0.04 -24.29
C LEU B 30 -29.86 0.43 -22.94
N GLU B 31 -29.06 1.14 -22.15
CA GLU B 31 -29.44 1.45 -20.76
C GLU B 31 -30.73 2.26 -20.73
N VAL B 32 -31.72 1.75 -20.00
CA VAL B 32 -33.02 2.41 -19.91
C VAL B 32 -32.92 3.57 -18.92
N ASP B 33 -33.12 4.79 -19.43
CA ASP B 33 -33.09 5.96 -18.56
C ASP B 33 -34.39 6.12 -17.76
N GLY B 34 -35.52 5.70 -18.33
CA GLY B 34 -36.78 5.83 -17.65
C GLY B 34 -37.92 5.13 -18.35
N VAL B 35 -38.92 4.72 -17.58
CA VAL B 35 -40.15 4.12 -18.11
C VAL B 35 -41.30 4.94 -17.55
N GLU B 36 -42.05 5.59 -18.45
CA GLU B 36 -43.12 6.48 -18.02
C GLU B 36 -44.45 6.07 -18.64
N PRO B 37 -45.56 6.22 -17.91
CA PRO B 37 -46.86 5.88 -18.48
C PRO B 37 -47.23 6.81 -19.62
N VAL B 38 -48.01 6.26 -20.55
CA VAL B 38 -48.41 7.02 -21.73
C VAL B 38 -49.49 8.04 -21.40
N ALA B 39 -50.36 7.73 -20.44
CA ALA B 39 -51.43 8.63 -20.04
C ALA B 39 -51.54 8.63 -18.52
N GLY B 40 -52.39 9.50 -17.99
CA GLY B 40 -52.66 9.52 -16.58
C GLY B 40 -53.48 8.33 -16.15
N SER B 41 -53.64 8.20 -14.83
CA SER B 41 -54.41 7.11 -14.25
C SER B 41 -55.84 7.54 -14.03
N PHE B 42 -56.79 6.78 -14.57
CA PHE B 42 -58.20 7.09 -14.44
C PHE B 42 -59.01 5.86 -14.84
N HIS B 43 -60.32 5.96 -14.64
CA HIS B 43 -61.25 4.90 -15.04
C HIS B 43 -62.61 5.53 -15.30
N GLY B 44 -63.51 4.73 -15.88
CA GLY B 44 -64.86 5.19 -16.12
C GLY B 44 -65.04 6.09 -17.31
N VAL B 45 -64.06 6.14 -18.21
CA VAL B 45 -64.14 6.93 -19.43
C VAL B 45 -64.28 5.97 -20.61
N VAL B 46 -65.33 6.14 -21.40
CA VAL B 46 -65.62 5.26 -22.52
C VAL B 46 -65.81 6.10 -23.78
N VAL B 47 -65.94 5.41 -24.91
CA VAL B 47 -66.20 6.06 -26.18
C VAL B 47 -67.67 6.45 -26.27
N GLY B 48 -67.94 7.65 -26.80
CA GLY B 48 -69.29 8.09 -26.99
C GLY B 48 -69.44 8.80 -28.33
N GLU B 49 -70.69 9.07 -28.69
CA GLU B 49 -71.02 9.81 -29.90
C GLU B 49 -71.92 10.98 -29.54
N VAL B 50 -71.62 12.15 -30.11
CA VAL B 50 -72.45 13.33 -29.94
C VAL B 50 -73.64 13.18 -30.88
N VAL B 51 -74.77 12.70 -30.34
CA VAL B 51 -75.96 12.50 -31.16
C VAL B 51 -76.62 13.84 -31.49
N GLU B 52 -76.86 14.66 -30.47
CA GLU B 52 -77.46 15.98 -30.64
C GLU B 52 -76.56 17.04 -30.02
N CYS B 53 -76.50 18.20 -30.66
CA CYS B 53 -75.71 19.32 -30.17
C CYS B 53 -76.47 20.61 -30.43
N ALA B 54 -76.61 21.43 -29.39
CA ALA B 54 -77.39 22.66 -29.49
C ALA B 54 -76.78 23.73 -28.59
N GLN B 55 -77.14 24.97 -28.88
CA GLN B 55 -76.68 26.10 -28.08
C GLN B 55 -77.21 26.00 -26.65
N HIS B 56 -76.34 26.28 -25.68
CA HIS B 56 -76.77 26.37 -24.29
C HIS B 56 -77.71 27.55 -24.13
N PRO B 57 -78.92 27.36 -23.60
CA PRO B 57 -79.91 28.45 -23.59
C PRO B 57 -79.55 29.60 -22.68
N ASN B 58 -78.69 29.41 -21.68
CA ASN B 58 -78.38 30.46 -20.73
C ASN B 58 -76.88 30.75 -20.62
N ALA B 59 -76.06 30.10 -21.43
CA ALA B 59 -74.62 30.35 -21.45
C ALA B 59 -74.19 30.51 -22.90
N ASP B 60 -73.53 31.64 -23.20
CA ASP B 60 -73.32 32.04 -24.58
C ASP B 60 -72.38 31.07 -25.31
N LYS B 61 -71.27 30.70 -24.68
CA LYS B 61 -70.26 29.87 -25.32
C LYS B 61 -70.30 28.42 -24.87
N LEU B 62 -71.41 27.98 -24.27
CA LEU B 62 -71.59 26.59 -23.90
C LEU B 62 -72.58 25.92 -24.84
N ARG B 63 -72.66 24.59 -24.73
CA ARG B 63 -73.54 23.79 -25.57
C ARG B 63 -74.08 22.62 -24.76
N VAL B 64 -75.32 22.24 -25.07
CA VAL B 64 -75.95 21.06 -24.49
C VAL B 64 -75.92 19.95 -25.54
N THR B 65 -75.61 18.73 -25.10
CA THR B 65 -75.42 17.61 -26.01
C THR B 65 -76.14 16.37 -25.50
N LYS B 66 -76.60 15.55 -26.44
CA LYS B 66 -77.08 14.21 -26.17
C LYS B 66 -76.02 13.22 -26.65
N VAL B 67 -75.44 12.48 -25.71
CA VAL B 67 -74.29 11.63 -25.98
C VAL B 67 -74.69 10.17 -25.82
N ASN B 68 -74.35 9.35 -26.80
CA ASN B 68 -74.62 7.92 -26.79
C ASN B 68 -73.38 7.18 -26.33
N VAL B 69 -73.49 6.46 -25.21
CA VAL B 69 -72.40 5.64 -24.69
C VAL B 69 -72.79 4.16 -24.67
N GLY B 70 -73.78 3.77 -25.48
CA GLY B 70 -74.19 2.38 -25.54
C GLY B 70 -74.86 1.88 -24.28
N GLY B 71 -75.51 2.76 -23.53
CA GLY B 71 -76.17 2.38 -22.29
C GLY B 71 -77.67 2.28 -22.44
N ASP B 72 -78.36 2.44 -21.31
CA ASP B 72 -79.82 2.36 -21.32
C ASP B 72 -80.45 3.48 -22.13
N ARG B 73 -79.98 4.71 -21.94
CA ARG B 73 -80.49 5.86 -22.67
C ARG B 73 -79.37 6.88 -22.84
N LEU B 74 -79.60 7.83 -23.72
CA LEU B 74 -78.60 8.85 -24.03
C LEU B 74 -78.38 9.77 -22.84
N LEU B 75 -77.18 10.32 -22.74
CA LEU B 75 -76.78 11.16 -21.63
C LEU B 75 -76.85 12.63 -22.02
N ASP B 76 -77.30 13.46 -21.08
CA ASP B 76 -77.23 14.91 -21.24
C ASP B 76 -75.91 15.41 -20.67
N ILE B 77 -75.09 16.03 -21.52
CA ILE B 77 -73.78 16.52 -21.13
C ILE B 77 -73.59 17.92 -21.67
N VAL B 78 -73.15 18.84 -20.81
CA VAL B 78 -72.81 20.19 -21.21
C VAL B 78 -71.33 20.23 -21.58
N CYS B 79 -71.01 20.94 -22.66
CA CYS B 79 -69.64 21.07 -23.11
C CYS B 79 -69.39 22.47 -23.65
N GLY B 80 -68.21 23.01 -23.36
CA GLY B 80 -67.87 24.34 -23.79
C GLY B 80 -66.73 24.39 -24.78
N ALA B 81 -66.25 23.23 -25.20
CA ALA B 81 -65.15 23.19 -26.17
C ALA B 81 -65.64 23.74 -27.50
N PRO B 82 -64.86 24.60 -28.16
CA PRO B 82 -65.32 25.19 -29.43
C PRO B 82 -65.45 24.19 -30.57
N ASN B 83 -64.81 23.02 -30.47
CA ASN B 83 -64.90 22.01 -31.52
C ASN B 83 -66.04 21.03 -31.31
N CYS B 84 -66.78 21.13 -30.21
CA CYS B 84 -67.90 20.24 -29.96
C CYS B 84 -68.98 20.45 -31.01
N ARG B 85 -69.39 19.36 -31.67
CA ARG B 85 -70.37 19.44 -32.74
C ARG B 85 -71.07 18.09 -32.85
N GLN B 86 -72.12 18.07 -33.67
CA GLN B 86 -72.91 16.85 -33.84
C GLN B 86 -72.13 15.80 -34.61
N GLY B 87 -72.36 14.54 -34.26
CA GLY B 87 -71.73 13.41 -34.92
C GLY B 87 -70.33 13.10 -34.46
N LEU B 88 -69.80 13.85 -33.50
CA LEU B 88 -68.43 13.67 -33.04
C LEU B 88 -68.34 12.44 -32.15
N ARG B 89 -67.39 11.55 -32.45
CA ARG B 89 -67.06 10.44 -31.58
C ARG B 89 -66.01 10.92 -30.58
N VAL B 90 -66.34 10.84 -29.29
CA VAL B 90 -65.58 11.52 -28.26
C VAL B 90 -65.31 10.56 -27.10
N ALA B 91 -64.46 11.01 -26.18
CA ALA B 91 -64.18 10.30 -24.95
C ALA B 91 -65.07 10.86 -23.85
N VAL B 92 -65.88 10.01 -23.24
CA VAL B 92 -66.93 10.41 -22.31
C VAL B 92 -66.57 9.89 -20.93
N ALA B 93 -66.31 10.81 -20.00
CA ALA B 93 -66.11 10.46 -18.60
C ALA B 93 -67.48 10.35 -17.94
N THR B 94 -67.98 9.12 -17.82
CA THR B 94 -69.32 8.90 -17.31
C THR B 94 -69.38 9.21 -15.81
N ILE B 95 -70.60 9.14 -15.27
CA ILE B 95 -70.81 9.38 -13.85
C ILE B 95 -70.11 8.30 -13.04
N GLY B 96 -69.36 8.70 -12.02
CA GLY B 96 -68.57 7.80 -11.23
C GLY B 96 -67.11 7.70 -11.64
N ALA B 97 -66.76 8.26 -12.79
CA ALA B 97 -65.38 8.22 -13.26
C ALA B 97 -64.49 9.09 -12.36
N VAL B 98 -63.22 8.69 -12.24
CA VAL B 98 -62.24 9.39 -11.43
C VAL B 98 -61.09 9.78 -12.34
N LEU B 99 -61.00 11.07 -12.66
CA LEU B 99 -59.96 11.59 -13.54
C LEU B 99 -58.69 11.87 -12.74
N PRO B 100 -57.56 12.07 -13.42
CA PRO B 100 -56.31 12.35 -12.70
C PRO B 100 -56.45 13.49 -11.71
N GLY B 101 -55.89 13.30 -10.52
CA GLY B 101 -56.05 14.26 -9.44
C GLY B 101 -57.21 13.97 -8.51
N ASP B 102 -57.69 12.72 -8.47
CA ASP B 102 -58.85 12.34 -7.66
C ASP B 102 -60.05 13.23 -7.98
N PHE B 103 -60.24 13.52 -9.27
CA PHE B 103 -61.33 14.36 -9.73
C PHE B 103 -62.51 13.47 -10.04
N LYS B 104 -63.39 13.31 -9.05
CA LYS B 104 -64.55 12.44 -9.19
C LYS B 104 -65.63 13.11 -10.04
N ILE B 105 -66.18 12.35 -10.98
CA ILE B 105 -67.24 12.84 -11.86
C ILE B 105 -68.58 12.56 -11.21
N LYS B 106 -69.38 13.62 -11.04
CA LYS B 106 -70.71 13.51 -10.45
C LYS B 106 -71.71 14.22 -11.34
N ALA B 107 -72.95 13.75 -11.30
CA ALA B 107 -74.03 14.42 -12.01
C ALA B 107 -74.29 15.78 -11.38
N ALA B 108 -74.28 16.82 -12.20
CA ALA B 108 -74.47 18.18 -11.72
C ALA B 108 -75.05 19.04 -12.84
N LYS B 109 -75.41 20.27 -12.48
CA LYS B 109 -75.92 21.24 -13.43
C LYS B 109 -74.86 22.30 -13.67
N LEU B 110 -74.62 22.63 -14.94
CA LEU B 110 -73.66 23.65 -15.32
C LEU B 110 -74.43 24.77 -16.02
N ARG B 111 -74.46 25.95 -15.38
CA ARG B 111 -75.20 27.11 -15.86
C ARG B 111 -76.68 26.80 -16.09
N GLY B 112 -77.27 25.97 -15.22
CA GLY B 112 -78.67 25.67 -15.28
C GLY B 112 -79.03 24.39 -16.01
N GLU B 113 -78.16 23.89 -16.87
CA GLU B 113 -78.51 22.70 -17.63
C GLU B 113 -77.86 21.45 -17.03
N PRO B 114 -78.54 20.31 -17.05
CA PRO B 114 -77.97 19.10 -16.45
C PRO B 114 -76.85 18.54 -17.28
N SER B 115 -75.88 17.93 -16.60
CA SER B 115 -74.73 17.32 -17.25
C SER B 115 -74.43 16.00 -16.56
N GLU B 116 -74.55 14.90 -17.30
CA GLU B 116 -74.28 13.56 -16.78
C GLU B 116 -72.92 13.06 -17.25
N GLY B 117 -71.88 13.84 -16.98
CA GLY B 117 -70.52 13.52 -17.36
C GLY B 117 -69.87 14.71 -18.03
N MET B 118 -68.79 14.46 -18.75
CA MET B 118 -68.08 15.51 -19.46
C MET B 118 -67.32 14.91 -20.63
N LEU B 119 -67.16 15.72 -21.68
CA LEU B 119 -66.35 15.34 -22.82
C LEU B 119 -64.91 15.79 -22.59
N CYS B 120 -63.98 14.84 -22.69
CA CYS B 120 -62.63 15.06 -22.22
C CYS B 120 -61.70 15.54 -23.34
N SER B 121 -60.70 16.32 -22.94
CA SER B 121 -59.58 16.68 -23.80
C SER B 121 -58.40 15.77 -23.51
N PHE B 122 -57.36 15.87 -24.35
CA PHE B 122 -56.15 15.11 -24.11
C PHE B 122 -55.48 15.53 -22.81
N SER B 123 -55.53 16.83 -22.49
CA SER B 123 -54.91 17.32 -21.26
C SER B 123 -55.64 16.80 -20.03
N GLU B 124 -56.97 16.69 -20.10
CA GLU B 124 -57.74 16.21 -18.96
C GLU B 124 -57.54 14.73 -18.70
N LEU B 125 -57.12 13.96 -19.70
CA LEU B 125 -56.79 12.56 -19.50
C LEU B 125 -55.30 12.34 -19.27
N GLY B 126 -54.53 13.42 -19.12
CA GLY B 126 -53.10 13.30 -18.93
C GLY B 126 -52.36 12.72 -20.12
N ILE B 127 -52.86 12.94 -21.33
CA ILE B 127 -52.27 12.37 -22.53
C ILE B 127 -51.31 13.34 -23.20
N SER B 128 -51.67 14.61 -23.29
CA SER B 128 -50.86 15.59 -23.99
C SER B 128 -51.11 16.97 -23.40
N ASP B 129 -50.49 17.98 -24.02
CA ASP B 129 -50.67 19.37 -23.64
C ASP B 129 -51.88 20.01 -24.32
N ASP B 130 -52.58 19.28 -25.18
CA ASP B 130 -53.66 19.84 -25.98
C ASP B 130 -54.89 20.04 -25.10
N HIS B 131 -55.25 21.30 -24.86
CA HIS B 131 -56.52 21.64 -24.21
C HIS B 131 -57.32 22.62 -25.06
N SER B 132 -57.06 22.67 -26.36
CA SER B 132 -57.80 23.58 -27.24
C SER B 132 -59.23 23.11 -27.45
N GLY B 133 -59.48 21.81 -27.33
CA GLY B 133 -60.82 21.30 -27.49
C GLY B 133 -60.90 19.86 -26.98
N ILE B 134 -62.04 19.23 -27.25
CA ILE B 134 -62.24 17.86 -26.82
C ILE B 134 -61.59 16.90 -27.81
N ILE B 135 -61.41 15.65 -27.36
CA ILE B 135 -60.80 14.63 -28.20
C ILE B 135 -61.76 14.23 -29.31
N GLU B 136 -61.26 14.20 -30.54
CA GLU B 136 -62.03 13.77 -31.71
C GLU B 136 -61.54 12.38 -32.12
N LEU B 137 -62.38 11.37 -31.93
CA LEU B 137 -62.07 10.01 -32.31
C LEU B 137 -62.49 9.74 -33.75
N PRO B 138 -61.91 8.74 -34.40
CA PRO B 138 -62.35 8.36 -35.74
C PRO B 138 -63.81 7.96 -35.76
N ALA B 139 -64.39 7.99 -36.97
CA ALA B 139 -65.83 7.79 -37.12
C ALA B 139 -66.27 6.37 -36.74
N ASP B 140 -65.37 5.40 -36.76
CA ASP B 140 -65.71 4.02 -36.45
C ASP B 140 -65.31 3.62 -35.04
N ALA B 141 -65.22 4.58 -34.12
CA ALA B 141 -64.82 4.28 -32.76
C ALA B 141 -65.91 3.45 -32.06
N PRO B 142 -65.55 2.36 -31.39
CA PRO B 142 -66.59 1.50 -30.78
C PRO B 142 -67.26 2.14 -29.58
N ILE B 143 -68.55 2.46 -29.72
CA ILE B 143 -69.29 3.10 -28.64
C ILE B 143 -69.33 2.18 -27.43
N GLY B 144 -69.12 2.77 -26.24
CA GLY B 144 -69.14 2.03 -25.00
C GLY B 144 -67.83 1.38 -24.62
N THR B 145 -66.84 1.40 -25.50
CA THR B 145 -65.55 0.79 -25.21
C THR B 145 -64.68 1.73 -24.39
N ASP B 146 -64.00 1.18 -23.40
CA ASP B 146 -63.04 1.95 -22.62
C ASP B 146 -61.99 2.55 -23.54
N ILE B 147 -61.81 3.87 -23.48
CA ILE B 147 -60.81 4.52 -24.31
C ILE B 147 -59.41 4.06 -23.94
N ARG B 148 -59.22 3.56 -22.72
CA ARG B 148 -57.93 2.97 -22.36
C ARG B 148 -57.62 1.75 -23.21
N GLU B 149 -58.65 0.98 -23.57
CA GLU B 149 -58.46 -0.15 -24.47
C GLU B 149 -58.46 0.28 -25.93
N TYR B 150 -59.32 1.24 -26.29
CA TYR B 150 -59.40 1.67 -27.67
C TYR B 150 -58.19 2.50 -28.07
N LEU B 151 -57.72 3.38 -27.20
CA LEU B 151 -56.55 4.19 -27.47
C LEU B 151 -55.26 3.55 -26.96
N LYS B 152 -55.34 2.37 -26.33
CA LYS B 152 -54.17 1.65 -25.85
C LYS B 152 -53.37 2.50 -24.86
N LEU B 153 -54.09 3.11 -23.92
CA LEU B 153 -53.45 4.00 -22.95
C LEU B 153 -52.71 3.26 -21.85
N ASP B 154 -52.93 1.94 -21.71
CA ASP B 154 -52.12 1.13 -20.79
C ASP B 154 -50.79 0.77 -21.46
N ASP B 155 -50.01 1.81 -21.74
CA ASP B 155 -48.77 1.69 -22.48
C ASP B 155 -47.71 2.53 -21.79
N ASN B 156 -46.45 2.21 -22.08
CA ASN B 156 -45.31 2.89 -21.50
C ASN B 156 -44.43 3.48 -22.58
N THR B 157 -43.87 4.65 -22.31
CA THR B 157 -42.79 5.21 -23.13
C THR B 157 -41.48 4.83 -22.48
N ILE B 158 -40.64 4.11 -23.22
CA ILE B 158 -39.35 3.64 -22.72
C ILE B 158 -38.27 4.53 -23.31
N GLU B 159 -37.46 5.13 -22.45
CA GLU B 159 -36.34 5.96 -22.86
C GLU B 159 -35.05 5.20 -22.65
N ILE B 160 -34.23 5.12 -23.69
CA ILE B 160 -32.95 4.42 -23.64
C ILE B 160 -31.85 5.36 -24.09
N SER B 161 -30.67 5.17 -23.50
CA SER B 161 -29.46 5.83 -23.97
C SER B 161 -28.78 4.90 -24.99
N VAL B 162 -28.56 5.41 -26.20
CA VAL B 162 -28.02 4.62 -27.29
C VAL B 162 -26.60 5.08 -27.54
N THR B 163 -25.63 4.22 -27.20
CA THR B 163 -24.24 4.54 -27.48
C THR B 163 -23.99 4.55 -28.98
N PRO B 164 -22.98 5.29 -29.45
CA PRO B 164 -22.82 5.48 -30.90
C PRO B 164 -22.51 4.21 -31.68
N ASN B 165 -22.04 3.14 -31.02
CA ASN B 165 -21.78 1.90 -31.73
C ASN B 165 -23.07 1.26 -32.24
N ARG B 166 -24.15 1.36 -31.47
CA ARG B 166 -25.43 0.78 -31.88
C ARG B 166 -26.23 1.78 -32.72
N ALA B 167 -25.68 2.10 -33.89
CA ALA B 167 -26.35 2.99 -34.81
C ALA B 167 -27.66 2.40 -35.33
N ASP B 168 -27.82 1.08 -35.27
CA ASP B 168 -29.02 0.43 -35.75
C ASP B 168 -30.17 0.50 -34.74
N CYS B 169 -29.88 0.83 -33.49
CA CYS B 169 -30.91 0.90 -32.45
C CYS B 169 -31.51 2.30 -32.31
N LEU B 170 -31.66 3.04 -33.42
CA LEU B 170 -32.30 4.34 -33.42
C LEU B 170 -33.64 4.30 -34.15
N GLY B 171 -34.29 3.15 -34.14
CA GLY B 171 -35.62 2.99 -34.70
C GLY B 171 -36.27 1.78 -34.07
N ILE B 172 -37.58 1.66 -34.28
CA ILE B 172 -38.33 0.56 -33.69
C ILE B 172 -37.79 -0.78 -34.16
N ILE B 173 -37.53 -0.91 -35.47
CA ILE B 173 -37.10 -2.18 -36.02
C ILE B 173 -35.76 -2.61 -35.42
N GLY B 174 -34.85 -1.64 -35.22
CA GLY B 174 -33.53 -1.98 -34.71
C GLY B 174 -33.56 -2.43 -33.26
N VAL B 175 -34.29 -1.70 -32.42
CA VAL B 175 -34.42 -2.10 -31.01
C VAL B 175 -35.13 -3.43 -30.90
N ALA B 176 -36.18 -3.62 -31.71
CA ALA B 176 -36.93 -4.87 -31.66
C ALA B 176 -36.10 -6.05 -32.16
N ARG B 177 -35.26 -5.82 -33.18
CA ARG B 177 -34.41 -6.89 -33.70
C ARG B 177 -33.46 -7.38 -32.62
N ASP B 178 -32.87 -6.46 -31.86
CA ASP B 178 -31.97 -6.86 -30.79
C ASP B 178 -32.70 -7.60 -29.68
N VAL B 179 -33.89 -7.11 -29.31
CA VAL B 179 -34.69 -7.79 -28.30
C VAL B 179 -35.08 -9.18 -28.78
N ALA B 180 -35.36 -9.33 -30.08
CA ALA B 180 -35.74 -10.64 -30.62
C ALA B 180 -34.58 -11.61 -30.55
N VAL B 181 -33.36 -11.15 -30.82
CA VAL B 181 -32.19 -12.03 -30.72
C VAL B 181 -32.02 -12.54 -29.30
N LEU B 182 -32.16 -11.65 -28.31
CA LEU B 182 -31.93 -12.06 -26.93
C LEU B 182 -32.99 -13.04 -26.45
N ASN B 183 -34.18 -13.02 -27.06
CA ASN B 183 -35.26 -13.93 -26.72
C ASN B 183 -35.34 -15.14 -27.65
N GLN B 184 -34.44 -15.24 -28.62
CA GLN B 184 -34.48 -16.30 -29.64
C GLN B 184 -35.86 -16.35 -30.31
N LEU B 185 -36.44 -15.18 -30.53
CA LEU B 185 -37.74 -15.03 -31.16
C LEU B 185 -37.59 -14.45 -32.56
N PRO B 186 -38.48 -14.81 -33.48
CA PRO B 186 -38.44 -14.20 -34.81
C PRO B 186 -39.02 -12.80 -34.79
N LEU B 187 -38.45 -11.94 -35.63
CA LEU B 187 -38.89 -10.56 -35.74
C LEU B 187 -40.11 -10.49 -36.65
N VAL B 188 -41.23 -10.01 -36.12
CA VAL B 188 -42.46 -9.83 -36.89
C VAL B 188 -42.40 -8.46 -37.56
N GLN B 189 -42.39 -8.46 -38.89
CA GLN B 189 -42.26 -7.21 -39.62
C GLN B 189 -43.55 -6.88 -40.37
N PRO B 190 -43.92 -5.61 -40.47
CA PRO B 190 -45.13 -5.25 -41.20
C PRO B 190 -44.95 -5.48 -42.69
N GLU B 191 -46.07 -5.81 -43.35
CA GLU B 191 -46.07 -6.02 -44.79
C GLU B 191 -46.05 -4.66 -45.48
N ILE B 192 -44.89 -4.29 -46.00
CA ILE B 192 -44.70 -3.02 -46.70
C ILE B 192 -44.69 -3.33 -48.19
N VAL B 193 -45.85 -3.15 -48.84
CA VAL B 193 -46.00 -3.45 -50.25
C VAL B 193 -45.60 -2.23 -51.07
N PRO B 194 -44.76 -2.39 -52.10
CA PRO B 194 -44.40 -1.23 -52.93
C PRO B 194 -45.62 -0.61 -53.59
N VAL B 195 -45.68 0.71 -53.56
CA VAL B 195 -46.81 1.44 -54.13
C VAL B 195 -46.63 1.53 -55.64
N GLY B 196 -47.60 1.02 -56.39
CA GLY B 196 -47.53 1.09 -57.84
C GLY B 196 -47.74 2.51 -58.31
N ALA B 197 -46.85 2.98 -59.18
CA ALA B 197 -46.96 4.34 -59.71
C ALA B 197 -48.08 4.42 -60.74
N THR B 198 -48.84 5.51 -60.69
CA THR B 198 -49.92 5.76 -61.64
C THR B 198 -49.63 6.90 -62.59
N ILE B 199 -48.62 7.72 -62.32
CA ILE B 199 -48.23 8.81 -63.20
C ILE B 199 -46.74 8.68 -63.50
N ASP B 200 -46.34 9.19 -64.66
CA ASP B 200 -44.96 9.13 -65.09
C ASP B 200 -44.17 10.39 -64.72
N ASP B 201 -44.64 11.15 -63.73
CA ASP B 201 -43.96 12.38 -63.33
C ASP B 201 -42.62 12.04 -62.70
N THR B 202 -41.57 12.73 -63.16
CA THR B 202 -40.23 12.59 -62.62
C THR B 202 -39.57 13.97 -62.63
N LEU B 203 -38.28 14.00 -62.29
CA LEU B 203 -37.48 15.20 -62.37
C LEU B 203 -36.02 14.80 -62.34
N PRO B 204 -35.14 15.54 -63.01
CA PRO B 204 -33.72 15.15 -63.04
C PRO B 204 -33.09 15.24 -61.66
N ILE B 205 -32.30 14.23 -61.33
CA ILE B 205 -31.56 14.16 -60.07
C ILE B 205 -30.13 13.76 -60.40
N THR B 206 -29.19 14.66 -60.15
CA THR B 206 -27.78 14.42 -60.38
C THR B 206 -27.02 14.58 -59.08
N VAL B 207 -26.18 13.60 -58.75
CA VAL B 207 -25.38 13.61 -57.53
C VAL B 207 -23.95 13.93 -57.92
N GLU B 208 -23.47 15.10 -57.49
CA GLU B 208 -22.09 15.51 -57.77
C GLU B 208 -21.09 14.98 -56.75
N ALA B 209 -21.56 14.58 -55.56
CA ALA B 209 -20.71 14.00 -54.52
C ALA B 209 -21.23 12.60 -54.22
N PRO B 210 -20.90 11.62 -55.06
CA PRO B 210 -21.37 10.24 -54.79
C PRO B 210 -20.73 9.61 -53.58
N GLU B 211 -19.55 10.07 -53.16
CA GLU B 211 -18.95 9.55 -51.94
C GLU B 211 -19.72 9.97 -50.69
N ALA B 212 -20.35 11.15 -50.73
CA ALA B 212 -21.14 11.62 -49.61
C ALA B 212 -22.56 11.07 -49.64
N CYS B 213 -23.10 10.83 -50.84
CA CYS B 213 -24.45 10.30 -51.01
C CYS B 213 -24.42 9.16 -52.02
N PRO B 214 -24.07 7.95 -51.57
CA PRO B 214 -24.06 6.81 -52.50
C PRO B 214 -25.44 6.41 -53.00
N ARG B 215 -26.51 6.87 -52.36
CA ARG B 215 -27.85 6.51 -52.79
C ARG B 215 -28.83 7.62 -52.42
N TYR B 216 -29.57 8.10 -53.41
CA TYR B 216 -30.59 9.14 -53.22
C TYR B 216 -31.84 8.71 -53.96
N LEU B 217 -32.95 8.56 -53.24
CA LEU B 217 -34.23 8.16 -53.82
C LEU B 217 -35.17 9.36 -53.81
N GLY B 218 -35.60 9.77 -54.99
CA GLY B 218 -36.61 10.82 -55.14
C GLY B 218 -37.90 10.22 -55.66
N ARG B 219 -39.02 10.84 -55.30
CA ARG B 219 -40.32 10.38 -55.76
C ARG B 219 -41.32 11.52 -55.60
N VAL B 220 -42.02 11.85 -56.67
CA VAL B 220 -42.98 12.95 -56.66
C VAL B 220 -44.36 12.40 -56.35
N VAL B 221 -45.09 13.11 -55.48
CA VAL B 221 -46.48 12.81 -55.16
C VAL B 221 -47.29 14.04 -55.52
N LYS B 222 -48.16 13.91 -56.50
CA LYS B 222 -48.91 15.04 -57.05
C LYS B 222 -50.31 15.11 -56.44
N GLY B 223 -50.73 16.33 -56.12
CA GLY B 223 -52.10 16.58 -55.69
C GLY B 223 -52.45 16.03 -54.31
N ILE B 224 -51.68 16.42 -53.30
CA ILE B 224 -51.92 15.97 -51.94
C ILE B 224 -52.57 17.10 -51.16
N ASN B 225 -53.20 16.74 -50.05
CA ASN B 225 -53.86 17.70 -49.17
C ASN B 225 -52.97 17.88 -47.94
N VAL B 226 -52.16 18.93 -47.94
CA VAL B 226 -51.25 19.18 -46.83
C VAL B 226 -51.99 19.50 -45.55
N LYS B 227 -53.25 19.95 -45.64
CA LYS B 227 -54.05 20.26 -44.47
C LYS B 227 -54.82 19.06 -43.94
N ALA B 228 -54.65 17.88 -44.54
CA ALA B 228 -55.34 16.69 -44.07
C ALA B 228 -54.87 16.35 -42.66
N PRO B 229 -55.80 15.96 -41.77
CA PRO B 229 -55.40 15.67 -40.39
C PRO B 229 -54.67 14.34 -40.29
N THR B 230 -53.64 14.33 -39.45
CA THR B 230 -52.93 13.10 -39.18
C THR B 230 -53.83 12.16 -38.38
N PRO B 231 -53.98 10.90 -38.78
CA PRO B 231 -54.81 9.96 -38.01
C PRO B 231 -54.29 9.81 -36.59
N LEU B 232 -55.22 9.50 -35.69
CA LEU B 232 -54.89 9.47 -34.27
C LEU B 232 -53.87 8.38 -33.95
N TRP B 233 -53.87 7.28 -34.70
CA TRP B 233 -52.92 6.20 -34.42
C TRP B 233 -51.49 6.66 -34.70
N MET B 234 -51.30 7.48 -35.73
CA MET B 234 -49.96 7.96 -36.06
C MET B 234 -49.53 9.08 -35.11
N LYS B 235 -50.46 9.92 -34.67
CA LYS B 235 -50.10 10.97 -33.71
C LYS B 235 -49.64 10.38 -32.39
N GLU B 236 -50.28 9.29 -31.95
CA GLU B 236 -49.91 8.68 -30.68
C GLU B 236 -48.53 8.01 -30.77
N LYS B 237 -48.30 7.23 -31.83
CA LYS B 237 -46.99 6.60 -32.00
C LYS B 237 -45.88 7.65 -32.11
N LEU B 238 -46.17 8.80 -32.70
CA LEU B 238 -45.20 9.90 -32.70
C LEU B 238 -45.00 10.46 -31.31
N ARG B 239 -46.09 10.67 -30.56
CA ARG B 239 -45.99 11.28 -29.25
C ARG B 239 -45.32 10.35 -28.25
N ARG B 240 -45.70 9.08 -28.25
CA ARG B 240 -45.09 8.12 -27.34
C ARG B 240 -43.62 7.87 -27.63
N CYS B 241 -43.11 8.35 -28.76
CA CYS B 241 -41.69 8.35 -29.06
C CYS B 241 -41.06 9.72 -28.86
N GLY B 242 -41.79 10.67 -28.30
CA GLY B 242 -41.22 11.96 -27.98
C GLY B 242 -41.24 12.98 -29.10
N ILE B 243 -42.07 12.78 -30.12
CA ILE B 243 -42.16 13.68 -31.26
C ILE B 243 -43.57 14.24 -31.32
N ARG B 244 -43.68 15.56 -31.44
CA ARG B 244 -44.97 16.21 -31.56
C ARG B 244 -45.50 16.13 -32.99
N SER B 245 -46.82 16.06 -33.12
CA SER B 245 -47.47 16.07 -34.41
C SER B 245 -47.58 17.51 -34.91
N ILE B 246 -47.00 17.77 -36.08
CA ILE B 246 -47.05 19.11 -36.68
C ILE B 246 -48.07 19.12 -37.80
N ASP B 247 -47.66 18.71 -39.00
CA ASP B 247 -48.55 18.56 -40.14
C ASP B 247 -48.41 17.15 -40.69
N ALA B 248 -49.37 16.76 -41.53
CA ALA B 248 -49.47 15.37 -41.97
C ALA B 248 -48.22 14.91 -42.70
N VAL B 249 -47.60 15.80 -43.47
CA VAL B 249 -46.47 15.39 -44.31
C VAL B 249 -45.24 15.10 -43.44
N VAL B 250 -44.88 16.03 -42.57
CA VAL B 250 -43.72 15.81 -41.71
C VAL B 250 -44.01 14.72 -40.68
N ASP B 251 -45.28 14.52 -40.34
CA ASP B 251 -45.62 13.42 -39.43
C ASP B 251 -45.40 12.07 -40.08
N VAL B 252 -45.60 11.97 -41.39
CA VAL B 252 -45.31 10.73 -42.12
C VAL B 252 -43.80 10.47 -42.13
N THR B 253 -43.02 11.50 -42.46
CA THR B 253 -41.57 11.34 -42.49
C THR B 253 -41.03 11.02 -41.11
N ASN B 254 -41.61 11.62 -40.06
CA ASN B 254 -41.16 11.31 -38.71
C ASN B 254 -41.60 9.93 -38.27
N TYR B 255 -42.72 9.43 -38.80
CA TYR B 255 -43.17 8.09 -38.43
C TYR B 255 -42.22 7.02 -38.96
N VAL B 256 -41.75 7.18 -40.20
CA VAL B 256 -40.85 6.18 -40.77
C VAL B 256 -39.48 6.26 -40.09
N LEU B 257 -39.04 7.46 -39.73
CA LEU B 257 -37.81 7.60 -38.97
C LEU B 257 -37.89 6.83 -37.66
N LEU B 258 -39.05 6.88 -36.99
CA LEU B 258 -39.21 6.15 -35.74
C LEU B 258 -39.37 4.66 -36.01
N GLU B 259 -40.09 4.29 -37.07
CA GLU B 259 -40.38 2.88 -37.32
C GLU B 259 -39.15 2.14 -37.84
N LEU B 260 -38.46 2.73 -38.82
CA LEU B 260 -37.37 2.06 -39.50
C LEU B 260 -36.00 2.65 -39.20
N GLY B 261 -35.93 3.83 -38.60
CA GLY B 261 -34.66 4.49 -38.40
C GLY B 261 -34.17 5.30 -39.59
N GLN B 262 -34.98 5.40 -40.65
CA GLN B 262 -34.57 6.10 -41.85
C GLN B 262 -35.09 7.52 -41.84
N PRO B 263 -34.22 8.54 -41.80
CA PRO B 263 -34.70 9.91 -41.94
C PRO B 263 -35.19 10.17 -43.36
N MET B 264 -36.23 11.01 -43.47
CA MET B 264 -36.77 11.39 -44.77
C MET B 264 -37.21 12.84 -44.72
N HIS B 265 -37.26 13.44 -45.90
CA HIS B 265 -37.60 14.86 -46.05
C HIS B 265 -38.56 15.02 -47.22
N ALA B 266 -39.34 16.09 -47.18
CA ALA B 266 -40.30 16.40 -48.24
C ALA B 266 -40.04 17.81 -48.74
N PHE B 267 -39.86 17.95 -50.05
CA PHE B 267 -39.70 19.24 -50.69
C PHE B 267 -41.00 19.67 -51.35
N ASP B 268 -41.11 20.97 -51.62
CA ASP B 268 -42.17 21.48 -52.47
C ASP B 268 -41.73 21.32 -53.93
N LYS B 269 -42.36 20.40 -54.65
CA LYS B 269 -41.94 20.13 -56.01
C LYS B 269 -42.05 21.35 -56.90
N ASP B 270 -43.06 22.20 -56.65
CA ASP B 270 -43.25 23.42 -57.42
C ASP B 270 -42.29 24.53 -57.02
N ARG B 271 -41.47 24.31 -55.99
CA ARG B 271 -40.44 25.26 -55.58
C ARG B 271 -39.04 24.84 -55.99
N ILE B 272 -38.91 23.71 -56.68
CA ILE B 272 -37.62 23.21 -57.15
C ILE B 272 -37.43 23.68 -58.58
N GLU B 273 -36.36 24.44 -58.82
CA GLU B 273 -36.09 25.01 -60.13
C GLU B 273 -35.21 24.05 -60.92
N GLY B 274 -35.77 23.46 -61.97
CA GLY B 274 -35.05 22.53 -62.80
C GLY B 274 -35.06 21.12 -62.28
N GLY B 275 -34.08 20.78 -61.43
CA GLY B 275 -34.01 19.47 -60.82
C GLY B 275 -33.34 19.53 -59.46
N ILE B 276 -33.02 18.36 -58.91
CA ILE B 276 -32.32 18.26 -57.63
C ILE B 276 -30.88 17.86 -57.90
N VAL B 277 -29.94 18.60 -57.33
CA VAL B 277 -28.52 18.28 -57.42
C VAL B 277 -27.98 18.07 -56.00
N VAL B 278 -27.52 16.85 -55.73
CA VAL B 278 -26.89 16.52 -54.45
C VAL B 278 -25.41 16.79 -54.62
N ARG B 279 -24.93 17.92 -54.10
CA ARG B 279 -23.57 18.36 -54.31
C ARG B 279 -23.00 18.91 -53.01
N MET B 280 -21.69 19.15 -53.02
CA MET B 280 -21.04 19.84 -51.92
C MET B 280 -21.35 21.33 -52.00
N ALA B 281 -21.45 21.95 -50.83
CA ALA B 281 -21.68 23.38 -50.78
C ALA B 281 -20.44 24.14 -51.23
N LYS B 282 -20.67 25.30 -51.84
CA LYS B 282 -19.56 26.20 -52.14
C LYS B 282 -19.15 26.94 -50.88
N GLU B 283 -17.86 27.24 -50.78
CA GLU B 283 -17.32 27.89 -49.59
C GLU B 283 -17.95 29.26 -49.38
N GLY B 284 -18.77 29.40 -48.34
CA GLY B 284 -19.47 30.62 -48.06
C GLY B 284 -20.92 30.65 -48.52
N GLU B 285 -21.39 29.60 -49.18
CA GLU B 285 -22.76 29.56 -49.67
C GLU B 285 -23.74 29.64 -48.49
N THR B 286 -24.69 30.57 -48.61
CA THR B 286 -25.63 30.85 -47.54
C THR B 286 -26.93 30.08 -47.74
N LEU B 287 -27.57 29.72 -46.63
CA LEU B 287 -28.82 28.99 -46.67
C LEU B 287 -29.68 29.39 -45.48
N VAL B 288 -30.91 29.81 -45.76
CA VAL B 288 -31.85 30.16 -44.70
C VAL B 288 -32.55 28.87 -44.25
N LEU B 289 -32.23 28.43 -43.05
CA LEU B 289 -32.76 27.16 -42.55
C LEU B 289 -34.25 27.30 -42.22
N LEU B 290 -34.87 26.16 -41.93
CA LEU B 290 -36.30 26.13 -41.63
C LEU B 290 -36.66 26.96 -40.41
N ASP B 291 -35.70 27.19 -39.50
CA ASP B 291 -35.96 27.98 -38.30
C ASP B 291 -35.77 29.47 -38.52
N GLY B 292 -35.71 29.93 -39.77
CA GLY B 292 -35.60 31.34 -40.08
C GLY B 292 -34.21 31.93 -39.99
N THR B 293 -33.23 31.17 -39.49
CA THR B 293 -31.86 31.66 -39.39
C THR B 293 -31.06 31.24 -40.61
N GLU B 294 -29.97 31.97 -40.86
CA GLU B 294 -29.11 31.73 -42.01
C GLU B 294 -27.85 30.97 -41.59
N ALA B 295 -27.39 30.08 -42.45
CA ALA B 295 -26.18 29.30 -42.22
C ALA B 295 -25.14 29.65 -43.28
N LYS B 296 -23.92 29.96 -42.82
CA LYS B 296 -22.79 30.23 -43.70
C LYS B 296 -22.01 28.93 -43.83
N LEU B 297 -22.26 28.20 -44.92
CA LEU B 297 -21.75 26.85 -45.07
C LEU B 297 -20.32 26.85 -45.60
N ASN B 298 -19.62 25.75 -45.34
CA ASN B 298 -18.28 25.53 -45.85
C ASN B 298 -18.31 24.53 -47.01
N ALA B 299 -17.15 24.36 -47.64
CA ALA B 299 -17.05 23.48 -48.80
C ALA B 299 -17.15 22.00 -48.43
N ASP B 300 -17.05 21.65 -47.16
CA ASP B 300 -17.09 20.27 -46.72
C ASP B 300 -18.49 19.82 -46.28
N THR B 301 -19.50 20.65 -46.51
CA THR B 301 -20.86 20.36 -46.08
C THR B 301 -21.71 19.98 -47.28
N LEU B 302 -22.38 18.84 -47.19
CA LEU B 302 -23.25 18.36 -48.26
C LEU B 302 -24.58 19.11 -48.22
N VAL B 303 -25.05 19.53 -49.39
CA VAL B 303 -26.29 20.27 -49.50
C VAL B 303 -27.17 19.63 -50.56
N ILE B 304 -28.47 19.69 -50.34
CA ILE B 304 -29.48 19.33 -51.33
C ILE B 304 -29.91 20.62 -52.01
N ALA B 305 -29.53 20.79 -53.27
CA ALA B 305 -29.75 22.03 -53.99
C ALA B 305 -30.49 21.76 -55.29
N ASP B 306 -30.83 22.83 -56.00
CA ASP B 306 -31.40 22.74 -57.34
C ASP B 306 -30.42 23.39 -58.33
N HIS B 307 -30.89 23.63 -59.54
CA HIS B 307 -30.03 24.19 -60.58
C HIS B 307 -29.60 25.63 -60.31
N ASN B 308 -30.16 26.27 -59.29
CA ASN B 308 -29.85 27.67 -59.03
C ASN B 308 -29.48 27.96 -57.59
N LYS B 309 -30.15 27.34 -56.63
CA LYS B 309 -30.02 27.70 -55.22
C LYS B 309 -29.89 26.45 -54.36
N ALA B 310 -29.44 26.65 -53.13
CA ALA B 310 -29.40 25.58 -52.13
C ALA B 310 -30.74 25.48 -51.42
N LEU B 311 -31.17 24.25 -51.16
CA LEU B 311 -32.48 24.01 -50.58
C LEU B 311 -32.45 23.49 -49.15
N ALA B 312 -31.44 22.71 -48.77
CA ALA B 312 -31.38 22.16 -47.43
C ALA B 312 -29.97 21.64 -47.16
N MET B 313 -29.66 21.49 -45.87
CA MET B 313 -28.42 20.84 -45.46
C MET B 313 -28.62 19.33 -45.52
N GLY B 314 -27.77 18.66 -46.31
CA GLY B 314 -27.91 17.23 -46.54
C GLY B 314 -27.95 16.38 -45.28
N GLY B 315 -29.11 15.78 -45.01
CA GLY B 315 -29.24 14.89 -43.88
C GLY B 315 -29.18 15.55 -42.52
N ILE B 316 -29.38 16.87 -42.45
CA ILE B 316 -29.28 17.58 -41.18
C ILE B 316 -30.55 18.39 -40.93
N PHE B 317 -30.75 19.46 -41.69
CA PHE B 317 -31.85 20.38 -41.45
C PHE B 317 -32.42 20.87 -42.78
N GLY B 318 -33.75 21.04 -42.82
CA GLY B 318 -34.39 21.52 -44.02
C GLY B 318 -34.33 23.03 -44.14
N GLY B 319 -34.57 23.50 -45.37
CA GLY B 319 -34.57 24.93 -45.63
C GLY B 319 -35.93 25.57 -45.45
N GLU B 320 -35.92 26.90 -45.35
CA GLU B 320 -37.16 27.64 -45.14
C GLU B 320 -38.00 27.67 -46.40
N HIS B 321 -37.37 27.90 -47.56
CA HIS B 321 -38.11 28.08 -48.80
C HIS B 321 -38.61 26.76 -49.37
N SER B 322 -37.73 25.76 -49.48
CA SER B 322 -38.06 24.50 -50.14
C SER B 322 -38.94 23.59 -49.31
N GLY B 323 -39.28 23.97 -48.08
CA GLY B 323 -40.11 23.13 -47.26
C GLY B 323 -41.58 23.17 -47.66
N VAL B 324 -42.32 22.19 -47.15
CA VAL B 324 -43.75 22.12 -47.41
C VAL B 324 -44.47 23.23 -46.66
N ASN B 325 -45.38 23.91 -47.34
CA ASN B 325 -46.13 25.01 -46.72
C ASN B 325 -47.64 24.82 -46.90
N ASP B 326 -48.41 25.86 -46.61
CA ASP B 326 -49.87 25.74 -46.69
C ASP B 326 -50.35 25.65 -48.13
N GLU B 327 -49.62 26.25 -49.07
CA GLU B 327 -50.00 26.27 -50.48
C GLU B 327 -49.52 25.05 -51.25
N THR B 328 -48.75 24.17 -50.62
CA THR B 328 -48.16 23.04 -51.33
C THR B 328 -49.21 22.00 -51.69
N GLN B 329 -49.12 21.49 -52.92
CA GLN B 329 -49.93 20.35 -53.35
C GLN B 329 -49.13 19.29 -54.10
N ASN B 330 -47.87 19.55 -54.44
CA ASN B 330 -47.00 18.58 -55.10
C ASN B 330 -45.68 18.53 -54.34
N VAL B 331 -45.30 17.34 -53.90
CA VAL B 331 -44.11 17.17 -53.07
C VAL B 331 -43.15 16.22 -53.75
N LEU B 332 -41.88 16.30 -53.33
CA LEU B 332 -40.83 15.38 -53.76
C LEU B 332 -40.23 14.74 -52.52
N LEU B 333 -40.55 13.46 -52.29
CA LEU B 333 -40.04 12.76 -51.14
C LEU B 333 -38.56 12.42 -51.32
N GLU B 334 -37.78 12.65 -50.28
CA GLU B 334 -36.36 12.33 -50.25
C GLU B 334 -36.11 11.20 -49.26
N CYS B 335 -35.39 10.16 -49.71
CA CYS B 335 -34.99 9.04 -48.86
C CYS B 335 -33.62 8.60 -49.35
N ALA B 336 -32.57 9.07 -48.66
CA ALA B 336 -31.22 8.87 -49.13
C ALA B 336 -30.37 8.20 -48.04
N PHE B 337 -29.23 7.69 -48.48
CA PHE B 337 -28.17 7.24 -47.57
C PHE B 337 -27.00 8.20 -47.72
N PHE B 338 -26.65 8.89 -46.63
CA PHE B 338 -25.51 9.78 -46.59
C PHE B 338 -24.38 9.13 -45.80
N SER B 339 -23.17 9.25 -46.31
CA SER B 339 -22.02 8.66 -45.64
C SER B 339 -21.81 9.32 -44.29
N PRO B 340 -21.69 8.55 -43.19
CA PRO B 340 -21.56 9.18 -41.87
C PRO B 340 -20.40 10.16 -41.77
N LEU B 341 -19.26 9.83 -42.35
CA LEU B 341 -18.10 10.72 -42.28
C LEU B 341 -18.33 12.01 -43.05
N SER B 342 -19.28 12.03 -43.98
CA SER B 342 -19.62 13.25 -44.71
C SER B 342 -20.64 14.11 -43.98
N ILE B 343 -21.31 13.58 -42.96
CA ILE B 343 -22.29 14.34 -42.21
C ILE B 343 -21.79 14.70 -40.81
N THR B 344 -20.88 13.92 -40.24
CA THR B 344 -20.47 14.11 -38.85
C THR B 344 -19.84 15.48 -38.63
N GLY B 345 -20.18 16.10 -37.50
CA GLY B 345 -19.63 17.39 -37.11
C GLY B 345 -20.27 18.59 -37.74
N ARG B 346 -20.98 18.43 -38.87
CA ARG B 346 -21.53 19.59 -39.56
C ARG B 346 -22.71 20.19 -38.79
N ALA B 347 -23.53 19.34 -38.17
CA ALA B 347 -24.69 19.84 -37.44
C ALA B 347 -24.28 20.64 -36.22
N ARG B 348 -23.32 20.13 -35.44
CA ARG B 348 -22.84 20.86 -34.27
C ARG B 348 -22.11 22.14 -34.63
N ARG B 349 -21.56 22.22 -35.85
CA ARG B 349 -20.85 23.42 -36.27
C ARG B 349 -21.79 24.63 -36.32
N HIS B 350 -23.04 24.40 -36.74
CA HIS B 350 -24.05 25.45 -36.80
C HIS B 350 -25.04 25.38 -35.64
N GLY B 351 -24.69 24.67 -34.57
CA GLY B 351 -25.57 24.58 -33.42
C GLY B 351 -26.84 23.80 -33.65
N LEU B 352 -26.83 22.86 -34.59
CA LEU B 352 -27.98 22.04 -34.91
C LEU B 352 -27.80 20.64 -34.35
N HIS B 353 -28.94 19.98 -34.05
CA HIS B 353 -28.92 18.59 -33.61
C HIS B 353 -30.32 18.03 -33.88
N THR B 354 -30.48 17.35 -35.01
CA THR B 354 -31.77 16.85 -35.44
C THR B 354 -31.80 15.33 -35.37
N ASP B 355 -33.01 14.77 -35.49
CA ASP B 355 -33.17 13.33 -35.57
C ASP B 355 -32.48 12.76 -36.79
N ALA B 356 -32.41 13.54 -37.88
CA ALA B 356 -31.75 13.08 -39.09
C ALA B 356 -30.24 13.14 -38.96
N SER B 357 -29.70 14.25 -38.44
CA SER B 357 -28.26 14.36 -38.29
C SER B 357 -27.71 13.34 -37.30
N HIS B 358 -28.45 13.10 -36.21
CA HIS B 358 -28.00 12.16 -35.20
C HIS B 358 -27.87 10.74 -35.78
N ARG B 359 -28.78 10.37 -36.67
CA ARG B 359 -28.80 9.02 -37.23
C ARG B 359 -27.81 8.86 -38.38
N TYR B 360 -27.67 9.89 -39.21
CA TYR B 360 -26.78 9.80 -40.37
C TYR B 360 -25.32 9.74 -39.95
N GLU B 361 -24.92 10.58 -38.98
CA GLU B 361 -23.52 10.60 -38.58
C GLU B 361 -23.11 9.36 -37.79
N ARG B 362 -24.08 8.52 -37.40
CA ARG B 362 -23.78 7.26 -36.72
C ARG B 362 -23.91 6.05 -37.64
N GLY B 363 -24.83 6.09 -38.60
CA GLY B 363 -24.95 5.02 -39.56
C GLY B 363 -26.37 4.57 -39.83
N VAL B 364 -26.90 4.93 -41.00
CA VAL B 364 -28.22 4.50 -41.44
C VAL B 364 -28.05 3.32 -42.40
N ASP B 365 -28.89 2.30 -42.22
CA ASP B 365 -28.83 1.08 -43.02
C ASP B 365 -28.84 1.41 -44.51
N PRO B 366 -27.77 1.11 -45.25
CA PRO B 366 -27.72 1.43 -46.68
C PRO B 366 -28.54 0.51 -47.56
N ALA B 367 -29.29 -0.43 -46.99
CA ALA B 367 -30.23 -1.26 -47.75
C ALA B 367 -31.67 -1.03 -47.31
N LEU B 368 -31.95 0.14 -46.73
CA LEU B 368 -33.25 0.43 -46.14
C LEU B 368 -34.06 1.46 -46.92
N GLN B 369 -33.43 2.23 -47.80
CA GLN B 369 -34.08 3.40 -48.39
C GLN B 369 -35.29 3.02 -49.22
N HIS B 370 -35.20 1.90 -49.96
CA HIS B 370 -36.32 1.53 -50.83
C HIS B 370 -37.55 1.12 -50.02
N LYS B 371 -37.34 0.34 -48.94
CA LYS B 371 -38.47 -0.05 -48.10
C LYS B 371 -39.07 1.17 -47.39
N ALA B 372 -38.23 2.13 -47.01
CA ALA B 372 -38.72 3.32 -46.33
C ALA B 372 -39.53 4.20 -47.27
N MET B 373 -39.07 4.37 -48.51
CA MET B 373 -39.78 5.20 -49.47
C MET B 373 -41.17 4.64 -49.74
N GLU B 374 -41.27 3.34 -49.98
CA GLU B 374 -42.57 2.72 -50.22
C GLU B 374 -43.47 2.80 -48.98
N ARG B 375 -42.86 2.83 -47.78
CA ARG B 375 -43.65 2.97 -46.57
C ARG B 375 -44.24 4.37 -46.46
N ALA B 376 -43.44 5.40 -46.75
CA ALA B 376 -43.95 6.77 -46.66
C ALA B 376 -44.94 7.06 -47.78
N THR B 377 -44.65 6.59 -49.00
CA THR B 377 -45.55 6.83 -50.13
C THR B 377 -46.96 6.32 -49.84
N ARG B 378 -47.07 5.11 -49.29
CA ARG B 378 -48.39 4.57 -48.96
C ARG B 378 -49.03 5.36 -47.84
N LEU B 379 -48.26 5.67 -46.78
CA LEU B 379 -48.83 6.41 -45.65
C LEU B 379 -49.21 7.83 -46.05
N LEU B 380 -48.41 8.47 -46.90
CA LEU B 380 -48.71 9.83 -47.32
C LEU B 380 -49.98 9.87 -48.17
N ILE B 381 -50.14 8.92 -49.10
CA ILE B 381 -51.31 8.93 -49.96
C ILE B 381 -52.56 8.49 -49.20
N ASP B 382 -52.41 7.51 -48.30
CA ASP B 382 -53.55 7.06 -47.51
C ASP B 382 -54.05 8.13 -46.55
N ILE B 383 -53.26 9.17 -46.31
CA ILE B 383 -53.63 10.24 -45.39
C ILE B 383 -53.91 11.54 -46.14
N CYS B 384 -53.06 11.91 -47.09
CA CYS B 384 -53.18 13.17 -47.81
C CYS B 384 -53.71 13.01 -49.22
N GLY B 385 -53.93 11.78 -49.68
CA GLY B 385 -54.36 11.59 -51.05
C GLY B 385 -53.21 11.85 -52.04
N GLY B 386 -53.59 11.90 -53.31
CA GLY B 386 -52.64 12.18 -54.37
C GLY B 386 -52.22 10.93 -55.11
N GLU B 387 -51.41 11.14 -56.14
CA GLU B 387 -50.89 10.07 -56.98
C GLU B 387 -49.37 10.11 -56.97
N ALA B 388 -48.77 8.92 -56.97
CA ALA B 388 -47.32 8.78 -56.87
C ALA B 388 -46.72 8.44 -58.23
N GLY B 389 -45.56 9.02 -58.51
CA GLY B 389 -44.81 8.69 -59.69
C GLY B 389 -43.80 7.59 -59.42
N PRO B 390 -42.96 7.28 -60.40
CA PRO B 390 -41.95 6.23 -60.20
C PRO B 390 -40.80 6.71 -59.34
N VAL B 391 -40.21 5.75 -58.61
CA VAL B 391 -39.08 6.06 -57.75
C VAL B 391 -37.85 6.37 -58.59
N ILE B 392 -37.25 7.53 -58.35
CA ILE B 392 -36.03 7.93 -59.03
C ILE B 392 -34.85 7.44 -58.19
N ASP B 393 -34.14 6.44 -58.69
CA ASP B 393 -33.06 5.79 -57.95
C ASP B 393 -31.72 6.29 -58.50
N ILE B 394 -30.97 7.00 -57.66
CA ILE B 394 -29.62 7.44 -58.02
C ILE B 394 -28.64 6.78 -57.06
N THR B 395 -28.31 5.51 -57.32
CA THR B 395 -27.44 4.72 -56.46
C THR B 395 -26.08 4.55 -57.13
N ASN B 396 -25.02 4.83 -56.38
CA ASN B 396 -23.65 4.63 -56.84
C ASN B 396 -23.09 3.41 -56.11
N GLU B 397 -23.06 2.26 -56.80
CA GLU B 397 -22.60 1.03 -56.18
C GLU B 397 -21.13 1.09 -55.80
N ALA B 398 -20.33 1.95 -56.44
CA ALA B 398 -18.92 2.04 -56.10
C ALA B 398 -18.72 2.64 -54.72
N THR B 399 -19.45 3.71 -54.39
CA THR B 399 -19.33 4.35 -53.09
C THR B 399 -20.30 3.78 -52.06
N LEU B 400 -21.20 2.90 -52.46
CA LEU B 400 -22.08 2.26 -51.49
C LEU B 400 -21.25 1.37 -50.57
N PRO B 401 -21.39 1.51 -49.25
CA PRO B 401 -20.53 0.75 -48.34
C PRO B 401 -20.75 -0.75 -48.48
N LYS B 402 -19.69 -1.51 -48.24
CA LYS B 402 -19.71 -2.95 -48.35
C LYS B 402 -19.83 -3.59 -46.97
N ARG B 403 -20.66 -4.62 -46.88
CA ARG B 403 -20.78 -5.39 -45.64
C ARG B 403 -19.44 -6.01 -45.30
N ALA B 404 -18.97 -5.78 -44.07
CA ALA B 404 -17.66 -6.27 -43.67
C ALA B 404 -17.66 -7.78 -43.53
N THR B 405 -16.60 -8.41 -44.04
CA THR B 405 -16.38 -9.84 -43.88
C THR B 405 -15.32 -10.04 -42.80
N ILE B 406 -15.74 -10.59 -41.66
CA ILE B 406 -14.89 -10.72 -40.48
C ILE B 406 -14.68 -12.20 -40.18
N THR B 407 -13.46 -12.56 -39.80
CA THR B 407 -13.12 -13.91 -39.40
C THR B 407 -12.94 -13.95 -37.88
N LEU B 408 -13.77 -14.73 -37.21
CA LEU B 408 -13.70 -14.92 -35.77
C LEU B 408 -13.00 -16.25 -35.49
N ARG B 409 -11.82 -16.18 -34.87
CA ARG B 409 -11.05 -17.38 -34.56
C ARG B 409 -11.45 -17.94 -33.21
N ARG B 410 -11.43 -19.27 -33.11
CA ARG B 410 -11.73 -19.93 -31.83
C ARG B 410 -10.71 -19.53 -30.77
N SER B 411 -9.44 -19.38 -31.17
CA SER B 411 -8.40 -19.03 -30.21
C SER B 411 -8.65 -17.64 -29.62
N LYS B 412 -8.89 -16.65 -30.48
CA LYS B 412 -9.16 -15.30 -29.99
C LYS B 412 -10.41 -15.26 -29.12
N LEU B 413 -11.46 -15.98 -29.53
CA LEU B 413 -12.70 -15.98 -28.76
C LEU B 413 -12.48 -16.56 -27.37
N ASP B 414 -11.72 -17.65 -27.27
CA ASP B 414 -11.49 -18.28 -25.98
C ASP B 414 -10.47 -17.52 -25.14
N ARG B 415 -9.49 -16.86 -25.77
CA ARG B 415 -8.51 -16.09 -25.01
C ARG B 415 -9.14 -14.86 -24.36
N LEU B 416 -9.91 -14.08 -25.14
CA LEU B 416 -10.45 -12.83 -24.62
C LEU B 416 -11.58 -13.07 -23.63
N ILE B 417 -12.42 -14.08 -23.89
CA ILE B 417 -13.52 -14.35 -22.98
C ILE B 417 -13.06 -15.21 -21.80
N GLY B 418 -12.18 -16.17 -22.05
CA GLY B 418 -11.74 -17.09 -21.02
C GLY B 418 -12.73 -18.19 -20.70
N HIS B 419 -13.83 -18.29 -21.45
CA HIS B 419 -14.87 -19.28 -21.22
C HIS B 419 -15.29 -19.83 -22.57
N HIS B 420 -15.35 -21.16 -22.69
CA HIS B 420 -15.66 -21.79 -23.96
C HIS B 420 -17.16 -21.76 -24.21
N ILE B 421 -17.55 -21.18 -25.35
CA ILE B 421 -18.93 -21.18 -25.81
C ILE B 421 -19.01 -22.08 -27.03
N ALA B 422 -19.99 -22.99 -27.02
CA ALA B 422 -20.06 -24.05 -28.03
C ALA B 422 -20.09 -23.47 -29.44
N ASP B 423 -19.60 -24.27 -30.40
CA ASP B 423 -19.55 -23.82 -31.79
C ASP B 423 -20.96 -23.54 -32.31
N GLU B 424 -21.91 -24.41 -32.00
CA GLU B 424 -23.28 -24.23 -32.49
C GLU B 424 -23.88 -22.93 -31.96
N GLN B 425 -23.58 -22.58 -30.71
CA GLN B 425 -24.16 -21.39 -30.12
C GLN B 425 -23.54 -20.12 -30.71
N VAL B 426 -22.24 -20.15 -31.01
CA VAL B 426 -21.59 -19.00 -31.63
C VAL B 426 -22.18 -18.73 -33.01
N THR B 427 -22.28 -19.78 -33.83
CA THR B 427 -22.86 -19.63 -35.16
C THR B 427 -24.32 -19.19 -35.08
N ASP B 428 -25.07 -19.74 -34.12
CA ASP B 428 -26.47 -19.38 -33.96
C ASP B 428 -26.62 -17.92 -33.56
N ILE B 429 -25.75 -17.43 -32.68
CA ILE B 429 -25.84 -16.04 -32.22
C ILE B 429 -25.56 -15.10 -33.39
N LEU B 430 -24.47 -15.33 -34.11
CA LEU B 430 -24.11 -14.43 -35.21
C LEU B 430 -25.16 -14.45 -36.32
N ARG B 431 -25.73 -15.62 -36.60
CA ARG B 431 -26.74 -15.71 -37.64
C ARG B 431 -28.03 -15.01 -37.22
N ARG B 432 -28.46 -15.19 -35.96
CA ARG B 432 -29.65 -14.49 -35.48
C ARG B 432 -29.45 -12.98 -35.49
N LEU B 433 -28.21 -12.51 -35.32
CA LEU B 433 -27.91 -11.09 -35.41
C LEU B 433 -27.91 -10.59 -36.85
N GLY B 434 -28.02 -11.48 -37.83
CA GLY B 434 -28.05 -11.10 -39.23
C GLY B 434 -26.77 -11.36 -40.01
N CYS B 435 -25.78 -12.01 -39.41
CA CYS B 435 -24.55 -12.31 -40.13
C CYS B 435 -24.73 -13.53 -41.02
N GLU B 436 -23.99 -13.53 -42.13
CA GLU B 436 -23.86 -14.72 -42.97
C GLU B 436 -22.62 -15.48 -42.50
N VAL B 437 -22.83 -16.62 -41.86
CA VAL B 437 -21.76 -17.35 -41.19
C VAL B 437 -21.51 -18.67 -41.92
N THR B 438 -20.25 -18.89 -42.31
CA THR B 438 -19.79 -20.17 -42.81
C THR B 438 -18.76 -20.72 -41.83
N GLU B 439 -19.06 -21.88 -41.24
CA GLU B 439 -18.20 -22.45 -40.23
C GLU B 439 -16.95 -23.06 -40.86
N GLY B 440 -15.82 -22.89 -40.18
CA GLY B 440 -14.56 -23.45 -40.64
C GLY B 440 -13.87 -24.22 -39.53
N LYS B 441 -12.61 -24.57 -39.76
CA LYS B 441 -11.83 -25.28 -38.73
C LYS B 441 -11.40 -24.27 -37.67
N ASP B 442 -12.07 -24.32 -36.51
CA ASP B 442 -11.74 -23.47 -35.38
C ASP B 442 -11.86 -21.98 -35.71
N GLU B 443 -12.81 -21.62 -36.57
CA GLU B 443 -13.02 -20.23 -36.92
C GLU B 443 -14.37 -20.07 -37.60
N TRP B 444 -14.85 -18.84 -37.65
CA TRP B 444 -16.09 -18.48 -38.31
C TRP B 444 -15.82 -17.35 -39.29
N GLN B 445 -16.43 -17.45 -40.47
CA GLN B 445 -16.38 -16.38 -41.48
C GLN B 445 -17.76 -15.72 -41.50
N ALA B 446 -17.81 -14.46 -41.08
CA ALA B 446 -19.08 -13.76 -40.90
C ALA B 446 -19.10 -12.50 -41.75
N VAL B 447 -20.20 -12.33 -42.50
CA VAL B 447 -20.47 -11.11 -43.23
C VAL B 447 -21.47 -10.30 -42.42
N ALA B 448 -21.06 -9.12 -41.99
CA ALA B 448 -21.90 -8.32 -41.09
C ALA B 448 -23.15 -7.83 -41.82
N PRO B 449 -24.28 -7.75 -41.14
CA PRO B 449 -25.48 -7.19 -41.77
C PRO B 449 -25.32 -5.71 -42.06
N SER B 450 -26.13 -5.24 -43.01
CA SER B 450 -25.96 -3.88 -43.53
C SER B 450 -26.23 -2.81 -42.46
N TRP B 451 -27.13 -3.09 -41.51
CA TRP B 451 -27.50 -2.08 -40.52
C TRP B 451 -26.47 -1.93 -39.40
N ARG B 452 -25.53 -2.86 -39.26
CA ARG B 452 -24.55 -2.82 -38.19
C ARG B 452 -23.31 -2.05 -38.67
N PHE B 453 -23.07 -0.90 -38.05
CA PHE B 453 -21.88 -0.10 -38.30
C PHE B 453 -20.80 -0.31 -37.26
N ASP B 454 -21.00 -1.28 -36.35
CA ASP B 454 -20.06 -1.59 -35.29
C ASP B 454 -19.51 -3.01 -35.43
N MET B 455 -19.44 -3.53 -36.65
CA MET B 455 -18.93 -4.88 -36.92
C MET B 455 -17.85 -4.74 -38.00
N GLU B 456 -16.60 -4.51 -37.58
CA GLU B 456 -15.52 -4.31 -38.52
C GLU B 456 -14.33 -5.22 -38.21
N ILE B 457 -14.12 -5.54 -36.93
CA ILE B 457 -12.96 -6.31 -36.51
C ILE B 457 -13.43 -7.51 -35.69
N GLU B 458 -12.47 -8.40 -35.41
CA GLU B 458 -12.77 -9.66 -34.75
C GLU B 458 -13.36 -9.45 -33.36
N GLU B 459 -12.82 -8.48 -32.61
CA GLU B 459 -13.28 -8.21 -31.26
C GLU B 459 -14.74 -7.75 -31.22
N ASP B 460 -15.25 -7.16 -32.30
CA ASP B 460 -16.65 -6.78 -32.33
C ASP B 460 -17.56 -8.02 -32.29
N LEU B 461 -17.15 -9.08 -32.99
CA LEU B 461 -17.93 -10.31 -32.96
C LEU B 461 -17.76 -11.02 -31.61
N VAL B 462 -16.60 -10.86 -30.97
CA VAL B 462 -16.42 -11.40 -29.62
C VAL B 462 -17.45 -10.80 -28.66
N GLU B 463 -17.64 -9.48 -28.72
CA GLU B 463 -18.60 -8.82 -27.85
C GLU B 463 -20.03 -9.25 -28.17
N GLU B 464 -20.34 -9.40 -29.45
CA GLU B 464 -21.68 -9.86 -29.84
C GLU B 464 -21.96 -11.24 -29.27
N VAL B 465 -21.04 -12.18 -29.46
CA VAL B 465 -21.21 -13.51 -28.88
C VAL B 465 -21.30 -13.43 -27.36
N ALA B 466 -20.45 -12.60 -26.74
CA ALA B 466 -20.42 -12.54 -25.28
C ALA B 466 -21.70 -11.91 -24.72
N ARG B 467 -22.20 -10.84 -25.36
CA ARG B 467 -23.36 -10.16 -24.80
C ARG B 467 -24.65 -10.94 -25.03
N VAL B 468 -24.75 -11.71 -26.12
CA VAL B 468 -25.94 -12.53 -26.32
C VAL B 468 -25.89 -13.77 -25.46
N TYR B 469 -24.73 -14.42 -25.39
CA TYR B 469 -24.56 -15.54 -24.46
C TYR B 469 -24.86 -15.14 -23.03
N GLY B 470 -24.60 -13.88 -22.67
CA GLY B 470 -24.85 -13.40 -21.32
C GLY B 470 -23.59 -13.21 -20.51
N TYR B 471 -23.30 -11.96 -20.13
CA TYR B 471 -22.10 -11.68 -19.35
C TYR B 471 -22.10 -12.44 -18.03
N ASN B 472 -23.27 -12.57 -17.40
CA ASN B 472 -23.37 -13.24 -16.11
C ASN B 472 -23.44 -14.76 -16.23
N ASN B 473 -23.45 -15.30 -17.45
CA ASN B 473 -23.23 -16.72 -17.66
C ASN B 473 -21.75 -17.04 -17.81
N ILE B 474 -20.88 -16.03 -17.79
CA ILE B 474 -19.44 -16.23 -17.84
C ILE B 474 -18.93 -16.28 -16.40
N PRO B 475 -18.19 -17.31 -16.02
CA PRO B 475 -17.76 -17.44 -14.62
C PRO B 475 -16.61 -16.49 -14.29
N ASP B 476 -16.37 -16.34 -12.99
CA ASP B 476 -15.25 -15.57 -12.48
C ASP B 476 -14.02 -16.45 -12.36
N GLU B 477 -12.86 -15.92 -12.75
CA GLU B 477 -11.59 -16.62 -12.63
C GLU B 477 -10.52 -15.61 -12.26
N PRO B 478 -9.72 -15.88 -11.23
CA PRO B 478 -8.65 -14.95 -10.87
C PRO B 478 -7.59 -14.85 -11.96
N VAL B 479 -6.92 -13.69 -12.00
CA VAL B 479 -5.83 -13.47 -12.94
C VAL B 479 -4.68 -14.40 -12.63
N GLN B 480 -4.07 -14.96 -13.68
CA GLN B 480 -2.85 -15.75 -13.57
C GLN B 480 -1.71 -14.91 -14.14
N ALA B 481 -0.83 -14.43 -13.27
CA ALA B 481 0.29 -13.60 -13.70
C ALA B 481 1.48 -13.87 -12.78
N SER B 482 2.59 -13.19 -13.06
CA SER B 482 3.80 -13.37 -12.28
C SER B 482 3.74 -12.54 -11.01
N LEU B 483 4.39 -13.06 -9.96
CA LEU B 483 4.54 -12.34 -8.70
C LEU B 483 5.90 -11.64 -8.71
N ILE B 484 5.93 -10.47 -9.35
CA ILE B 484 7.13 -9.65 -9.45
C ILE B 484 6.93 -8.41 -8.59
N MET B 485 7.89 -8.14 -7.70
CA MET B 485 7.79 -6.97 -6.84
C MET B 485 8.04 -5.70 -7.63
N GLY B 486 7.40 -4.62 -7.19
CA GLY B 486 7.56 -3.33 -7.84
C GLY B 486 8.91 -2.70 -7.53
N THR B 487 9.07 -1.49 -8.02
CA THR B 487 10.26 -0.69 -7.76
C THR B 487 10.04 0.10 -6.47
N HIS B 488 10.93 -0.09 -5.50
CA HIS B 488 10.82 0.57 -4.21
C HIS B 488 12.02 1.46 -3.97
N ARG B 489 11.78 2.57 -3.27
CA ARG B 489 12.83 3.53 -2.95
C ARG B 489 12.56 4.05 -1.55
N GLU B 490 13.39 3.65 -0.59
CA GLU B 490 13.22 4.08 0.80
C GLU B 490 13.34 5.59 0.94
N ALA B 491 14.02 6.27 0.01
CA ALA B 491 14.16 7.72 0.07
C ALA B 491 12.88 8.45 -0.34
N ASP B 492 11.85 7.73 -0.80
CA ASP B 492 10.57 8.38 -1.07
C ASP B 492 9.90 8.75 0.24
N LEU B 493 9.41 9.99 0.31
CA LEU B 493 8.55 10.42 1.41
C LEU B 493 7.12 10.44 0.89
N SER B 494 6.26 9.66 1.53
CA SER B 494 4.88 9.50 1.08
C SER B 494 4.05 10.72 1.45
N LEU B 495 3.20 11.15 0.52
CA LEU B 495 2.27 12.24 0.82
C LEU B 495 1.26 11.83 1.89
N LYS B 496 0.88 10.55 1.90
CA LYS B 496 -0.02 10.05 2.93
C LYS B 496 0.62 10.14 4.31
N ARG B 497 1.93 9.92 4.40
CA ARG B 497 2.62 10.09 5.68
C ARG B 497 2.57 11.54 6.14
N VAL B 498 2.70 12.48 5.21
CA VAL B 498 2.61 13.89 5.56
C VAL B 498 1.19 14.26 5.96
N LYS B 499 0.19 13.72 5.22
CA LYS B 499 -1.20 13.97 5.59
C LYS B 499 -1.51 13.44 6.98
N THR B 500 -0.91 12.29 7.33
CA THR B 500 -1.11 11.71 8.66
C THR B 500 -0.51 12.61 9.74
N LEU B 501 0.68 13.15 9.50
CA LEU B 501 1.29 14.06 10.47
C LEU B 501 0.43 15.31 10.65
N LEU B 502 -0.05 15.89 9.55
CA LEU B 502 -0.91 17.06 9.65
C LEU B 502 -2.18 16.74 10.43
N ASN B 503 -2.79 15.59 10.16
CA ASN B 503 -3.93 15.16 10.97
C ASN B 503 -3.54 15.04 12.44
N ASP B 504 -2.35 14.52 12.71
CA ASP B 504 -1.86 14.40 14.08
C ASP B 504 -1.42 15.74 14.66
N LYS B 505 -1.45 16.82 13.88
CA LYS B 505 -1.19 18.17 14.38
C LYS B 505 -2.46 19.02 14.39
N GLY B 506 -3.63 18.39 14.26
CA GLY B 506 -4.88 19.11 14.33
C GLY B 506 -5.36 19.71 13.02
N TYR B 507 -5.09 19.06 11.89
CA TYR B 507 -5.49 19.56 10.59
C TYR B 507 -6.50 18.61 9.95
N GLN B 508 -7.54 19.18 9.37
CA GLN B 508 -8.55 18.43 8.64
C GLN B 508 -8.31 18.60 7.14
N GLU B 509 -8.38 17.50 6.39
CA GLU B 509 -8.18 17.57 4.96
C GLU B 509 -9.44 18.08 4.26
N VAL B 510 -9.26 18.99 3.31
CA VAL B 510 -10.35 19.47 2.46
C VAL B 510 -9.95 19.24 1.01
N ILE B 511 -10.95 19.31 0.13
CA ILE B 511 -10.74 19.21 -1.32
C ILE B 511 -11.61 20.25 -1.98
N THR B 512 -10.99 21.23 -2.63
CA THR B 512 -11.69 22.33 -3.27
C THR B 512 -11.56 22.24 -4.79
N TYR B 513 -12.37 23.03 -5.48
CA TYR B 513 -12.40 23.01 -6.94
C TYR B 513 -11.12 23.59 -7.52
N SER B 514 -10.71 23.06 -8.66
CA SER B 514 -9.47 23.51 -9.30
C SER B 514 -9.66 24.83 -10.03
N PHE B 515 -10.88 25.14 -10.46
CA PHE B 515 -11.20 26.44 -11.03
C PHE B 515 -11.90 27.29 -9.97
N VAL B 516 -11.44 28.53 -9.81
CA VAL B 516 -11.88 29.40 -8.74
C VAL B 516 -12.32 30.73 -9.34
N ASP B 517 -12.68 31.66 -8.45
CA ASP B 517 -13.15 32.97 -8.86
C ASP B 517 -11.96 33.87 -9.17
N PRO B 518 -11.80 34.35 -10.40
CA PRO B 518 -10.67 35.24 -10.69
C PRO B 518 -10.73 36.57 -9.94
N LYS B 519 -11.93 37.01 -9.54
CA LYS B 519 -12.04 38.24 -8.75
C LYS B 519 -11.39 38.05 -7.38
N VAL B 520 -11.61 36.88 -6.75
CA VAL B 520 -11.01 36.61 -5.46
C VAL B 520 -9.54 36.25 -5.61
N GLN B 521 -9.20 35.44 -6.61
CA GLN B 521 -7.81 35.05 -6.80
C GLN B 521 -6.94 36.26 -7.14
N GLN B 522 -7.49 37.24 -7.85
CA GLN B 522 -6.74 38.46 -8.13
C GLN B 522 -6.46 39.26 -6.86
N MET B 523 -7.32 39.14 -5.85
CA MET B 523 -7.05 39.79 -4.58
C MET B 523 -5.89 39.12 -3.85
N ILE B 524 -5.75 37.80 -4.01
CA ILE B 524 -4.70 37.06 -3.32
C ILE B 524 -3.40 37.07 -4.11
N HIS B 525 -3.49 37.00 -5.45
CA HIS B 525 -2.32 37.03 -6.32
C HIS B 525 -2.55 38.09 -7.38
N PRO B 526 -2.36 39.37 -7.04
CA PRO B 526 -2.64 40.44 -8.00
C PRO B 526 -1.61 40.48 -9.12
N GLY B 527 -2.09 40.73 -10.33
CA GLY B 527 -1.25 40.86 -11.50
C GLY B 527 -0.84 39.57 -12.17
N VAL B 528 -1.00 38.42 -11.49
CA VAL B 528 -0.65 37.14 -12.06
C VAL B 528 -1.84 36.64 -12.88
N GLU B 529 -1.66 36.53 -14.18
CA GLU B 529 -2.73 36.09 -15.06
C GLU B 529 -2.88 34.57 -14.98
N ALA B 530 -4.10 34.12 -14.71
CA ALA B 530 -4.41 32.70 -14.63
C ALA B 530 -4.94 32.19 -15.96
N LEU B 531 -4.90 30.87 -16.12
CA LEU B 531 -5.48 30.22 -17.29
C LEU B 531 -6.99 30.22 -17.13
N LEU B 532 -7.68 30.98 -17.97
CA LEU B 532 -9.13 31.09 -17.91
C LEU B 532 -9.80 30.07 -18.81
N LEU B 533 -11.00 29.65 -18.42
CA LEU B 533 -11.80 28.77 -19.27
C LEU B 533 -12.71 29.62 -20.15
N PRO B 534 -12.68 29.44 -21.47
CA PRO B 534 -13.58 30.22 -22.33
C PRO B 534 -15.05 29.93 -22.08
N SER B 535 -15.41 28.70 -21.74
CA SER B 535 -16.80 28.32 -21.46
C SER B 535 -16.84 27.60 -20.13
N PRO B 536 -16.78 28.32 -19.02
CA PRO B 536 -16.83 27.70 -17.71
C PRO B 536 -18.27 27.49 -17.24
N ILE B 537 -18.40 26.78 -16.12
CA ILE B 537 -19.71 26.61 -15.50
C ILE B 537 -20.28 27.95 -15.05
N SER B 538 -19.40 28.86 -14.63
CA SER B 538 -19.77 30.22 -14.27
C SER B 538 -18.49 31.05 -14.22
N VAL B 539 -18.66 32.37 -14.15
CA VAL B 539 -17.50 33.24 -14.06
C VAL B 539 -16.80 33.07 -12.73
N GLU B 540 -17.54 32.66 -11.68
CA GLU B 540 -16.94 32.43 -10.37
C GLU B 540 -16.12 31.15 -10.32
N MET B 541 -16.13 30.35 -11.38
CA MET B 541 -15.34 29.12 -11.46
C MET B 541 -14.67 29.05 -12.83
N SER B 542 -14.03 30.14 -13.23
CA SER B 542 -13.53 30.29 -14.59
C SER B 542 -12.02 30.37 -14.69
N ALA B 543 -11.31 30.41 -13.55
CA ALA B 543 -9.86 30.56 -13.54
C ALA B 543 -9.24 29.35 -12.85
N MET B 544 -8.38 28.63 -13.58
CA MET B 544 -7.59 27.57 -12.96
C MET B 544 -6.74 28.16 -11.85
N ARG B 545 -6.73 27.48 -10.70
CA ARG B 545 -6.10 28.06 -9.51
C ARG B 545 -4.59 28.15 -9.68
N LEU B 546 -4.06 29.35 -9.45
CA LEU B 546 -2.61 29.55 -9.39
C LEU B 546 -2.02 29.04 -8.09
N SER B 547 -2.86 28.81 -7.08
CA SER B 547 -2.44 28.27 -5.80
C SER B 547 -3.68 27.70 -5.12
N LEU B 548 -3.45 27.06 -3.98
CA LEU B 548 -4.56 26.48 -3.22
C LEU B 548 -5.17 27.47 -2.24
N TRP B 549 -4.63 28.70 -2.16
CA TRP B 549 -5.09 29.63 -1.13
C TRP B 549 -6.50 30.16 -1.40
N THR B 550 -6.89 30.31 -2.67
CA THR B 550 -8.24 30.80 -2.95
C THR B 550 -9.28 29.82 -2.45
N GLY B 551 -9.10 28.52 -2.75
CA GLY B 551 -10.05 27.53 -2.27
C GLY B 551 -10.01 27.35 -0.77
N LEU B 552 -8.81 27.40 -0.19
CA LEU B 552 -8.67 27.20 1.25
C LEU B 552 -9.32 28.34 2.04
N LEU B 553 -8.99 29.58 1.68
CA LEU B 553 -9.58 30.73 2.36
C LEU B 553 -11.09 30.78 2.16
N ALA B 554 -11.58 30.30 1.01
CA ALA B 554 -13.02 30.22 0.80
C ALA B 554 -13.65 29.20 1.73
N THR B 555 -12.95 28.10 1.99
CA THR B 555 -13.45 27.10 2.94
C THR B 555 -13.48 27.65 4.35
N VAL B 556 -12.53 28.52 4.70
CA VAL B 556 -12.55 29.16 6.02
C VAL B 556 -13.79 30.03 6.17
N VAL B 557 -14.05 30.89 5.19
CA VAL B 557 -15.21 31.77 5.27
C VAL B 557 -16.50 30.96 5.26
N TYR B 558 -16.53 29.86 4.50
CA TYR B 558 -17.69 28.99 4.48
C TYR B 558 -18.02 28.47 5.87
N ASN B 559 -17.00 27.99 6.58
CA ASN B 559 -17.22 27.46 7.92
C ASN B 559 -17.42 28.57 8.95
N GLN B 560 -16.71 29.69 8.79
CA GLN B 560 -16.89 30.81 9.71
C GLN B 560 -18.28 31.41 9.57
N ASN B 561 -18.88 31.36 8.39
CA ASN B 561 -20.27 31.77 8.22
C ASN B 561 -21.25 30.81 8.88
N ARG B 562 -20.79 29.65 9.31
CA ARG B 562 -21.61 28.67 9.99
C ARG B 562 -21.15 28.45 11.43
N GLN B 563 -20.78 29.55 12.09
CA GLN B 563 -20.53 29.56 13.54
C GLN B 563 -19.30 28.74 13.92
N GLN B 564 -18.33 28.60 13.02
CA GLN B 564 -17.10 27.85 13.29
C GLN B 564 -15.91 28.75 13.01
N ASN B 565 -15.42 29.43 14.05
CA ASN B 565 -14.30 30.35 13.88
C ASN B 565 -12.98 29.61 13.71
N ARG B 566 -12.76 28.56 14.49
CA ARG B 566 -11.50 27.83 14.47
C ARG B 566 -11.49 26.87 13.28
N VAL B 567 -10.60 27.13 12.32
CA VAL B 567 -10.50 26.36 11.08
C VAL B 567 -9.04 26.02 10.86
N ARG B 568 -8.71 24.73 10.92
CA ARG B 568 -7.36 24.24 10.66
C ARG B 568 -7.48 23.17 9.58
N ILE B 569 -7.13 23.51 8.34
CA ILE B 569 -7.35 22.61 7.20
C ILE B 569 -6.11 22.59 6.32
N PHE B 570 -6.01 21.52 5.52
CA PHE B 570 -4.96 21.40 4.51
C PHE B 570 -5.56 20.75 3.27
N GLU B 571 -4.83 20.87 2.16
CA GLU B 571 -5.24 20.26 0.91
C GLU B 571 -4.01 19.97 0.05
N SER B 572 -4.05 18.85 -0.65
CA SER B 572 -3.05 18.53 -1.67
C SER B 572 -3.73 18.60 -3.03
N GLY B 573 -3.06 19.22 -3.99
CA GLY B 573 -3.66 19.36 -5.31
C GLY B 573 -2.74 20.15 -6.22
N LEU B 574 -3.06 20.10 -7.50
CA LEU B 574 -2.24 20.76 -8.52
C LEU B 574 -2.57 22.25 -8.59
N ARG B 575 -1.54 23.05 -8.84
CA ARG B 575 -1.72 24.42 -9.29
C ARG B 575 -1.47 24.48 -10.80
N PHE B 576 -1.94 25.57 -11.41
CA PHE B 576 -1.86 25.75 -12.85
C PHE B 576 -1.27 27.14 -13.12
N VAL B 577 0.00 27.17 -13.49
CA VAL B 577 0.74 28.41 -13.72
C VAL B 577 1.17 28.45 -15.18
N PRO B 578 0.79 29.47 -15.95
CA PRO B 578 1.20 29.52 -17.37
C PRO B 578 2.72 29.55 -17.50
N ASP B 579 3.24 28.64 -18.32
CA ASP B 579 4.68 28.48 -18.49
C ASP B 579 4.92 28.06 -19.93
N THR B 580 5.55 28.94 -20.72
CA THR B 580 5.79 28.66 -22.13
C THR B 580 6.79 27.52 -22.34
N GLN B 581 7.63 27.23 -21.34
CA GLN B 581 8.61 26.16 -21.43
C GLN B 581 8.09 24.83 -20.89
N ALA B 582 6.83 24.79 -20.47
CA ALA B 582 6.20 23.61 -19.90
C ALA B 582 5.28 22.95 -20.91
N PRO B 583 4.96 21.66 -20.73
CA PRO B 583 4.04 20.99 -21.65
C PRO B 583 2.69 21.69 -21.71
N LEU B 584 2.17 21.85 -22.93
CA LEU B 584 0.91 22.51 -23.20
C LEU B 584 0.90 23.97 -22.73
N GLY B 585 2.07 24.56 -22.52
CA GLY B 585 2.14 25.94 -22.08
C GLY B 585 1.61 26.21 -20.68
N ILE B 586 1.34 25.17 -19.90
CA ILE B 586 0.80 25.33 -18.55
C ILE B 586 1.52 24.34 -17.64
N ARG B 587 2.15 24.85 -16.59
CA ARG B 587 2.85 23.99 -15.63
C ARG B 587 1.90 23.59 -14.52
N GLN B 588 1.85 22.29 -14.24
CA GLN B 588 0.91 21.70 -13.29
C GLN B 588 1.72 21.04 -12.17
N ASP B 589 1.98 21.80 -11.11
CA ASP B 589 2.76 21.32 -9.98
C ASP B 589 1.84 20.88 -8.86
N LEU B 590 2.15 19.75 -8.24
CA LEU B 590 1.40 19.28 -7.09
C LEU B 590 1.81 20.10 -5.86
N MET B 591 0.81 20.68 -5.19
CA MET B 591 1.06 21.55 -4.05
C MET B 591 0.42 20.98 -2.80
N LEU B 592 1.03 21.28 -1.66
CA LEU B 592 0.47 21.00 -0.34
C LEU B 592 0.33 22.33 0.38
N ALA B 593 -0.91 22.68 0.73
CA ALA B 593 -1.18 23.98 1.34
C ALA B 593 -2.16 23.80 2.49
N GLY B 594 -2.24 24.82 3.33
CA GLY B 594 -3.16 24.78 4.45
C GLY B 594 -3.31 26.14 5.08
N VAL B 595 -4.17 26.19 6.10
CA VAL B 595 -4.49 27.45 6.76
C VAL B 595 -5.02 27.14 8.16
N ILE B 596 -4.59 27.95 9.14
CA ILE B 596 -5.11 27.88 10.50
C ILE B 596 -5.59 29.26 10.92
N CYS B 597 -6.60 29.27 11.78
CA CYS B 597 -7.10 30.51 12.36
C CYS B 597 -7.82 30.16 13.66
N GLY B 598 -8.22 31.20 14.40
CA GLY B 598 -8.87 30.99 15.67
C GLY B 598 -7.87 30.70 16.78
N ASN B 599 -8.40 30.16 17.88
CA ASN B 599 -7.56 29.83 19.03
C ASN B 599 -6.74 28.58 18.74
N ARG B 600 -5.62 28.46 19.48
CA ARG B 600 -4.75 27.30 19.31
C ARG B 600 -5.51 26.01 19.61
N TYR B 601 -6.23 25.97 20.72
CA TYR B 601 -7.02 24.82 21.10
C TYR B 601 -8.48 25.23 21.24
N GLU B 602 -9.36 24.23 21.21
CA GLU B 602 -10.72 24.45 21.65
C GLU B 602 -10.73 24.81 23.13
N GLU B 603 -11.87 25.32 23.60
CA GLU B 603 -11.97 25.73 25.00
C GLU B 603 -11.65 24.54 25.91
N HIS B 604 -10.67 24.75 26.79
CA HIS B 604 -10.11 23.69 27.61
C HIS B 604 -9.98 24.16 29.04
N TRP B 605 -10.26 23.28 29.99
CA TRP B 605 -10.21 23.65 31.41
C TRP B 605 -8.80 24.00 31.87
N ASN B 606 -7.77 23.56 31.15
CA ASN B 606 -6.39 23.78 31.56
C ASN B 606 -5.55 24.52 30.52
N LEU B 607 -6.08 24.77 29.33
CA LEU B 607 -5.37 25.49 28.28
C LEU B 607 -6.02 26.87 28.11
N ALA B 608 -5.18 27.91 28.16
CA ALA B 608 -5.68 29.27 28.06
C ALA B 608 -6.04 29.63 26.62
N LYS B 609 -7.10 30.41 26.47
CA LYS B 609 -7.50 30.90 25.15
C LYS B 609 -6.41 31.80 24.57
N GLU B 610 -5.85 31.38 23.43
CA GLU B 610 -4.80 32.15 22.78
C GLU B 610 -4.93 31.96 21.27
N THR B 611 -4.84 33.07 20.54
CA THR B 611 -4.93 33.01 19.08
C THR B 611 -3.64 32.44 18.50
N VAL B 612 -3.78 31.64 17.45
CA VAL B 612 -2.60 31.09 16.78
C VAL B 612 -1.78 32.24 16.18
N ASP B 613 -0.46 32.07 16.18
CA ASP B 613 0.41 33.07 15.56
C ASP B 613 1.39 32.41 14.58
N PHE B 614 2.33 33.20 14.06
CA PHE B 614 3.23 32.72 13.02
C PHE B 614 4.03 31.50 13.48
N TYR B 615 4.47 31.50 14.74
CA TYR B 615 5.30 30.41 15.22
C TYR B 615 4.51 29.13 15.50
N ASP B 616 3.19 29.23 15.59
CA ASP B 616 2.36 28.03 15.65
C ASP B 616 2.36 27.32 14.30
N LEU B 617 2.08 28.05 13.23
CA LEU B 617 2.08 27.44 11.90
C LEU B 617 3.48 27.05 11.46
N LYS B 618 4.51 27.82 11.85
CA LYS B 618 5.87 27.45 11.50
C LYS B 618 6.27 26.14 12.18
N GLY B 619 5.84 25.93 13.42
CA GLY B 619 6.15 24.69 14.10
C GLY B 619 5.56 23.49 13.41
N ASP B 620 4.30 23.59 12.98
CA ASP B 620 3.69 22.52 12.21
C ASP B 620 4.43 22.28 10.89
N LEU B 621 4.96 23.34 10.29
CA LEU B 621 5.71 23.17 9.04
C LEU B 621 7.07 22.54 9.30
N GLU B 622 7.72 22.90 10.40
CA GLU B 622 8.99 22.26 10.74
C GLU B 622 8.80 20.77 11.02
N SER B 623 7.64 20.39 11.56
CA SER B 623 7.35 18.97 11.75
C SER B 623 7.19 18.27 10.41
N VAL B 624 6.53 18.91 9.44
CA VAL B 624 6.42 18.35 8.10
C VAL B 624 7.80 18.22 7.46
N LEU B 625 8.55 19.33 7.45
CA LEU B 625 9.87 19.32 6.79
C LEU B 625 10.83 18.36 7.48
N ASP B 626 10.66 18.12 8.77
CA ASP B 626 11.54 17.21 9.49
C ASP B 626 11.43 15.78 8.99
N LEU B 627 10.29 15.41 8.41
CA LEU B 627 10.14 14.07 7.84
C LEU B 627 11.13 13.80 6.72
N THR B 628 11.61 14.86 6.04
CA THR B 628 12.61 14.70 5.00
C THR B 628 14.01 14.47 5.55
N GLY B 629 14.21 14.67 6.85
CA GLY B 629 15.56 14.61 7.41
C GLY B 629 16.46 15.74 6.97
N LYS B 630 15.90 16.81 6.41
CA LYS B 630 16.69 17.91 5.88
C LYS B 630 16.35 19.24 6.54
N LEU B 631 15.76 19.21 7.74
CA LEU B 631 15.34 20.45 8.39
C LEU B 631 16.53 21.35 8.70
N ASN B 632 17.72 20.76 8.89
CA ASN B 632 18.91 21.55 9.14
C ASN B 632 19.32 22.40 7.94
N GLU B 633 18.80 22.08 6.75
CA GLU B 633 19.11 22.84 5.54
C GLU B 633 17.93 23.72 5.08
N VAL B 634 16.96 23.94 5.97
CA VAL B 634 15.78 24.75 5.66
C VAL B 634 15.97 26.15 6.22
N GLU B 635 15.65 27.16 5.42
CA GLU B 635 15.74 28.56 5.83
C GLU B 635 14.37 29.22 5.72
N PHE B 636 14.02 29.99 6.74
CA PHE B 636 12.83 30.83 6.74
C PHE B 636 13.30 32.28 6.61
N ARG B 637 13.29 32.80 5.39
CA ARG B 637 13.70 34.17 5.12
C ARG B 637 12.48 35.06 4.94
N ALA B 638 12.53 36.24 5.55
CA ALA B 638 11.49 37.23 5.32
C ALA B 638 11.50 37.64 3.85
N GLU B 639 10.31 37.66 3.24
CA GLU B 639 10.22 37.92 1.82
C GLU B 639 8.83 38.44 1.50
N ALA B 640 8.75 39.37 0.56
CA ALA B 640 7.50 40.07 0.28
C ALA B 640 6.52 39.17 -0.46
N ASN B 641 5.26 39.22 -0.04
CA ASN B 641 4.15 38.55 -0.70
C ASN B 641 2.91 39.40 -0.52
N PRO B 642 2.27 39.84 -1.60
CA PRO B 642 1.14 40.79 -1.46
C PRO B 642 -0.01 40.27 -0.61
N ALA B 643 -0.12 38.96 -0.43
CA ALA B 643 -1.21 38.38 0.35
C ALA B 643 -0.89 38.30 1.84
N LEU B 644 0.35 38.54 2.24
CA LEU B 644 0.81 38.25 3.58
C LEU B 644 1.27 39.51 4.30
N HIS B 645 1.18 39.47 5.63
CA HIS B 645 1.71 40.51 6.50
C HIS B 645 3.20 40.70 6.22
N PRO B 646 3.65 41.91 5.85
CA PRO B 646 5.05 42.08 5.43
C PRO B 646 6.06 41.82 6.53
N GLY B 647 5.65 41.91 7.79
CA GLY B 647 6.57 41.66 8.90
C GLY B 647 6.41 40.29 9.51
N GLN B 648 5.39 39.55 9.06
CA GLN B 648 5.11 38.21 9.55
C GLN B 648 4.88 37.25 8.39
N SER B 649 5.79 37.31 7.40
CA SER B 649 5.74 36.43 6.25
C SER B 649 7.15 35.92 5.95
N ALA B 650 7.23 34.70 5.45
CA ALA B 650 8.52 34.08 5.19
C ALA B 650 8.44 33.20 3.96
N ALA B 651 9.50 33.24 3.16
CA ALA B 651 9.67 32.30 2.06
C ALA B 651 10.52 31.13 2.53
N ILE B 652 10.03 29.92 2.33
CA ILE B 652 10.70 28.71 2.82
C ILE B 652 11.69 28.25 1.77
N TYR B 653 12.94 28.08 2.18
CA TYR B 653 14.02 27.66 1.29
C TYR B 653 14.58 26.33 1.76
N LEU B 654 14.89 25.45 0.79
CA LEU B 654 15.53 24.17 1.06
C LEU B 654 16.74 24.06 0.15
N LYS B 655 17.94 24.06 0.75
CA LYS B 655 19.19 24.02 0.01
C LYS B 655 19.27 25.14 -1.02
N GLY B 656 18.81 26.33 -0.64
CA GLY B 656 18.89 27.49 -1.50
C GLY B 656 17.83 27.59 -2.56
N GLU B 657 16.81 26.74 -2.53
CA GLU B 657 15.70 26.80 -3.48
C GLU B 657 14.42 27.12 -2.73
N ARG B 658 13.64 28.06 -3.24
CA ARG B 658 12.37 28.40 -2.61
C ARG B 658 11.36 27.29 -2.87
N ILE B 659 10.84 26.71 -1.78
CA ILE B 659 9.89 25.61 -1.88
C ILE B 659 8.49 26.00 -1.47
N GLY B 660 8.28 27.20 -0.95
CA GLY B 660 6.95 27.62 -0.57
C GLY B 660 6.98 28.90 0.25
N PHE B 661 5.80 29.26 0.75
CA PHE B 661 5.60 30.48 1.51
C PHE B 661 4.76 30.18 2.75
N VAL B 662 4.91 31.04 3.75
CA VAL B 662 4.13 30.96 4.98
C VAL B 662 4.06 32.35 5.58
N GLY B 663 2.89 32.71 6.10
CA GLY B 663 2.75 33.98 6.76
C GLY B 663 1.32 34.26 7.13
N VAL B 664 1.16 35.27 8.00
CA VAL B 664 -0.17 35.75 8.35
C VAL B 664 -0.77 36.48 7.15
N VAL B 665 -2.07 36.25 6.92
CA VAL B 665 -2.76 36.95 5.84
C VAL B 665 -2.75 38.45 6.12
N HIS B 666 -2.43 39.23 5.08
CA HIS B 666 -2.38 40.68 5.20
C HIS B 666 -3.72 41.21 5.71
N PRO B 667 -3.73 42.11 6.70
CA PRO B 667 -5.00 42.57 7.25
C PRO B 667 -5.93 43.21 6.23
N GLU B 668 -5.38 43.85 5.19
CA GLU B 668 -6.23 44.38 4.13
C GLU B 668 -6.91 43.25 3.35
N LEU B 669 -6.16 42.19 3.04
CA LEU B 669 -6.77 41.02 2.42
C LEU B 669 -7.68 40.29 3.39
N GLU B 670 -7.35 40.30 4.67
CA GLU B 670 -8.25 39.75 5.68
C GLU B 670 -9.57 40.50 5.70
N ARG B 671 -9.54 41.81 5.47
CA ARG B 671 -10.77 42.60 5.44
C ARG B 671 -11.59 42.30 4.19
N LYS B 672 -10.93 42.24 3.02
CA LYS B 672 -11.66 42.03 1.78
C LYS B 672 -12.31 40.66 1.71
N LEU B 673 -11.69 39.64 2.31
CA LEU B 673 -12.22 38.29 2.30
C LEU B 673 -13.24 38.04 3.40
N ASP B 674 -13.48 39.03 4.27
CA ASP B 674 -14.40 38.90 5.41
C ASP B 674 -14.00 37.76 6.32
N LEU B 675 -12.70 37.66 6.62
CA LEU B 675 -12.23 36.70 7.60
C LEU B 675 -12.49 37.22 9.01
N ASN B 676 -12.73 36.30 9.94
CA ASN B 676 -13.10 36.69 11.30
C ASN B 676 -11.94 37.29 12.08
N GLY B 677 -10.70 36.99 11.69
CA GLY B 677 -9.55 37.49 12.44
C GLY B 677 -8.24 37.08 11.82
N ARG B 678 -7.21 36.94 12.67
CA ARG B 678 -5.89 36.58 12.16
C ARG B 678 -5.92 35.21 11.51
N THR B 679 -5.46 35.15 10.27
CA THR B 679 -5.49 33.93 9.48
C THR B 679 -4.10 33.68 8.91
N LEU B 680 -3.65 32.44 9.00
CA LEU B 680 -2.29 32.06 8.59
C LEU B 680 -2.35 30.98 7.53
N VAL B 681 -1.66 31.19 6.43
CA VAL B 681 -1.68 30.27 5.30
C VAL B 681 -0.26 29.80 5.00
N PHE B 682 -0.17 28.65 4.33
CA PHE B 682 1.09 28.16 3.80
C PHE B 682 0.82 27.42 2.51
N GLU B 683 1.87 27.24 1.72
CA GLU B 683 1.81 26.42 0.52
C GLU B 683 3.21 25.92 0.22
N LEU B 684 3.31 24.64 -0.14
CA LEU B 684 4.58 23.99 -0.40
C LEU B 684 4.53 23.25 -1.73
N GLU B 685 5.62 23.34 -2.48
CA GLU B 685 5.78 22.54 -3.69
C GLU B 685 6.14 21.12 -3.28
N TRP B 686 5.23 20.17 -3.54
CA TRP B 686 5.37 18.84 -2.96
C TRP B 686 6.61 18.12 -3.45
N ASN B 687 6.89 18.18 -4.75
CA ASN B 687 7.99 17.41 -5.30
C ASN B 687 9.34 17.81 -4.71
N LYS B 688 9.45 19.04 -4.20
CA LYS B 688 10.71 19.50 -3.61
C LYS B 688 10.99 18.88 -2.24
N LEU B 689 9.99 18.27 -1.61
CA LEU B 689 10.20 17.63 -0.31
C LEU B 689 9.64 16.20 -0.28
N ALA B 690 9.38 15.62 -1.45
CA ALA B 690 8.98 14.22 -1.54
C ALA B 690 10.15 13.26 -1.40
N ASP B 691 11.34 13.78 -1.11
CA ASP B 691 12.55 12.99 -0.93
C ASP B 691 13.02 13.13 0.51
N ARG B 692 13.44 12.02 1.10
CA ARG B 692 13.93 12.01 2.48
C ARG B 692 15.28 11.32 2.53
N VAL B 693 16.01 11.58 3.61
CA VAL B 693 17.35 11.03 3.80
C VAL B 693 17.24 9.63 4.38
N VAL B 694 17.89 8.68 3.73
CA VAL B 694 17.99 7.31 4.26
C VAL B 694 19.06 7.32 5.34
N PRO B 695 18.75 6.91 6.56
CA PRO B 695 19.72 7.06 7.66
C PRO B 695 20.95 6.19 7.48
N GLN B 696 22.11 6.76 7.80
CA GLN B 696 23.37 6.04 7.88
C GLN B 696 23.87 6.14 9.31
N ALA B 697 24.02 4.99 9.98
CA ALA B 697 24.30 4.98 11.40
C ALA B 697 25.69 5.54 11.70
N ARG B 698 25.74 6.52 12.60
CA ARG B 698 26.98 7.05 13.14
C ARG B 698 27.02 6.78 14.64
N GLU B 699 28.17 6.33 15.12
CA GLU B 699 28.26 5.90 16.52
C GLU B 699 28.36 7.10 17.45
N ILE B 700 27.80 6.92 18.64
CA ILE B 700 27.77 7.97 19.65
C ILE B 700 28.95 7.80 20.59
N SER B 701 29.27 8.87 21.33
CA SER B 701 30.38 8.84 22.26
C SER B 701 29.94 8.27 23.61
N ARG B 702 30.79 7.43 24.18
CA ARG B 702 30.54 6.86 25.51
C ARG B 702 31.04 7.76 26.63
N PHE B 703 31.57 8.95 26.30
CA PHE B 703 32.08 9.94 27.24
C PHE B 703 31.08 11.08 27.41
N PRO B 704 31.00 11.65 28.61
CA PRO B 704 29.99 12.69 28.87
C PRO B 704 30.26 13.97 28.08
N ALA B 705 29.23 14.79 27.99
CA ALA B 705 29.27 16.08 27.31
C ALA B 705 29.22 17.20 28.34
N ASN B 706 29.36 18.43 27.84
CA ASN B 706 29.34 19.62 28.70
C ASN B 706 28.50 20.70 28.06
N ARG B 707 27.83 21.49 28.89
CA ARG B 707 26.98 22.57 28.43
C ARG B 707 27.52 23.91 28.92
N ARG B 708 27.54 24.89 28.01
CA ARG B 708 27.93 26.26 28.34
C ARG B 708 26.94 27.21 27.68
N ASP B 709 26.31 28.06 28.47
CA ASP B 709 25.35 29.03 27.98
C ASP B 709 26.03 30.39 27.75
N ILE B 710 25.57 31.09 26.72
CA ILE B 710 26.08 32.41 26.39
C ILE B 710 24.89 33.36 26.17
N ALA B 711 25.10 34.63 26.50
CA ALA B 711 24.10 35.68 26.32
C ALA B 711 24.66 36.66 25.30
N VAL B 712 24.31 36.46 24.04
CA VAL B 712 24.81 37.28 22.93
C VAL B 712 23.78 38.37 22.64
N VAL B 713 24.23 39.62 22.66
CA VAL B 713 23.39 40.77 22.35
C VAL B 713 23.77 41.28 20.97
N VAL B 714 22.78 41.36 20.08
CA VAL B 714 22.96 41.82 18.71
C VAL B 714 21.83 42.78 18.36
N ALA B 715 21.84 43.24 17.11
CA ALA B 715 20.81 44.17 16.66
C ALA B 715 19.47 43.46 16.50
N GLU B 716 18.40 44.26 16.45
CA GLU B 716 17.06 43.70 16.39
C GLU B 716 16.76 43.07 15.04
N ASN B 717 17.45 43.52 13.97
CA ASN B 717 17.23 43.02 12.63
C ASN B 717 18.11 41.82 12.30
N VAL B 718 18.76 41.23 13.29
CA VAL B 718 19.65 40.10 13.08
C VAL B 718 18.82 38.81 13.20
N PRO B 719 18.77 37.97 12.16
CA PRO B 719 18.02 36.71 12.27
C PRO B 719 18.72 35.75 13.21
N ALA B 720 17.97 35.22 14.18
CA ALA B 720 18.55 34.34 15.18
C ALA B 720 19.05 33.03 14.58
N ALA B 721 18.43 32.56 13.50
CA ALA B 721 18.90 31.33 12.87
C ALA B 721 20.30 31.48 12.31
N ASP B 722 20.64 32.66 11.80
CA ASP B 722 22.01 32.90 11.35
C ASP B 722 22.98 32.95 12.52
N ILE B 723 22.53 33.44 13.68
CA ILE B 723 23.35 33.42 14.88
C ILE B 723 23.63 31.98 15.30
N LEU B 724 22.61 31.12 15.28
CA LEU B 724 22.80 29.73 15.64
C LEU B 724 23.62 28.98 14.59
N SER B 725 23.48 29.35 13.32
CA SER B 725 24.24 28.69 12.26
C SER B 725 25.72 28.99 12.37
N GLU B 726 26.07 30.22 12.76
CA GLU B 726 27.48 30.57 12.93
C GLU B 726 28.10 29.79 14.07
N CYS B 727 27.34 29.53 15.14
CA CYS B 727 27.85 28.72 16.24
C CYS B 727 28.08 27.28 15.81
N LYS B 728 27.26 26.77 14.89
CA LYS B 728 27.46 25.42 14.38
C LYS B 728 28.46 25.39 13.24
N LYS B 729 28.61 26.49 12.51
CA LYS B 729 29.61 26.56 11.44
C LYS B 729 31.01 26.66 12.00
N VAL B 730 31.23 27.59 12.93
CA VAL B 730 32.56 27.76 13.50
C VAL B 730 32.91 26.60 14.43
N GLY B 731 31.91 25.82 14.84
CA GLY B 731 32.18 24.68 15.70
C GLY B 731 32.85 23.55 14.93
N VAL B 732 33.89 22.98 15.53
CA VAL B 732 34.63 21.87 14.93
C VAL B 732 33.85 20.59 15.15
N ASN B 733 34.56 19.53 15.55
CA ASN B 733 33.93 18.25 15.85
C ASN B 733 33.48 18.15 17.30
N GLN B 734 33.52 19.25 18.04
CA GLN B 734 33.15 19.27 19.45
C GLN B 734 31.75 19.82 19.67
N VAL B 735 31.40 20.94 19.04
CA VAL B 735 30.08 21.54 19.19
C VAL B 735 29.03 20.65 18.55
N VAL B 736 28.32 19.87 19.37
CA VAL B 736 27.31 18.94 18.86
C VAL B 736 25.89 19.45 19.04
N GLY B 737 25.69 20.53 19.80
CA GLY B 737 24.35 21.04 20.03
C GLY B 737 24.29 22.55 20.19
N VAL B 738 23.46 23.19 19.39
CA VAL B 738 23.23 24.63 19.46
C VAL B 738 21.73 24.86 19.58
N ASN B 739 21.30 25.52 20.65
CA ASN B 739 19.88 25.73 20.88
C ASN B 739 19.65 27.08 21.55
N LEU B 740 18.73 27.86 20.98
CA LEU B 740 18.27 29.11 21.58
C LEU B 740 17.14 28.81 22.56
N PHE B 741 17.20 29.45 23.73
CA PHE B 741 16.17 29.24 24.73
C PHE B 741 15.60 30.52 25.35
N ASP B 742 16.05 31.70 24.91
CA ASP B 742 15.48 32.94 25.42
C ASP B 742 15.84 34.09 24.49
N VAL B 743 14.92 35.04 24.38
CA VAL B 743 15.13 36.29 23.66
C VAL B 743 14.69 37.42 24.58
N TYR B 744 15.54 38.43 24.74
CA TYR B 744 15.31 39.51 25.70
C TYR B 744 15.47 40.87 25.00
N ARG B 745 14.45 41.70 25.13
CA ARG B 745 14.51 43.10 24.68
C ARG B 745 13.77 43.94 25.70
N GLY B 746 14.48 44.89 26.31
CA GLY B 746 13.88 45.75 27.32
C GLY B 746 14.94 46.42 28.17
N LYS B 747 14.56 46.72 29.41
CA LYS B 747 15.45 47.39 30.35
C LYS B 747 16.65 46.52 30.68
N GLY B 748 17.81 46.88 30.14
CA GLY B 748 19.02 46.10 30.33
C GLY B 748 19.85 46.02 29.08
N VAL B 749 19.19 46.11 27.92
CA VAL B 749 19.86 46.13 26.62
C VAL B 749 19.55 47.45 25.94
N ALA B 750 20.41 47.82 25.00
CA ALA B 750 20.25 49.08 24.29
C ALA B 750 19.01 49.06 23.41
N GLU B 751 18.58 50.26 23.01
CA GLU B 751 17.41 50.38 22.15
C GLU B 751 17.71 49.82 20.77
N GLY B 752 16.77 49.04 20.24
CA GLY B 752 16.97 48.40 18.95
C GLY B 752 17.91 47.20 18.97
N TYR B 753 18.14 46.62 20.15
CA TYR B 753 19.01 45.47 20.30
C TYR B 753 18.27 44.37 21.06
N LYS B 754 18.81 43.16 20.97
CA LYS B 754 18.22 42.00 21.63
C LYS B 754 19.34 41.07 22.07
N SER B 755 19.13 40.40 23.20
CA SER B 755 20.08 39.43 23.73
C SER B 755 19.54 38.03 23.51
N LEU B 756 20.35 37.17 22.91
CA LEU B 756 19.96 35.80 22.59
C LEU B 756 20.71 34.85 23.51
N ALA B 757 19.96 34.12 24.33
CA ALA B 757 20.53 33.14 25.26
C ALA B 757 20.65 31.80 24.52
N ILE B 758 21.89 31.38 24.26
CA ILE B 758 22.17 30.20 23.46
C ILE B 758 22.92 29.19 24.30
N SER B 759 22.47 27.94 24.27
CA SER B 759 23.17 26.84 24.93
C SER B 759 24.06 26.13 23.92
N LEU B 760 25.28 25.80 24.34
CA LEU B 760 26.25 25.13 23.49
C LEU B 760 26.70 23.85 24.16
N ILE B 761 26.42 22.72 23.51
CA ILE B 761 26.81 21.40 23.99
C ILE B 761 28.09 20.99 23.27
N LEU B 762 29.10 20.59 24.04
CA LEU B 762 30.37 20.14 23.47
C LEU B 762 30.70 18.75 24.00
N GLN B 763 31.28 17.93 23.12
CA GLN B 763 31.59 16.55 23.44
C GLN B 763 32.56 16.02 22.39
N ASP B 764 33.41 15.08 22.81
CA ASP B 764 34.34 14.42 21.92
C ASP B 764 34.00 12.94 21.82
N THR B 765 34.29 12.35 20.66
CA THR B 765 33.95 10.95 20.41
C THR B 765 34.93 9.98 21.05
N SER B 766 36.13 10.43 21.42
CA SER B 766 37.18 9.54 21.89
C SER B 766 37.70 9.86 23.28
N ARG B 767 37.27 10.96 23.90
CA ARG B 767 37.82 11.35 25.19
C ARG B 767 36.86 12.30 25.88
N THR B 768 37.16 12.59 27.14
CA THR B 768 36.46 13.63 27.88
C THR B 768 37.24 14.93 27.80
N LEU B 769 36.54 16.04 28.05
CA LEU B 769 37.11 17.37 27.91
C LEU B 769 37.04 18.11 29.24
N GLU B 770 38.08 18.89 29.53
CA GLU B 770 38.15 19.68 30.75
C GLU B 770 37.86 21.15 30.46
N GLU B 771 37.95 21.96 31.51
CA GLU B 771 37.46 23.34 31.45
C GLU B 771 38.33 24.21 30.54
N GLU B 772 39.65 24.00 30.57
CA GLU B 772 40.56 24.93 29.91
C GLU B 772 40.39 24.94 28.40
N GLU B 773 40.03 23.80 27.81
CA GLU B 773 39.89 23.73 26.35
C GLU B 773 38.47 24.01 25.88
N ILE B 774 37.46 23.71 26.69
CA ILE B 774 36.09 24.01 26.28
C ILE B 774 35.78 25.50 26.45
N ALA B 775 36.44 26.17 27.40
CA ALA B 775 36.25 27.61 27.54
C ALA B 775 36.87 28.36 26.37
N ALA B 776 37.91 27.80 25.76
CA ALA B 776 38.48 28.42 24.57
C ALA B 776 37.56 28.27 23.37
N THR B 777 36.88 27.12 23.26
CA THR B 777 35.94 26.91 22.17
C THR B 777 34.74 27.85 22.30
N VAL B 778 34.31 28.12 23.54
CA VAL B 778 33.22 29.09 23.74
C VAL B 778 33.67 30.47 23.29
N ALA B 779 34.84 30.92 23.77
CA ALA B 779 35.39 32.19 23.31
C ALA B 779 35.74 32.15 21.83
N LYS B 780 35.96 30.96 21.27
CA LYS B 780 36.23 30.84 19.84
C LYS B 780 34.99 31.20 19.03
N CYS B 781 33.81 30.75 19.48
CA CYS B 781 32.58 31.05 18.76
C CYS B 781 32.03 32.42 19.12
N VAL B 782 32.18 32.84 20.39
CA VAL B 782 31.67 34.15 20.80
C VAL B 782 32.41 35.26 20.08
N GLU B 783 33.72 35.12 19.90
CA GLU B 783 34.50 36.15 19.22
C GLU B 783 34.13 36.26 17.75
N ALA B 784 33.70 35.16 17.13
CA ALA B 784 33.31 35.21 15.72
C ALA B 784 32.06 36.05 15.52
N LEU B 785 31.21 36.17 16.54
CA LEU B 785 30.01 36.99 16.46
C LEU B 785 30.27 38.46 16.74
N LYS B 786 31.49 38.82 17.15
CA LYS B 786 31.78 40.21 17.47
C LYS B 786 31.83 41.07 16.22
N GLU B 787 32.56 40.61 15.19
CA GLU B 787 32.68 41.40 13.97
C GLU B 787 31.51 41.13 13.02
N ARG B 788 31.14 39.86 12.85
CA ARG B 788 30.00 39.53 11.98
C ARG B 788 28.68 40.03 12.55
N PHE B 789 28.60 40.26 13.86
CA PHE B 789 27.41 40.82 14.48
C PHE B 789 27.82 41.87 15.50
N GLN B 790 27.84 41.52 16.78
CA GLN B 790 28.29 42.46 17.81
C GLN B 790 28.73 41.67 19.05
N ALA B 791 28.97 42.39 20.14
CA ALA B 791 29.60 41.83 21.33
C ALA B 791 28.61 40.98 22.12
N SER B 792 29.01 40.58 23.33
CA SER B 792 28.24 39.71 24.20
C SER B 792 27.71 40.49 25.41
N LEU B 793 27.11 39.78 26.34
CA LEU B 793 26.55 40.40 27.54
C LEU B 793 27.18 39.81 28.81
N ALA C 10 -9.53 81.86 -11.23
CA ALA C 10 -8.34 81.50 -10.48
C ALA C 10 -8.04 82.56 -9.41
N GLU C 11 -9.02 83.41 -9.14
CA GLU C 11 -8.88 84.49 -8.16
C GLU C 11 -9.88 84.27 -7.04
N LEU C 12 -9.37 84.08 -5.82
CA LEU C 12 -10.18 83.86 -4.61
C LEU C 12 -11.07 82.62 -4.72
N VAL C 13 -11.71 82.42 -5.86
CA VAL C 13 -12.48 81.20 -6.09
C VAL C 13 -11.57 79.98 -5.93
N ALA C 14 -10.33 80.08 -6.41
CA ALA C 14 -9.34 79.05 -6.23
C ALA C 14 -8.22 79.45 -5.27
N SER C 15 -8.04 80.74 -5.01
CA SER C 15 -6.99 81.16 -4.08
C SER C 15 -7.32 80.74 -2.65
N ALA C 16 -8.59 80.80 -2.26
CA ALA C 16 -8.98 80.27 -0.96
C ALA C 16 -8.90 78.74 -0.94
N LYS C 17 -9.20 78.10 -2.08
CA LYS C 17 -9.02 76.66 -2.19
C LYS C 17 -7.55 76.28 -2.31
N ALA C 18 -6.70 77.21 -2.76
CA ALA C 18 -5.27 76.94 -2.79
C ALA C 18 -4.68 76.92 -1.38
N ALA C 19 -5.16 77.81 -0.51
CA ALA C 19 -4.76 77.81 0.89
C ALA C 19 -5.53 76.81 1.73
N ILE C 20 -6.52 76.13 1.15
CA ILE C 20 -7.28 75.12 1.87
C ILE C 20 -6.64 73.75 1.73
N SER C 21 -6.37 73.32 0.49
CA SER C 21 -5.72 72.04 0.28
C SER C 21 -4.29 72.03 0.82
N GLN C 22 -3.57 73.14 0.63
CA GLN C 22 -2.21 73.24 1.16
C GLN C 22 -2.20 73.17 2.69
N ALA C 23 -3.24 73.69 3.34
CA ALA C 23 -3.33 73.57 4.78
C ALA C 23 -3.70 72.16 5.21
N SER C 24 -4.40 71.42 4.35
CA SER C 24 -4.76 70.03 4.62
C SER C 24 -3.72 69.05 4.11
N ASP C 25 -2.57 69.53 3.65
CA ASP C 25 -1.49 68.66 3.17
C ASP C 25 -0.59 68.21 4.31
N VAL C 26 0.06 69.16 4.98
CA VAL C 26 1.00 68.84 6.05
C VAL C 26 0.26 68.77 7.38
N ALA C 27 -0.83 68.00 7.42
CA ALA C 27 -1.58 67.78 8.65
C ALA C 27 -1.04 66.52 9.33
N ALA C 28 -0.32 66.71 10.45
CA ALA C 28 0.28 65.60 11.16
C ALA C 28 -0.79 64.67 11.74
N LEU C 29 -1.49 65.14 12.77
CA LEU C 29 -2.58 64.36 13.36
C LEU C 29 -3.87 64.57 12.57
N ASP C 30 -5.01 64.37 13.20
CA ASP C 30 -6.31 64.57 12.56
C ASP C 30 -6.76 66.03 12.62
N ASN C 31 -5.84 66.96 12.38
CA ASN C 31 -6.14 68.39 12.40
C ASN C 31 -6.92 68.85 11.17
N VAL C 32 -7.25 67.94 10.25
CA VAL C 32 -7.99 68.31 9.05
C VAL C 32 -9.37 68.85 9.39
N ARG C 33 -9.91 68.50 10.55
CA ARG C 33 -11.19 69.09 10.98
C ARG C 33 -11.01 70.55 11.36
N VAL C 34 -9.88 70.91 11.96
CA VAL C 34 -9.60 72.30 12.28
C VAL C 34 -9.49 73.12 10.99
N GLU C 35 -8.99 72.51 9.92
CA GLU C 35 -8.98 73.19 8.63
C GLU C 35 -10.38 73.24 8.02
N TYR C 36 -11.17 72.19 8.22
CA TYR C 36 -12.52 72.17 7.67
C TYR C 36 -13.39 73.25 8.29
N LEU C 37 -13.40 73.35 9.62
CA LEU C 37 -14.19 74.37 10.29
C LEU C 37 -13.72 75.77 9.92
N GLY C 38 -12.43 75.93 9.62
CA GLY C 38 -11.93 77.23 9.20
C GLY C 38 -12.20 77.55 7.74
N LYS C 39 -12.21 76.53 6.89
CA LYS C 39 -12.47 76.74 5.47
C LYS C 39 -13.94 76.71 5.13
N LYS C 40 -14.72 75.83 5.77
CA LYS C 40 -16.17 75.86 5.59
C LYS C 40 -16.75 77.17 6.10
N GLY C 41 -16.15 77.74 7.15
CA GLY C 41 -16.56 79.06 7.58
C GLY C 41 -16.20 80.15 6.59
N HIS C 42 -15.17 79.93 5.78
CA HIS C 42 -14.80 80.88 4.73
C HIS C 42 -15.74 80.76 3.54
N LEU C 43 -16.01 79.53 3.09
CA LEU C 43 -16.88 79.33 1.94
C LEU C 43 -18.33 79.64 2.27
N THR C 44 -18.74 79.45 3.52
CA THR C 44 -20.08 79.86 3.92
C THR C 44 -20.21 81.38 3.98
N LEU C 45 -19.14 82.06 4.40
CA LEU C 45 -19.12 83.52 4.33
C LEU C 45 -18.93 84.01 2.90
N GLN C 46 -18.45 83.15 2.00
CA GLN C 46 -18.40 83.48 0.57
C GLN C 46 -19.73 83.22 -0.11
N MET C 47 -20.60 82.40 0.48
CA MET C 47 -21.96 82.26 -0.03
C MET C 47 -22.78 83.52 0.22
N THR C 48 -22.39 84.34 1.18
CA THR C 48 -23.04 85.64 1.40
C THR C 48 -22.64 86.67 0.36
N THR C 49 -21.63 86.38 -0.47
CA THR C 49 -21.27 87.30 -1.54
C THR C 49 -22.37 87.38 -2.59
N LEU C 50 -23.12 86.28 -2.79
CA LEU C 50 -24.21 86.26 -3.75
C LEU C 50 -25.40 87.11 -3.32
N ARG C 51 -25.32 87.80 -2.18
CA ARG C 51 -26.39 88.70 -1.78
C ARG C 51 -26.58 89.82 -2.80
N GLU C 52 -25.50 90.22 -3.48
CA GLU C 52 -25.60 91.16 -4.59
C GLU C 52 -25.75 90.38 -5.89
N LEU C 53 -25.11 90.85 -6.97
CA LEU C 53 -25.08 90.20 -8.27
C LEU C 53 -26.46 90.18 -8.92
N PRO C 54 -26.55 89.98 -10.23
CA PRO C 54 -27.86 89.86 -10.88
C PRO C 54 -28.64 88.68 -10.34
N PRO C 55 -29.95 88.84 -10.09
CA PRO C 55 -30.74 87.72 -9.58
C PRO C 55 -30.87 86.56 -10.56
N GLU C 56 -30.72 86.80 -11.86
CA GLU C 56 -30.83 85.72 -12.82
C GLU C 56 -29.65 84.77 -12.74
N GLU C 57 -28.50 85.24 -12.27
CA GLU C 57 -27.30 84.42 -12.14
C GLU C 57 -26.95 84.11 -10.69
N ARG C 58 -27.85 84.40 -9.75
CA ARG C 58 -27.62 84.00 -8.37
C ARG C 58 -27.54 82.49 -8.19
N PRO C 59 -28.39 81.67 -8.82
CA PRO C 59 -28.15 80.21 -8.75
C PRO C 59 -26.88 79.80 -9.47
N ALA C 60 -26.44 80.55 -10.48
CA ALA C 60 -25.18 80.23 -11.15
C ALA C 60 -24.00 80.41 -10.19
N ALA C 61 -24.01 81.49 -9.41
CA ALA C 61 -22.98 81.67 -8.39
C ALA C 61 -23.11 80.60 -7.30
N GLY C 62 -24.32 80.16 -7.00
CA GLY C 62 -24.51 79.08 -6.03
C GLY C 62 -23.85 77.78 -6.45
N ALA C 63 -23.63 77.58 -7.74
CA ALA C 63 -22.89 76.42 -8.22
C ALA C 63 -21.38 76.66 -8.24
N VAL C 64 -20.96 77.92 -8.40
CA VAL C 64 -19.53 78.25 -8.34
C VAL C 64 -19.04 78.42 -6.92
N ILE C 65 -19.93 78.49 -5.95
CA ILE C 65 -19.52 78.56 -4.54
C ILE C 65 -19.23 77.16 -4.00
N ASN C 66 -20.14 76.22 -4.23
CA ASN C 66 -19.92 74.84 -3.86
C ASN C 66 -19.02 74.09 -4.84
N GLU C 67 -18.60 74.74 -5.93
CA GLU C 67 -17.64 74.13 -6.83
C GLU C 67 -16.30 73.93 -6.14
N ALA C 68 -15.98 74.77 -5.17
CA ALA C 68 -14.79 74.60 -4.34
C ALA C 68 -15.09 73.85 -3.05
N LYS C 69 -16.27 74.04 -2.45
CA LYS C 69 -16.61 73.31 -1.23
C LYS C 69 -16.62 71.82 -1.48
N GLU C 70 -17.13 71.39 -2.64
CA GLU C 70 -17.07 69.98 -2.99
C GLU C 70 -15.64 69.56 -3.35
N GLN C 71 -14.86 70.48 -3.90
CA GLN C 71 -13.46 70.21 -4.23
C GLN C 71 -12.54 70.27 -3.01
N VAL C 72 -13.04 70.76 -1.87
CA VAL C 72 -12.25 70.81 -0.65
C VAL C 72 -12.46 69.56 0.20
N GLN C 73 -13.72 69.18 0.42
CA GLN C 73 -14.00 67.99 1.22
C GLN C 73 -13.45 66.73 0.56
N GLN C 74 -13.31 66.74 -0.76
CA GLN C 74 -12.67 65.61 -1.43
C GLN C 74 -11.21 65.49 -1.01
N ALA C 75 -10.55 66.61 -0.75
CA ALA C 75 -9.21 66.58 -0.18
C ALA C 75 -9.23 66.27 1.32
N LEU C 76 -10.37 66.48 1.98
CA LEU C 76 -10.50 66.10 3.38
C LEU C 76 -10.50 64.58 3.52
N ASN C 77 -11.30 63.89 2.71
CA ASN C 77 -11.35 62.43 2.76
C ASN C 77 -10.06 61.81 2.27
N ALA C 78 -9.44 62.41 1.25
CA ALA C 78 -8.19 61.86 0.72
C ALA C 78 -7.07 61.93 1.75
N ARG C 79 -7.00 63.03 2.51
CA ARG C 79 -5.97 63.13 3.54
C ARG C 79 -6.28 62.24 4.74
N LYS C 80 -7.56 62.08 5.07
CA LYS C 80 -7.94 61.17 6.16
C LYS C 80 -7.59 59.73 5.82
N ALA C 81 -7.72 59.35 4.55
CA ALA C 81 -7.34 58.01 4.14
C ALA C 81 -5.83 57.79 4.26
N GLU C 82 -5.05 58.83 3.98
CA GLU C 82 -3.59 58.73 4.15
C GLU C 82 -3.23 58.51 5.61
N LEU C 83 -3.90 59.21 6.52
CA LEU C 83 -3.58 59.08 7.94
C LEU C 83 -3.98 57.72 8.48
N GLU C 84 -5.18 57.23 8.12
CA GLU C 84 -5.61 55.92 8.58
C GLU C 84 -4.80 54.80 7.95
N SER C 85 -4.34 54.98 6.71
CA SER C 85 -3.43 54.02 6.10
C SER C 85 -2.05 54.10 6.72
N ALA C 86 -1.62 55.30 7.14
CA ALA C 86 -0.32 55.43 7.80
C ALA C 86 -0.34 54.82 9.19
N ALA C 87 -1.48 54.88 9.88
CA ALA C 87 -1.58 54.26 11.19
C ALA C 87 -1.53 52.74 11.09
N LEU C 88 -2.16 52.18 10.05
CA LEU C 88 -2.10 50.73 9.84
C LEU C 88 -0.68 50.28 9.52
N ASN C 89 0.01 51.00 8.64
CA ASN C 89 1.38 50.63 8.30
C ASN C 89 2.32 50.77 9.49
N ALA C 90 2.09 51.76 10.36
CA ALA C 90 2.90 51.89 11.55
C ALA C 90 2.75 50.68 12.46
N ARG C 91 1.54 50.14 12.55
CA ARG C 91 1.34 48.94 13.36
C ARG C 91 1.92 47.71 12.69
N LEU C 92 1.81 47.63 11.35
CA LEU C 92 2.46 46.54 10.63
C LEU C 92 3.97 46.53 10.86
N ALA C 93 4.58 47.72 10.83
CA ALA C 93 6.02 47.80 11.11
C ALA C 93 6.31 47.41 12.55
N ALA C 94 5.43 47.78 13.48
CA ALA C 94 5.64 47.44 14.88
C ALA C 94 5.44 45.94 15.12
N GLU C 95 4.64 45.28 14.28
CA GLU C 95 4.36 43.86 14.41
C GLU C 95 5.37 42.99 13.66
N THR C 96 6.53 43.54 13.32
CA THR C 96 7.55 42.75 12.64
C THR C 96 8.19 41.75 13.60
N ILE C 97 8.27 40.50 13.17
CA ILE C 97 8.85 39.44 13.98
C ILE C 97 10.00 38.79 13.23
N ASP C 98 10.86 38.12 13.99
CA ASP C 98 11.96 37.34 13.42
C ASP C 98 11.40 36.00 12.99
N VAL C 99 11.13 35.86 11.69
CA VAL C 99 10.56 34.61 11.17
C VAL C 99 11.54 33.45 11.22
N SER C 100 12.82 33.71 11.46
CA SER C 100 13.81 32.64 11.56
C SER C 100 13.81 31.95 12.92
N LEU C 101 13.07 32.49 13.89
CA LEU C 101 13.02 31.87 15.21
C LEU C 101 12.34 30.50 15.12
N PRO C 102 12.77 29.55 15.94
CA PRO C 102 12.15 28.21 15.90
C PRO C 102 10.67 28.28 16.25
N GLY C 103 9.88 27.45 15.56
CA GLY C 103 8.46 27.41 15.80
C GLY C 103 8.09 26.56 17.01
N ARG C 104 6.85 26.73 17.46
CA ARG C 104 6.36 25.98 18.61
C ARG C 104 5.93 24.59 18.15
N ARG C 105 6.63 23.57 18.62
CA ARG C 105 6.30 22.20 18.28
C ARG C 105 6.98 21.27 19.27
N ILE C 106 6.42 20.08 19.40
CA ILE C 106 7.11 18.98 20.07
C ILE C 106 7.82 18.16 19.01
N GLU C 107 9.01 17.66 19.34
CA GLU C 107 9.83 16.97 18.35
C GLU C 107 9.14 15.73 17.84
N ASN C 108 9.46 15.34 16.61
CA ASN C 108 8.96 14.10 16.06
C ASN C 108 9.76 12.92 16.62
N GLY C 109 9.05 11.85 16.95
CA GLY C 109 9.69 10.60 17.30
C GLY C 109 9.90 9.74 16.08
N GLY C 110 10.55 8.60 16.29
CA GLY C 110 10.83 7.67 15.22
C GLY C 110 10.52 6.23 15.63
N LEU C 111 10.66 5.34 14.66
CA LEU C 111 10.51 3.91 14.88
C LEU C 111 11.88 3.28 15.12
N HIS C 112 11.86 2.14 15.80
CA HIS C 112 13.08 1.37 15.99
C HIS C 112 13.60 0.92 14.62
N PRO C 113 14.92 0.96 14.39
CA PRO C 113 15.43 0.54 13.07
C PRO C 113 15.02 -0.87 12.67
N VAL C 114 14.82 -1.77 13.65
CA VAL C 114 14.31 -3.10 13.33
C VAL C 114 12.88 -3.00 12.81
N THR C 115 12.08 -2.09 13.37
CA THR C 115 10.71 -1.92 12.88
C THR C 115 10.71 -1.38 11.45
N ARG C 116 11.61 -0.44 11.14
CA ARG C 116 11.72 0.04 9.77
C ARG C 116 11.99 -1.11 8.80
N THR C 117 12.90 -2.01 9.17
CA THR C 117 13.23 -3.13 8.31
C THR C 117 12.05 -4.08 8.16
N ILE C 118 11.33 -4.35 9.26
CA ILE C 118 10.18 -5.25 9.20
C ILE C 118 9.09 -4.67 8.30
N ASP C 119 8.83 -3.36 8.43
CA ASP C 119 7.77 -2.74 7.63
C ASP C 119 8.12 -2.75 6.14
N ARG C 120 9.37 -2.48 5.80
CA ARG C 120 9.78 -2.52 4.40
C ARG C 120 9.56 -3.91 3.80
N ILE C 121 9.95 -4.95 4.51
CA ILE C 121 9.84 -6.30 3.98
C ILE C 121 8.38 -6.71 3.84
N GLU C 122 7.55 -6.32 4.81
CA GLU C 122 6.12 -6.63 4.73
C GLU C 122 5.50 -6.01 3.48
N SER C 123 5.90 -4.78 3.14
CA SER C 123 5.35 -4.13 1.96
C SER C 123 5.87 -4.75 0.68
N PHE C 124 7.12 -5.23 0.68
CA PHE C 124 7.66 -5.92 -0.50
C PHE C 124 6.82 -7.15 -0.84
N PHE C 125 6.58 -8.02 0.16
CA PHE C 125 5.83 -9.24 -0.09
C PHE C 125 4.32 -9.00 -0.07
N GLY C 126 3.86 -7.92 0.58
CA GLY C 126 2.45 -7.59 0.53
C GLY C 126 1.96 -7.32 -0.88
N GLU C 127 2.82 -6.75 -1.73
CA GLU C 127 2.47 -6.54 -3.13
C GLU C 127 2.35 -7.84 -3.90
N LEU C 128 2.90 -8.93 -3.38
CA LEU C 128 2.84 -10.23 -4.02
C LEU C 128 1.71 -11.09 -3.46
N GLY C 129 0.88 -10.55 -2.57
CA GLY C 129 -0.20 -11.29 -1.98
C GLY C 129 0.11 -11.99 -0.67
N PHE C 130 1.23 -11.66 -0.04
CA PHE C 130 1.60 -12.27 1.23
C PHE C 130 0.90 -11.56 2.38
N THR C 131 0.26 -12.32 3.25
CA THR C 131 -0.44 -11.79 4.41
C THR C 131 0.41 -11.96 5.65
N VAL C 132 0.50 -10.91 6.45
CA VAL C 132 1.26 -10.97 7.71
C VAL C 132 0.47 -11.80 8.72
N ALA C 133 1.17 -12.74 9.38
CA ALA C 133 0.57 -13.59 10.39
C ALA C 133 1.47 -13.63 11.62
N THR C 134 0.86 -13.56 12.80
CA THR C 134 1.56 -13.53 14.07
C THR C 134 1.11 -14.68 14.96
N GLY C 135 1.82 -14.85 16.07
CA GLY C 135 1.49 -15.89 17.02
C GLY C 135 2.25 -15.75 18.32
N PRO C 136 1.99 -16.65 19.27
CA PRO C 136 2.62 -16.55 20.59
C PRO C 136 4.11 -16.84 20.52
N GLU C 137 4.85 -16.24 21.45
CA GLU C 137 6.29 -16.46 21.56
C GLU C 137 6.63 -17.64 22.45
N ILE C 138 5.75 -18.04 23.36
CA ILE C 138 5.87 -19.27 24.12
C ILE C 138 4.99 -20.30 23.45
N GLU C 139 5.60 -21.29 22.81
CA GLU C 139 4.88 -22.35 22.13
C GLU C 139 5.25 -23.70 22.73
N ASP C 140 4.51 -24.73 22.35
CA ASP C 140 4.75 -26.07 22.83
C ASP C 140 5.80 -26.77 21.96
N ASP C 141 6.16 -28.00 22.34
CA ASP C 141 7.16 -28.76 21.60
C ASP C 141 6.66 -29.20 20.23
N TYR C 142 5.34 -29.24 20.03
CA TYR C 142 4.78 -29.71 18.76
C TYR C 142 4.94 -28.67 17.66
N HIS C 143 4.40 -27.46 17.87
CA HIS C 143 4.37 -26.45 16.82
C HIS C 143 5.74 -25.87 16.53
N ASN C 144 6.69 -25.96 17.46
CA ASN C 144 8.02 -25.40 17.25
C ASN C 144 9.05 -26.43 16.81
N PHE C 145 8.80 -27.72 17.06
CA PHE C 145 9.77 -28.76 16.72
C PHE C 145 9.12 -29.89 15.94
N ASP C 146 8.17 -30.59 16.56
CA ASP C 146 7.61 -31.80 15.95
C ASP C 146 6.91 -31.50 14.63
N ALA C 147 6.25 -30.34 14.53
CA ALA C 147 5.57 -29.97 13.29
C ALA C 147 6.54 -29.54 12.19
N LEU C 148 7.82 -29.34 12.51
CA LEU C 148 8.83 -28.94 11.54
C LEU C 148 9.79 -30.07 11.23
N ASN C 149 9.34 -31.32 11.39
CA ASN C 149 10.17 -32.51 11.19
C ASN C 149 11.38 -32.52 12.13
N ILE C 150 11.22 -31.94 13.32
CA ILE C 150 12.28 -31.94 14.33
C ILE C 150 11.78 -32.72 15.55
N PRO C 151 11.94 -34.04 15.58
CA PRO C 151 11.49 -34.80 16.75
C PRO C 151 12.37 -34.54 17.98
N GLY C 152 12.04 -35.19 19.10
CA GLY C 152 12.81 -35.01 20.32
C GLY C 152 14.25 -35.46 20.21
N HIS C 153 14.54 -36.40 19.32
CA HIS C 153 15.89 -36.94 19.14
C HIS C 153 16.67 -36.19 18.06
N HIS C 154 16.33 -34.95 17.78
CA HIS C 154 17.01 -34.17 16.76
C HIS C 154 17.87 -33.10 17.41
N PRO C 155 19.11 -32.89 16.95
CA PRO C 155 19.98 -31.91 17.61
C PRO C 155 19.56 -30.47 17.44
N ALA C 156 18.56 -30.18 16.59
CA ALA C 156 18.09 -28.80 16.44
C ALA C 156 17.45 -28.28 17.72
N ARG C 157 16.90 -29.17 18.55
CA ARG C 157 16.38 -28.75 19.84
C ARG C 157 17.48 -28.27 20.77
N ALA C 158 18.73 -28.70 20.55
CA ALA C 158 19.88 -28.23 21.31
C ALA C 158 20.75 -27.24 20.56
N ASP C 159 20.86 -27.38 19.24
CA ASP C 159 21.66 -26.43 18.46
C ASP C 159 21.02 -25.04 18.44
N HIS C 160 19.68 -24.97 18.54
CA HIS C 160 19.00 -23.69 18.69
C HIS C 160 19.24 -23.07 20.06
N ASP C 161 19.82 -23.80 21.01
CA ASP C 161 19.97 -23.35 22.38
C ASP C 161 18.64 -22.85 22.94
N THR C 162 17.70 -23.79 23.01
CA THR C 162 16.32 -23.46 23.34
C THR C 162 16.17 -23.10 24.81
N PHE C 163 15.41 -22.05 25.07
CA PHE C 163 15.00 -21.70 26.43
C PHE C 163 13.77 -22.53 26.78
N TRP C 164 13.96 -23.56 27.60
CA TRP C 164 12.87 -24.43 28.02
C TRP C 164 12.36 -23.99 29.40
N PHE C 165 11.05 -24.12 29.59
CA PHE C 165 10.44 -23.96 30.90
C PHE C 165 10.18 -25.30 31.58
N ASP C 166 9.80 -26.32 30.80
CA ASP C 166 9.67 -27.68 31.30
C ASP C 166 10.00 -28.66 30.17
N THR C 167 9.18 -29.69 30.01
CA THR C 167 9.37 -30.67 28.95
C THR C 167 8.44 -30.43 27.76
N THR C 168 7.53 -29.47 27.85
CA THR C 168 6.61 -29.15 26.77
C THR C 168 6.68 -27.71 26.30
N ARG C 169 6.88 -26.76 27.22
CA ARG C 169 6.85 -25.35 26.90
C ARG C 169 8.27 -24.81 26.70
N LEU C 170 8.37 -23.79 25.85
CA LEU C 170 9.66 -23.22 25.49
C LEU C 170 9.45 -21.86 24.85
N LEU C 171 10.52 -21.07 24.80
CA LEU C 171 10.53 -19.86 23.99
C LEU C 171 10.84 -20.26 22.55
N ARG C 172 9.98 -19.80 21.63
CA ARG C 172 10.11 -20.23 20.25
C ARG C 172 11.44 -19.77 19.65
N THR C 173 12.03 -20.63 18.82
CA THR C 173 13.26 -20.29 18.11
C THR C 173 12.99 -19.84 16.68
N GLN C 174 11.82 -20.16 16.13
CA GLN C 174 11.39 -19.71 14.82
C GLN C 174 9.98 -19.17 14.93
N THR C 175 9.52 -18.53 13.86
CA THR C 175 8.13 -18.11 13.73
C THR C 175 7.33 -19.08 12.87
N SER C 176 7.75 -20.35 12.83
CA SER C 176 7.10 -21.33 11.97
C SER C 176 5.82 -21.89 12.58
N GLY C 177 5.67 -21.83 13.90
CA GLY C 177 4.43 -22.28 14.51
C GLY C 177 3.22 -21.53 13.99
N VAL C 178 3.41 -20.26 13.62
CA VAL C 178 2.33 -19.49 13.02
C VAL C 178 1.97 -20.05 11.65
N GLN C 179 2.98 -20.45 10.88
CA GLN C 179 2.74 -20.99 9.54
C GLN C 179 2.14 -22.39 9.62
N ILE C 180 2.41 -23.13 10.69
CA ILE C 180 1.82 -24.45 10.85
C ILE C 180 0.33 -24.35 11.15
N ARG C 181 -0.04 -23.46 12.08
CA ARG C 181 -1.45 -23.25 12.39
C ARG C 181 -2.21 -22.71 11.19
N THR C 182 -1.57 -21.87 10.38
CA THR C 182 -2.23 -21.31 9.21
C THR C 182 -2.53 -22.39 8.18
N MET C 183 -1.55 -23.25 7.89
CA MET C 183 -1.74 -24.30 6.91
C MET C 183 -2.75 -25.34 7.38
N LYS C 184 -2.91 -25.52 8.69
CA LYS C 184 -3.83 -26.52 9.19
C LYS C 184 -5.28 -26.14 8.90
N ALA C 185 -5.63 -24.88 9.16
CA ALA C 185 -7.00 -24.40 8.97
C ALA C 185 -7.21 -23.73 7.62
N GLN C 186 -6.42 -24.10 6.61
CA GLN C 186 -6.56 -23.52 5.28
C GLN C 186 -5.89 -24.37 4.20
N GLN C 187 -6.59 -24.59 3.09
CA GLN C 187 -6.00 -25.27 1.95
C GLN C 187 -5.31 -24.28 1.03
N PRO C 188 -4.41 -24.74 0.16
CA PRO C 188 -3.75 -23.82 -0.78
C PRO C 188 -4.77 -23.12 -1.66
N PRO C 189 -4.42 -21.94 -2.22
CA PRO C 189 -3.11 -21.27 -2.11
C PRO C 189 -2.84 -20.67 -0.73
N ILE C 190 -1.57 -20.66 -0.35
CA ILE C 190 -1.11 -20.10 0.91
C ILE C 190 0.06 -19.17 0.61
N ARG C 191 0.08 -18.02 1.26
CA ARG C 191 1.07 -16.98 0.94
C ARG C 191 1.13 -16.04 2.15
N ILE C 192 2.04 -16.35 3.08
CA ILE C 192 2.12 -15.62 4.34
C ILE C 192 3.57 -15.28 4.66
N ILE C 193 3.72 -14.25 5.50
CA ILE C 193 4.99 -13.91 6.12
C ILE C 193 4.76 -13.78 7.61
N ALA C 194 5.75 -14.20 8.40
CA ALA C 194 5.62 -14.29 9.85
C ALA C 194 6.77 -13.57 10.53
N PRO C 195 6.61 -12.29 10.84
CA PRO C 195 7.60 -11.60 11.67
C PRO C 195 7.31 -11.82 13.15
N GLY C 196 8.36 -11.75 13.94
CA GLY C 196 8.20 -11.93 15.38
C GLY C 196 9.54 -12.06 16.08
N ARG C 197 9.45 -12.04 17.41
CA ARG C 197 10.63 -12.18 18.26
C ARG C 197 10.90 -13.65 18.54
N VAL C 198 12.16 -14.05 18.45
CA VAL C 198 12.58 -15.41 18.71
C VAL C 198 13.75 -15.38 19.68
N TYR C 199 13.98 -16.52 20.33
CA TYR C 199 14.91 -16.60 21.46
C TYR C 199 15.86 -17.78 21.29
N ARG C 200 17.16 -17.50 21.38
CA ARG C 200 18.19 -18.52 21.35
C ARG C 200 19.24 -18.18 22.40
N ASN C 201 19.66 -19.18 23.17
CA ASN C 201 20.58 -18.98 24.28
C ASN C 201 22.00 -18.80 23.75
N ASP C 202 22.26 -17.62 23.19
CA ASP C 202 23.60 -17.26 22.73
C ASP C 202 23.78 -15.76 22.92
N TYR C 203 24.71 -15.39 23.79
CA TYR C 203 25.09 -13.99 23.99
C TYR C 203 26.59 -13.83 23.88
N ASP C 204 27.21 -14.61 22.99
CA ASP C 204 28.64 -14.51 22.75
C ASP C 204 28.95 -13.29 21.90
N GLN C 205 29.35 -13.52 20.65
CA GLN C 205 29.64 -12.46 19.70
C GLN C 205 28.57 -12.44 18.60
N THR C 206 28.17 -11.22 18.20
CA THR C 206 27.18 -10.98 17.17
C THR C 206 25.83 -11.63 17.47
N HIS C 207 25.62 -12.12 18.68
CA HIS C 207 24.41 -12.82 19.06
C HIS C 207 23.75 -12.13 20.26
N THR C 208 22.43 -12.19 20.30
CA THR C 208 21.64 -11.74 21.42
C THR C 208 20.65 -12.82 21.81
N PRO C 209 20.31 -12.94 23.10
CA PRO C 209 19.34 -13.95 23.52
C PRO C 209 17.97 -13.77 22.91
N MET C 210 17.63 -12.56 22.45
CA MET C 210 16.39 -12.28 21.76
C MET C 210 16.69 -11.49 20.49
N PHE C 211 16.01 -11.84 19.41
CA PHE C 211 16.13 -11.10 18.16
C PHE C 211 14.86 -11.31 17.37
N HIS C 212 14.78 -10.67 16.21
CA HIS C 212 13.59 -10.69 15.37
C HIS C 212 13.88 -11.46 14.08
N GLN C 213 12.95 -12.34 13.71
CA GLN C 213 13.08 -13.16 12.53
C GLN C 213 11.83 -13.01 11.67
N MET C 214 12.03 -12.87 10.36
CA MET C 214 10.95 -12.84 9.40
C MET C 214 10.99 -14.12 8.58
N GLU C 215 9.93 -14.92 8.69
CA GLU C 215 9.81 -16.15 7.92
C GLU C 215 8.66 -16.03 6.94
N GLY C 216 8.88 -16.51 5.72
CA GLY C 216 7.85 -16.49 4.70
C GLY C 216 7.51 -17.89 4.21
N LEU C 217 6.34 -18.03 3.60
CA LEU C 217 5.86 -19.34 3.16
C LEU C 217 4.84 -19.13 2.06
N ILE C 218 5.03 -19.82 0.93
CA ILE C 218 4.05 -19.86 -0.14
C ILE C 218 3.85 -21.32 -0.54
N VAL C 219 2.60 -21.72 -0.67
CA VAL C 219 2.24 -23.07 -1.11
C VAL C 219 1.22 -22.93 -2.22
N ASP C 220 1.46 -23.61 -3.34
CA ASP C 220 0.61 -23.50 -4.51
C ASP C 220 0.93 -24.67 -5.44
N THR C 221 0.41 -24.60 -6.66
CA THR C 221 0.74 -25.59 -7.68
C THR C 221 1.92 -25.11 -8.50
N ASN C 222 2.83 -26.05 -8.81
CA ASN C 222 4.00 -25.78 -9.65
C ASN C 222 4.92 -24.73 -9.05
N ILE C 223 5.04 -24.71 -7.72
CA ILE C 223 6.07 -23.91 -7.07
C ILE C 223 7.39 -24.67 -7.15
N SER C 224 8.43 -24.01 -7.66
CA SER C 224 9.68 -24.68 -7.97
C SER C 224 10.85 -23.91 -7.37
N PHE C 225 12.01 -24.55 -7.38
CA PHE C 225 13.22 -23.92 -6.85
C PHE C 225 13.60 -22.68 -7.65
N THR C 226 13.26 -22.65 -8.94
CA THR C 226 13.46 -21.45 -9.75
C THR C 226 12.64 -20.29 -9.20
N ASN C 227 11.44 -20.57 -8.69
CA ASN C 227 10.62 -19.52 -8.10
C ASN C 227 11.21 -19.04 -6.78
N LEU C 228 11.75 -19.96 -5.98
CA LEU C 228 12.45 -19.57 -4.76
C LEU C 228 13.62 -18.66 -5.07
N LYS C 229 14.36 -18.96 -6.14
CA LYS C 229 15.50 -18.12 -6.49
C LYS C 229 15.06 -16.78 -7.05
N GLY C 230 14.07 -16.77 -7.93
CA GLY C 230 13.59 -15.51 -8.48
C GLY C 230 12.99 -14.60 -7.44
N THR C 231 12.19 -15.16 -6.54
CA THR C 231 11.52 -14.32 -5.53
C THR C 231 12.52 -13.73 -4.55
N LEU C 232 13.48 -14.53 -4.10
CA LEU C 232 14.48 -14.01 -3.16
C LEU C 232 15.48 -13.08 -3.84
N HIS C 233 15.79 -13.31 -5.11
CA HIS C 233 16.61 -12.34 -5.84
C HIS C 233 15.89 -11.00 -5.96
N ASP C 234 14.60 -11.05 -6.30
CA ASP C 234 13.80 -9.83 -6.34
C ASP C 234 13.80 -9.13 -4.99
N PHE C 235 13.67 -9.89 -3.91
CA PHE C 235 13.56 -9.29 -2.58
C PHE C 235 14.85 -8.58 -2.19
N LEU C 236 15.99 -9.24 -2.36
CA LEU C 236 17.26 -8.67 -1.91
C LEU C 236 17.64 -7.44 -2.73
N ARG C 237 17.28 -7.41 -4.02
CA ARG C 237 17.59 -6.23 -4.83
C ARG C 237 16.77 -5.02 -4.39
N ASN C 238 15.53 -5.23 -3.91
CA ASN C 238 14.73 -4.13 -3.42
C ASN C 238 15.08 -3.74 -1.99
N PHE C 239 15.53 -4.70 -1.18
CA PHE C 239 15.88 -4.36 0.19
C PHE C 239 17.15 -3.51 0.25
N PHE C 240 18.16 -3.85 -0.56
CA PHE C 240 19.39 -3.08 -0.58
C PHE C 240 19.42 -2.05 -1.71
N GLU C 241 18.40 -2.04 -2.58
CA GLU C 241 18.28 -1.05 -3.65
C GLU C 241 19.55 -1.03 -4.50
N GLU C 242 19.93 -2.21 -4.98
CA GLU C 242 21.20 -2.38 -5.67
C GLU C 242 21.19 -3.72 -6.39
N ASP C 243 21.68 -3.73 -7.62
CA ASP C 243 21.80 -4.98 -8.39
C ASP C 243 23.08 -5.69 -7.93
N LEU C 244 22.99 -6.25 -6.72
CA LEU C 244 24.13 -6.81 -6.03
C LEU C 244 24.32 -8.29 -6.38
N GLN C 245 25.51 -8.79 -6.10
CA GLN C 245 25.86 -10.18 -6.38
C GLN C 245 25.26 -11.08 -5.31
N ILE C 246 24.58 -12.14 -5.75
CA ILE C 246 23.87 -13.05 -4.87
C ILE C 246 24.18 -14.48 -5.30
N ARG C 247 24.45 -15.34 -4.33
CA ARG C 247 24.67 -16.76 -4.60
C ARG C 247 23.77 -17.60 -3.72
N PHE C 248 23.30 -18.71 -4.27
CA PHE C 248 22.61 -19.74 -3.51
C PHE C 248 23.56 -20.91 -3.28
N ARG C 249 23.63 -21.38 -2.04
CA ARG C 249 24.48 -22.51 -1.74
C ARG C 249 23.70 -23.56 -0.96
N PRO C 250 24.00 -24.84 -1.18
CA PRO C 250 23.30 -25.90 -0.44
C PRO C 250 23.45 -25.72 1.07
N SER C 251 22.37 -26.02 1.78
CA SER C 251 22.37 -25.99 3.24
C SER C 251 21.37 -27.04 3.72
N TYR C 252 21.03 -26.99 5.01
CA TYR C 252 20.12 -27.96 5.58
C TYR C 252 19.20 -27.29 6.59
N PHE C 253 17.91 -27.62 6.50
CA PHE C 253 16.90 -27.27 7.47
C PHE C 253 15.94 -28.45 7.52
N PRO C 254 15.48 -28.84 8.71
CA PRO C 254 14.66 -30.06 8.82
C PRO C 254 13.30 -29.96 8.16
N PHE C 255 12.82 -28.75 7.88
CA PHE C 255 11.49 -28.54 7.34
C PHE C 255 11.50 -28.23 5.84
N THR C 256 12.66 -28.25 5.20
CA THR C 256 12.76 -28.00 3.77
C THR C 256 13.67 -29.04 3.12
N GLU C 257 13.40 -29.33 1.85
CA GLU C 257 14.22 -30.24 1.06
C GLU C 257 13.87 -30.09 -0.43
N PRO C 258 14.77 -29.54 -1.26
CA PRO C 258 16.14 -29.09 -0.96
C PRO C 258 16.18 -27.81 -0.12
N SER C 259 17.30 -27.60 0.57
CA SER C 259 17.50 -26.42 1.38
C SER C 259 18.66 -25.60 0.85
N ALA C 260 18.59 -24.28 1.04
CA ALA C 260 19.60 -23.38 0.54
C ALA C 260 19.82 -22.26 1.54
N GLU C 261 21.02 -21.67 1.48
CA GLU C 261 21.32 -20.41 2.14
C GLU C 261 21.74 -19.40 1.08
N VAL C 262 21.45 -18.13 1.34
CA VAL C 262 21.62 -17.06 0.37
C VAL C 262 22.61 -16.05 0.92
N ASP C 263 23.60 -15.69 0.11
CA ASP C 263 24.62 -14.72 0.49
C ASP C 263 24.57 -13.52 -0.45
N VAL C 264 25.02 -12.38 0.07
CA VAL C 264 25.20 -11.18 -0.74
C VAL C 264 26.66 -10.78 -0.66
N MET C 265 27.17 -10.24 -1.76
CA MET C 265 28.56 -9.80 -1.84
C MET C 265 28.66 -8.42 -1.20
N GLY C 266 29.16 -8.39 0.03
CA GLY C 266 29.30 -7.13 0.73
C GLY C 266 30.47 -6.31 0.22
N LYS C 267 30.53 -5.05 0.66
CA LYS C 267 31.62 -4.17 0.28
C LYS C 267 32.95 -4.62 0.85
N ASN C 268 32.94 -5.45 1.90
CA ASN C 268 34.16 -5.98 2.48
C ASN C 268 34.81 -7.05 1.61
N GLY C 269 34.18 -7.45 0.50
CA GLY C 269 34.72 -8.46 -0.38
C GLY C 269 34.40 -9.89 -0.03
N LYS C 270 33.71 -10.12 1.09
CA LYS C 270 33.36 -11.46 1.53
C LYS C 270 31.88 -11.72 1.32
N TRP C 271 31.50 -12.99 1.41
CA TRP C 271 30.10 -13.37 1.34
C TRP C 271 29.46 -13.25 2.72
N LEU C 272 28.24 -12.72 2.75
CA LEU C 272 27.52 -12.49 4.00
C LEU C 272 26.20 -13.24 3.95
N GLU C 273 25.99 -14.12 4.94
CA GLU C 273 24.75 -14.88 5.03
C GLU C 273 23.59 -13.94 5.39
N VAL C 274 22.50 -14.03 4.65
CA VAL C 274 21.35 -13.14 4.88
C VAL C 274 20.05 -13.93 4.96
N LEU C 275 19.99 -15.10 4.32
CA LEU C 275 18.74 -15.83 4.19
C LEU C 275 18.99 -17.33 4.24
N GLY C 276 18.07 -18.03 4.89
CA GLY C 276 17.96 -19.48 4.76
C GLY C 276 16.60 -19.81 4.16
N CYS C 277 16.57 -20.82 3.30
CA CYS C 277 15.36 -21.10 2.54
C CYS C 277 15.38 -22.53 2.03
N GLY C 278 14.33 -22.92 1.35
CA GLY C 278 14.25 -24.23 0.74
C GLY C 278 12.83 -24.55 0.31
N MET C 279 12.69 -25.69 -0.38
CA MET C 279 11.39 -26.18 -0.79
C MET C 279 10.75 -26.95 0.36
N VAL C 280 9.48 -26.63 0.66
CA VAL C 280 8.83 -27.17 1.85
C VAL C 280 8.86 -28.70 1.83
N HIS C 281 9.25 -29.29 2.95
CA HIS C 281 9.39 -30.73 3.03
C HIS C 281 8.03 -31.41 2.86
N PRO C 282 7.97 -32.56 2.19
CA PRO C 282 6.68 -33.24 2.02
C PRO C 282 6.04 -33.68 3.32
N ASN C 283 6.84 -33.96 4.36
CA ASN C 283 6.26 -34.35 5.64
C ASN C 283 5.60 -33.16 6.35
N VAL C 284 6.13 -31.95 6.14
CA VAL C 284 5.48 -30.77 6.69
C VAL C 284 4.12 -30.55 6.03
N LEU C 285 4.09 -30.66 4.70
CA LEU C 285 2.82 -30.50 3.98
C LEU C 285 1.84 -31.61 4.34
N ARG C 286 2.35 -32.83 4.53
CA ARG C 286 1.47 -33.95 4.85
C ARG C 286 0.82 -33.77 6.22
N ASN C 287 1.60 -33.33 7.21
CA ASN C 287 1.08 -33.20 8.57
C ASN C 287 0.09 -32.05 8.70
N VAL C 288 0.07 -31.12 7.75
CA VAL C 288 -0.91 -30.03 7.76
C VAL C 288 -2.03 -30.29 6.75
N GLY C 289 -2.11 -31.49 6.20
CA GLY C 289 -3.22 -31.84 5.32
C GLY C 289 -3.08 -31.35 3.90
N ILE C 290 -1.86 -31.12 3.41
CA ILE C 290 -1.63 -30.64 2.05
C ILE C 290 -0.87 -31.74 1.30
N ASP C 291 -1.29 -32.01 0.06
CA ASP C 291 -0.74 -33.12 -0.71
C ASP C 291 0.51 -32.67 -1.45
N PRO C 292 1.68 -33.26 -1.18
CA PRO C 292 2.88 -32.88 -1.94
C PRO C 292 2.86 -33.37 -3.38
N GLU C 293 2.05 -34.38 -3.70
CA GLU C 293 1.90 -34.79 -5.10
C GLU C 293 1.15 -33.75 -5.91
N VAL C 294 0.33 -32.93 -5.27
CA VAL C 294 -0.45 -31.91 -5.96
C VAL C 294 0.16 -30.53 -5.76
N TYR C 295 0.57 -30.20 -4.55
CA TYR C 295 1.09 -28.88 -4.21
C TYR C 295 2.57 -28.94 -3.87
N SER C 296 3.24 -27.81 -4.05
CA SER C 296 4.61 -27.62 -3.61
C SER C 296 4.76 -26.19 -3.11
N GLY C 297 5.87 -25.91 -2.46
CA GLY C 297 6.08 -24.57 -1.94
C GLY C 297 7.49 -24.39 -1.42
N PHE C 298 7.83 -23.14 -1.16
CA PHE C 298 9.11 -22.81 -0.55
C PHE C 298 8.89 -21.91 0.65
N ALA C 299 9.85 -21.96 1.57
CA ALA C 299 9.84 -21.13 2.76
C ALA C 299 11.21 -20.49 2.92
N PHE C 300 11.24 -19.36 3.62
CA PHE C 300 12.50 -18.64 3.83
C PHE C 300 12.48 -18.02 5.22
N GLY C 301 13.65 -17.62 5.68
CA GLY C 301 13.79 -16.99 6.98
C GLY C 301 14.99 -16.06 6.98
N MET C 302 14.93 -15.06 7.86
CA MET C 302 15.97 -14.05 7.92
C MET C 302 15.86 -13.29 9.23
N GLY C 303 17.02 -12.92 9.79
CA GLY C 303 17.05 -12.11 11.00
C GLY C 303 16.97 -10.63 10.66
N MET C 304 16.09 -9.92 11.37
CA MET C 304 15.87 -8.51 11.07
C MET C 304 17.07 -7.67 11.48
N GLU C 305 17.73 -8.03 12.59
CA GLU C 305 18.86 -7.24 13.08
C GLU C 305 20.00 -7.24 12.08
N ARG C 306 20.35 -8.41 11.54
CA ARG C 306 21.47 -8.50 10.61
C ARG C 306 21.20 -7.69 9.35
N LEU C 307 19.99 -7.83 8.79
CA LEU C 307 19.64 -7.04 7.61
C LEU C 307 19.63 -5.54 7.93
N THR C 308 19.20 -5.19 9.14
CA THR C 308 19.23 -3.78 9.56
C THR C 308 20.65 -3.26 9.65
N MET C 309 21.57 -4.09 10.17
CA MET C 309 22.97 -3.67 10.24
C MET C 309 23.55 -3.48 8.85
N LEU C 310 23.27 -4.40 7.92
CA LEU C 310 23.78 -4.28 6.56
C LEU C 310 23.16 -3.11 5.82
N ARG C 311 21.91 -2.75 6.16
CA ARG C 311 21.22 -1.70 5.42
C ARG C 311 21.65 -0.31 5.88
N TYR C 312 21.76 -0.09 7.18
CA TYR C 312 22.04 1.23 7.74
C TYR C 312 23.45 1.36 8.29
N GLY C 313 24.27 0.32 8.20
CA GLY C 313 25.64 0.41 8.67
C GLY C 313 25.81 0.38 10.18
N VAL C 314 24.94 -0.34 10.88
CA VAL C 314 25.10 -0.50 12.33
C VAL C 314 26.19 -1.52 12.60
N THR C 315 27.11 -1.18 13.51
CA THR C 315 28.28 -2.01 13.76
C THR C 315 28.05 -3.07 14.83
N ASP C 316 27.47 -2.68 15.96
CA ASP C 316 27.26 -3.58 17.09
C ASP C 316 25.79 -3.92 17.22
N LEU C 317 25.48 -5.21 17.33
CA LEU C 317 24.09 -5.64 17.40
C LEU C 317 23.46 -5.27 18.75
N ARG C 318 24.27 -5.17 19.80
CA ARG C 318 23.74 -4.90 21.14
C ARG C 318 23.10 -3.52 21.23
N SER C 319 23.47 -2.58 20.36
CA SER C 319 22.87 -1.25 20.40
C SER C 319 21.40 -1.25 19.98
N PHE C 320 20.89 -2.35 19.42
CA PHE C 320 19.47 -2.44 19.12
C PHE C 320 18.63 -2.56 20.37
N PHE C 321 19.16 -3.20 21.41
CA PHE C 321 18.41 -3.44 22.64
C PHE C 321 18.91 -2.62 23.81
N GLU C 322 19.97 -1.84 23.64
CA GLU C 322 20.31 -0.82 24.63
C GLU C 322 19.38 0.38 24.55
N ASN C 323 18.83 0.63 23.36
CA ASN C 323 17.84 1.67 23.14
C ASN C 323 18.33 3.03 23.63
N ASP C 324 19.55 3.37 23.22
CA ASP C 324 20.07 4.70 23.50
C ASP C 324 19.37 5.71 22.59
N LEU C 325 18.78 6.74 23.20
CA LEU C 325 18.01 7.71 22.43
C LEU C 325 18.84 8.38 21.36
N ARG C 326 20.13 8.60 21.61
CA ARG C 326 21.01 9.16 20.58
C ARG C 326 21.20 8.21 19.41
N PHE C 327 21.01 6.90 19.62
CA PHE C 327 21.09 5.92 18.56
C PHE C 327 19.77 5.82 17.80
N LEU C 328 18.65 5.73 18.52
CA LEU C 328 17.35 5.62 17.88
C LEU C 328 16.97 6.91 17.15
N LYS C 329 17.46 8.05 17.63
CA LYS C 329 17.15 9.33 16.99
C LYS C 329 17.62 9.38 15.55
N GLN C 330 18.64 8.60 15.20
CA GLN C 330 19.18 8.65 13.85
C GLN C 330 18.23 8.05 12.82
N PHE C 331 17.21 7.31 13.25
CA PHE C 331 16.32 6.59 12.34
C PHE C 331 14.93 7.23 12.27
N LYS C 332 14.84 8.53 12.48
CA LYS C 332 13.57 9.24 12.34
C LYS C 332 13.11 9.24 10.89
N MET D 1 34.19 -29.48 12.31
CA MET D 1 35.16 -30.34 11.66
C MET D 1 36.32 -29.54 11.07
N LYS D 2 37.53 -29.84 11.53
CA LYS D 2 38.76 -29.28 11.00
C LYS D 2 39.56 -30.38 10.32
N PHE D 3 40.26 -30.03 9.24
CA PHE D 3 41.06 -31.02 8.54
C PHE D 3 42.17 -30.33 7.77
N SER D 4 43.23 -31.10 7.50
CA SER D 4 44.36 -30.63 6.72
C SER D 4 44.01 -30.70 5.23
N GLU D 5 44.33 -29.63 4.50
CA GLU D 5 44.04 -29.63 3.06
C GLU D 5 44.92 -30.62 2.32
N LEU D 6 46.21 -30.71 2.68
CA LEU D 6 47.09 -31.67 2.03
C LEU D 6 46.62 -33.11 2.27
N TRP D 7 46.19 -33.41 3.49
CA TRP D 7 45.70 -34.75 3.78
C TRP D 7 44.46 -35.07 2.95
N LEU D 8 43.53 -34.12 2.84
CA LEU D 8 42.37 -34.30 1.97
C LEU D 8 42.81 -34.54 0.53
N ARG D 9 43.87 -33.85 0.09
CA ARG D 9 44.34 -33.99 -1.28
C ARG D 9 45.07 -35.31 -1.53
N GLU D 10 45.38 -36.07 -0.47
CA GLU D 10 45.88 -37.43 -0.65
C GLU D 10 44.77 -38.38 -1.10
N TRP D 11 43.51 -37.97 -0.97
CA TRP D 11 42.37 -38.76 -1.41
C TRP D 11 41.76 -38.25 -2.70
N VAL D 12 41.77 -36.94 -2.91
CA VAL D 12 41.30 -36.34 -4.16
C VAL D 12 42.01 -35.00 -4.30
N ASN D 13 42.68 -34.81 -5.45
CA ASN D 13 43.52 -33.64 -5.69
C ASN D 13 43.04 -32.93 -6.94
N PRO D 14 41.97 -32.15 -6.86
CA PRO D 14 41.51 -31.39 -8.03
C PRO D 14 42.51 -30.30 -8.39
N ALA D 15 42.56 -29.99 -9.69
CA ALA D 15 43.50 -29.00 -10.20
C ALA D 15 42.96 -27.58 -9.98
N ILE D 16 42.71 -27.26 -8.70
CA ILE D 16 42.27 -25.95 -8.28
C ILE D 16 43.06 -25.56 -7.03
N ASP D 17 43.13 -24.26 -6.77
CA ASP D 17 43.93 -23.77 -5.67
C ASP D 17 43.15 -23.85 -4.35
N SER D 18 43.78 -23.38 -3.27
CA SER D 18 43.19 -23.53 -1.95
C SER D 18 41.88 -22.75 -1.82
N ASP D 19 41.83 -21.54 -2.40
CA ASP D 19 40.62 -20.73 -2.30
C ASP D 19 39.47 -21.35 -3.07
N ALA D 20 39.74 -21.89 -4.27
CA ALA D 20 38.68 -22.53 -5.04
C ALA D 20 38.20 -23.81 -4.37
N LEU D 21 39.08 -24.50 -3.65
CA LEU D 21 38.67 -25.72 -2.96
C LEU D 21 37.75 -25.41 -1.78
N ALA D 22 38.14 -24.44 -0.96
CA ALA D 22 37.31 -24.05 0.19
C ALA D 22 35.94 -23.56 -0.28
N ASN D 23 35.89 -22.82 -1.39
CA ASN D 23 34.60 -22.40 -1.93
C ASN D 23 33.82 -23.60 -2.45
N GLN D 24 34.50 -24.55 -3.09
CA GLN D 24 33.84 -25.76 -3.57
C GLN D 24 33.23 -26.55 -2.42
N ILE D 25 33.92 -26.58 -1.28
CA ILE D 25 33.39 -27.27 -0.10
C ILE D 25 32.16 -26.55 0.43
N THR D 26 32.20 -25.22 0.46
CA THR D 26 31.02 -24.45 0.87
C THR D 26 29.87 -24.65 -0.11
N MET D 27 30.17 -24.74 -1.41
CA MET D 27 29.11 -24.91 -2.41
C MET D 27 28.55 -26.33 -2.43
N ALA D 28 29.07 -27.25 -1.62
CA ALA D 28 28.52 -28.58 -1.48
C ALA D 28 27.57 -28.70 -0.30
N GLY D 29 27.46 -27.64 0.51
CA GLY D 29 26.68 -27.69 1.73
C GLY D 29 27.50 -27.79 3.00
N LEU D 30 28.82 -27.70 2.89
CA LEU D 30 29.73 -27.75 4.04
C LEU D 30 30.35 -26.37 4.18
N GLU D 31 29.66 -25.50 4.91
CA GLU D 31 30.07 -24.10 5.00
C GLU D 31 31.44 -23.98 5.66
N VAL D 32 32.39 -23.37 4.95
CA VAL D 32 33.74 -23.20 5.46
C VAL D 32 33.75 -22.01 6.40
N ASP D 33 34.04 -22.26 7.68
CA ASP D 33 34.11 -21.18 8.66
C ASP D 33 35.44 -20.46 8.64
N GLY D 34 36.48 -21.05 8.08
CA GLY D 34 37.79 -20.42 8.05
C GLY D 34 38.81 -21.33 7.42
N VAL D 35 39.88 -20.70 6.94
CA VAL D 35 41.04 -21.39 6.37
C VAL D 35 42.28 -20.78 7.00
N GLU D 36 43.02 -21.58 7.76
CA GLU D 36 44.18 -21.09 8.47
C GLU D 36 45.43 -21.88 8.10
N PRO D 37 46.56 -21.21 7.93
CA PRO D 37 47.82 -21.95 7.69
C PRO D 37 48.21 -22.78 8.91
N VAL D 38 48.92 -23.88 8.64
CA VAL D 38 49.30 -24.79 9.72
C VAL D 38 50.58 -24.37 10.41
N ALA D 39 51.20 -23.26 10.01
CA ALA D 39 52.43 -22.79 10.63
C ALA D 39 52.62 -21.32 10.28
N GLY D 40 53.49 -20.67 11.03
CA GLY D 40 53.83 -19.29 10.76
C GLY D 40 54.57 -19.15 9.43
N SER D 41 54.68 -17.89 8.99
CA SER D 41 55.41 -17.58 7.77
C SER D 41 56.86 -17.30 8.10
N PHE D 42 57.77 -17.89 7.33
CA PHE D 42 59.21 -17.72 7.56
C PHE D 42 59.96 -18.35 6.39
N HIS D 43 61.27 -18.17 6.41
CA HIS D 43 62.16 -18.78 5.42
C HIS D 43 63.53 -18.97 6.06
N GLY D 44 64.37 -19.74 5.38
CA GLY D 44 65.72 -19.94 5.86
C GLY D 44 65.87 -20.88 7.03
N VAL D 45 64.89 -21.73 7.28
CA VAL D 45 64.96 -22.75 8.33
C VAL D 45 65.07 -24.11 7.65
N VAL D 46 66.13 -24.85 7.98
CA VAL D 46 66.41 -26.15 7.37
C VAL D 46 66.64 -27.17 8.48
N VAL D 47 66.68 -28.44 8.07
CA VAL D 47 66.98 -29.52 9.00
C VAL D 47 68.46 -29.45 9.39
N GLY D 48 68.76 -29.89 10.61
CA GLY D 48 70.13 -29.92 11.07
C GLY D 48 70.35 -31.07 12.02
N GLU D 49 71.63 -31.34 12.30
CA GLU D 49 72.02 -32.36 13.25
C GLU D 49 73.05 -31.79 14.20
N VAL D 50 72.81 -31.95 15.50
CA VAL D 50 73.78 -31.52 16.50
C VAL D 50 74.92 -32.52 16.53
N VAL D 51 75.98 -32.23 15.77
CA VAL D 51 77.12 -33.14 15.71
C VAL D 51 77.85 -33.20 17.05
N GLU D 52 78.02 -32.04 17.70
CA GLU D 52 78.66 -31.97 19.00
C GLU D 52 77.89 -30.99 19.87
N CYS D 53 77.90 -31.26 21.17
CA CYS D 53 77.16 -30.45 22.14
C CYS D 53 77.92 -30.45 23.45
N ALA D 54 78.25 -29.26 23.94
CA ALA D 54 79.06 -29.12 25.15
C ALA D 54 78.48 -28.00 26.02
N GLN D 55 78.96 -27.95 27.25
CA GLN D 55 78.50 -26.93 28.19
C GLN D 55 79.03 -25.55 27.81
N HIS D 56 78.17 -24.56 27.93
CA HIS D 56 78.58 -23.17 27.72
C HIS D 56 79.56 -22.77 28.82
N PRO D 57 80.78 -22.33 28.48
CA PRO D 57 81.79 -22.10 29.51
C PRO D 57 81.52 -20.90 30.41
N ASN D 58 80.54 -20.05 30.07
CA ASN D 58 80.24 -18.87 30.88
C ASN D 58 78.76 -18.73 31.19
N ALA D 59 77.95 -19.73 30.85
CA ALA D 59 76.52 -19.73 31.17
C ALA D 59 76.13 -21.12 31.63
N ASP D 60 75.43 -21.20 32.76
CA ASP D 60 75.17 -22.49 33.39
C ASP D 60 74.20 -23.33 32.56
N LYS D 61 73.08 -22.75 32.15
CA LYS D 61 72.03 -23.49 31.47
C LYS D 61 72.15 -23.46 29.94
N LEU D 62 73.16 -22.79 29.40
CA LEU D 62 73.35 -22.76 27.96
C LEU D 62 74.29 -23.87 27.50
N ARG D 63 74.28 -24.11 26.20
CA ARG D 63 75.13 -25.11 25.58
C ARG D 63 75.67 -24.57 24.26
N VAL D 64 76.89 -24.98 23.92
CA VAL D 64 77.52 -24.63 22.66
C VAL D 64 77.58 -25.89 21.80
N THR D 65 77.10 -25.79 20.56
CA THR D 65 76.94 -26.95 19.71
C THR D 65 77.58 -26.71 18.34
N LYS D 66 77.94 -27.81 17.70
CA LYS D 66 78.40 -27.83 16.31
C LYS D 66 77.29 -28.47 15.48
N VAL D 67 76.63 -27.66 14.64
CA VAL D 67 75.43 -28.08 13.92
C VAL D 67 75.78 -28.25 12.45
N ASN D 68 75.38 -29.39 11.88
CA ASN D 68 75.57 -29.69 10.47
C ASN D 68 74.26 -29.43 9.73
N VAL D 69 74.31 -28.57 8.72
CA VAL D 69 73.14 -28.28 7.88
C VAL D 69 73.43 -28.61 6.42
N GLY D 70 74.40 -29.47 6.16
CA GLY D 70 74.75 -29.83 4.80
C GLY D 70 75.56 -28.81 4.05
N GLY D 71 76.18 -27.87 4.75
CA GLY D 71 76.98 -26.84 4.13
C GLY D 71 78.44 -27.25 3.99
N ASP D 72 79.27 -26.28 3.61
CA ASP D 72 80.69 -26.52 3.46
C ASP D 72 81.40 -26.73 4.80
N ARG D 73 80.83 -26.21 5.88
CA ARG D 73 81.41 -26.40 7.21
C ARG D 73 80.29 -26.45 8.24
N LEU D 74 80.64 -26.88 9.44
CA LEU D 74 79.68 -26.95 10.53
C LEU D 74 79.45 -25.56 11.13
N LEU D 75 78.34 -25.41 11.84
CA LEU D 75 77.92 -24.14 12.38
C LEU D 75 78.11 -24.11 13.89
N ASP D 76 78.47 -22.94 14.41
CA ASP D 76 78.48 -22.69 15.85
C ASP D 76 77.15 -22.07 16.24
N ILE D 77 76.40 -22.76 17.10
CA ILE D 77 75.08 -22.28 17.52
C ILE D 77 74.95 -22.51 19.02
N VAL D 78 74.55 -21.46 19.73
CA VAL D 78 74.29 -21.53 21.16
C VAL D 78 72.81 -21.82 21.37
N CYS D 79 72.51 -22.76 22.26
CA CYS D 79 71.13 -23.13 22.54
C CYS D 79 70.98 -23.40 24.03
N GLY D 80 69.85 -22.99 24.59
CA GLY D 80 69.55 -23.20 25.99
C GLY D 80 68.41 -24.17 26.27
N ALA D 81 67.91 -24.87 25.28
CA ALA D 81 66.83 -25.82 25.51
C ALA D 81 67.36 -27.04 26.25
N PRO D 82 66.63 -27.56 27.24
CA PRO D 82 67.13 -28.70 28.02
C PRO D 82 67.16 -30.01 27.25
N ASN D 83 66.56 -30.09 26.06
CA ASN D 83 66.57 -31.31 25.28
C ASN D 83 67.63 -31.32 24.19
N CYS D 84 68.41 -30.24 24.07
CA CYS D 84 69.50 -30.19 23.09
C CYS D 84 70.59 -31.18 23.47
N ARG D 85 70.92 -32.09 22.56
CA ARG D 85 71.93 -33.11 22.83
C ARG D 85 72.62 -33.49 21.53
N GLN D 86 73.72 -34.25 21.66
CA GLN D 86 74.72 -34.55 20.64
C GLN D 86 74.20 -35.50 19.53
N GLY D 87 72.93 -35.85 19.39
CA GLY D 87 72.51 -36.69 18.29
C GLY D 87 71.19 -36.27 17.69
N LEU D 88 70.75 -35.06 18.04
CA LEU D 88 69.41 -34.61 17.73
C LEU D 88 69.32 -34.11 16.29
N ARG D 89 68.22 -34.45 15.62
CA ARG D 89 67.86 -33.83 14.34
C ARG D 89 66.93 -32.67 14.62
N VAL D 90 67.31 -31.46 14.21
CA VAL D 90 66.67 -30.24 14.67
C VAL D 90 66.34 -29.37 13.47
N ALA D 91 65.49 -28.36 13.72
CA ALA D 91 65.20 -27.32 12.74
C ALA D 91 66.12 -26.13 13.02
N VAL D 92 66.89 -25.74 12.02
CA VAL D 92 67.95 -24.74 12.18
C VAL D 92 67.56 -23.50 11.40
N ALA D 93 67.38 -22.39 12.11
CA ALA D 93 67.19 -21.09 11.49
C ALA D 93 68.57 -20.51 11.19
N THR D 94 68.99 -20.60 9.92
CA THR D 94 70.32 -20.18 9.54
C THR D 94 70.41 -18.65 9.53
N ILE D 95 71.62 -18.14 9.29
CA ILE D 95 71.82 -16.70 9.18
C ILE D 95 71.09 -16.18 7.95
N GLY D 96 70.35 -15.09 8.12
CA GLY D 96 69.52 -14.55 7.08
C GLY D 96 68.07 -14.98 7.15
N ALA D 97 67.76 -15.97 7.98
CA ALA D 97 66.38 -16.41 8.13
C ALA D 97 65.53 -15.34 8.81
N VAL D 98 64.26 -15.29 8.44
CA VAL D 98 63.30 -14.34 8.98
C VAL D 98 62.15 -15.13 9.57
N LEU D 99 62.09 -15.21 10.90
CA LEU D 99 61.05 -15.95 11.60
C LEU D 99 59.79 -15.10 11.71
N PRO D 100 58.67 -15.70 12.14
CA PRO D 100 57.44 -14.91 12.32
C PRO D 100 57.67 -13.68 13.19
N GLY D 101 57.09 -12.56 12.75
CA GLY D 101 57.34 -11.29 13.38
C GLY D 101 58.50 -10.50 12.81
N ASP D 102 58.94 -10.82 11.59
CA ASP D 102 60.11 -10.19 10.98
C ASP D 102 61.32 -10.29 11.89
N PHE D 103 61.51 -11.45 12.50
CA PHE D 103 62.62 -11.71 13.41
C PHE D 103 63.80 -12.22 12.58
N LYS D 104 64.70 -11.32 12.21
CA LYS D 104 65.83 -11.68 11.37
C LYS D 104 66.90 -12.38 12.20
N ILE D 105 67.42 -13.48 11.68
CA ILE D 105 68.47 -14.23 12.36
C ILE D 105 69.82 -13.76 11.84
N LYS D 106 70.64 -13.22 12.74
CA LYS D 106 71.96 -12.74 12.40
C LYS D 106 73.00 -13.41 13.30
N ALA D 107 74.24 -13.39 12.84
CA ALA D 107 75.33 -13.90 13.66
C ALA D 107 75.56 -12.98 14.84
N ALA D 108 75.67 -13.57 16.04
CA ALA D 108 75.88 -12.78 17.25
C ALA D 108 76.49 -13.70 18.31
N LYS D 109 76.85 -13.09 19.44
CA LYS D 109 77.39 -13.80 20.58
C LYS D 109 76.36 -13.81 21.70
N LEU D 110 76.15 -14.96 22.31
CA LEU D 110 75.25 -15.11 23.45
C LEU D 110 76.08 -15.51 24.66
N ARG D 111 76.19 -14.61 25.62
CA ARG D 111 77.00 -14.81 26.83
C ARG D 111 78.46 -15.09 26.47
N GLY D 112 78.93 -14.52 25.37
CA GLY D 112 80.32 -14.61 24.97
C GLY D 112 80.61 -15.62 23.87
N GLU D 113 79.74 -16.61 23.67
CA GLU D 113 80.07 -17.61 22.68
C GLU D 113 79.39 -17.29 21.35
N PRO D 114 80.05 -17.58 20.23
CA PRO D 114 79.46 -17.25 18.92
C PRO D 114 78.29 -18.17 18.58
N SER D 115 77.31 -17.60 17.90
CA SER D 115 76.13 -18.35 17.45
C SER D 115 75.81 -17.94 16.03
N GLU D 116 75.87 -18.89 15.10
CA GLU D 116 75.60 -18.66 13.68
C GLU D 116 74.22 -19.15 13.28
N GLY D 117 73.22 -18.94 14.12
CA GLY D 117 71.88 -19.40 13.84
C GLY D 117 71.16 -19.71 15.14
N MET D 118 70.11 -20.52 15.03
CA MET D 118 69.25 -20.80 16.16
C MET D 118 68.55 -22.13 15.93
N LEU D 119 68.39 -22.90 17.01
CA LEU D 119 67.62 -24.14 16.98
C LEU D 119 66.19 -23.85 17.41
N CYS D 120 65.24 -24.22 16.56
CA CYS D 120 63.87 -23.73 16.68
C CYS D 120 62.98 -24.70 17.45
N SER D 121 62.01 -24.12 18.15
CA SER D 121 60.89 -24.85 18.74
C SER D 121 59.66 -24.70 17.85
N PHE D 122 58.66 -25.54 18.12
CA PHE D 122 57.41 -25.44 17.38
C PHE D 122 56.76 -24.08 17.57
N SER D 123 56.86 -23.51 18.78
CA SER D 123 56.28 -22.19 19.04
C SER D 123 56.98 -21.12 18.23
N GLU D 124 58.32 -21.18 18.14
CA GLU D 124 59.05 -20.16 17.40
C GLU D 124 58.73 -20.20 15.90
N LEU D 125 58.34 -21.36 15.39
CA LEU D 125 57.95 -21.47 13.99
C LEU D 125 56.44 -21.28 13.78
N GLY D 126 55.70 -20.95 14.82
CA GLY D 126 54.27 -20.76 14.70
C GLY D 126 53.48 -22.02 14.45
N ILE D 127 54.04 -23.18 14.80
CA ILE D 127 53.36 -24.45 14.50
C ILE D 127 52.36 -24.80 15.61
N SER D 128 52.79 -24.69 16.86
CA SER D 128 51.93 -24.97 18.00
C SER D 128 52.43 -24.18 19.19
N ASP D 129 51.81 -24.41 20.35
CA ASP D 129 52.18 -23.74 21.57
C ASP D 129 53.28 -24.48 22.33
N ASP D 130 53.96 -25.42 21.68
CA ASP D 130 54.99 -26.23 22.34
C ASP D 130 56.28 -25.42 22.39
N HIS D 131 56.61 -24.89 23.57
CA HIS D 131 57.86 -24.19 23.80
C HIS D 131 58.68 -24.86 24.91
N SER D 132 58.44 -26.15 25.16
CA SER D 132 59.19 -26.87 26.18
C SER D 132 60.65 -27.08 25.78
N GLY D 133 60.91 -27.20 24.49
CA GLY D 133 62.27 -27.39 24.01
C GLY D 133 62.31 -27.23 22.51
N ILE D 134 63.45 -27.60 21.94
CA ILE D 134 63.61 -27.51 20.49
C ILE D 134 62.93 -28.70 19.81
N ILE D 135 62.63 -28.52 18.53
CA ILE D 135 61.99 -29.58 17.75
C ILE D 135 62.94 -30.75 17.59
N GLU D 136 62.44 -31.96 17.85
CA GLU D 136 63.18 -33.20 17.64
C GLU D 136 62.63 -33.89 16.41
N LEU D 137 63.44 -33.97 15.36
CA LEU D 137 63.03 -34.56 14.09
C LEU D 137 63.40 -36.04 14.05
N PRO D 138 62.77 -36.81 13.16
CA PRO D 138 63.17 -38.22 13.00
C PRO D 138 64.65 -38.35 12.61
N ALA D 139 65.23 -39.49 12.94
CA ALA D 139 66.66 -39.70 12.76
C ALA D 139 67.08 -39.71 11.30
N ASP D 140 66.14 -39.92 10.37
CA ASP D 140 66.45 -39.94 8.95
C ASP D 140 66.01 -38.66 8.24
N ALA D 141 65.92 -37.55 8.98
CA ALA D 141 65.51 -36.29 8.37
C ALA D 141 66.59 -35.80 7.43
N PRO D 142 66.25 -35.43 6.19
CA PRO D 142 67.27 -34.98 5.23
C PRO D 142 67.88 -33.65 5.68
N ILE D 143 69.21 -33.64 5.79
CA ILE D 143 69.90 -32.54 6.47
C ILE D 143 69.76 -31.24 5.70
N GLY D 144 69.86 -31.28 4.37
CA GLY D 144 69.83 -30.03 3.66
C GLY D 144 68.46 -29.48 3.32
N THR D 145 67.39 -30.17 3.70
CA THR D 145 66.05 -29.84 3.23
C THR D 145 65.41 -28.74 4.09
N ASP D 146 64.71 -27.84 3.42
CA ASP D 146 63.83 -26.88 4.10
C ASP D 146 62.80 -27.66 4.91
N ILE D 147 62.61 -27.27 6.18
CA ILE D 147 61.62 -27.95 7.00
C ILE D 147 60.21 -27.69 6.50
N ARG D 148 60.00 -26.63 5.73
CA ARG D 148 58.69 -26.42 5.10
C ARG D 148 58.38 -27.51 4.08
N GLU D 149 59.41 -28.10 3.47
CA GLU D 149 59.18 -29.25 2.59
C GLU D 149 59.13 -30.55 3.38
N TYR D 150 60.03 -30.70 4.36
CA TYR D 150 60.07 -31.95 5.12
C TYR D 150 58.87 -32.10 6.03
N LEU D 151 58.46 -31.02 6.70
CA LEU D 151 57.26 -31.05 7.54
C LEU D 151 56.01 -30.62 6.79
N LYS D 152 56.11 -30.37 5.48
CA LYS D 152 54.96 -30.02 4.64
C LYS D 152 54.14 -28.89 5.26
N LEU D 153 54.85 -27.84 5.71
CA LEU D 153 54.21 -26.74 6.41
C LEU D 153 53.44 -25.82 5.49
N ASP D 154 53.54 -25.99 4.17
CA ASP D 154 52.72 -25.24 3.23
C ASP D 154 51.38 -25.96 3.07
N ASP D 155 50.59 -25.84 4.14
CA ASP D 155 49.31 -26.54 4.26
C ASP D 155 48.33 -25.62 4.97
N ASN D 156 47.04 -25.94 4.87
CA ASN D 156 45.99 -25.16 5.50
C ASN D 156 45.09 -26.07 6.31
N THR D 157 44.64 -25.56 7.45
CA THR D 157 43.60 -26.22 8.25
C THR D 157 42.28 -25.58 7.88
N ILE D 158 41.40 -26.37 7.26
CA ILE D 158 40.09 -25.91 6.81
C ILE D 158 39.06 -26.32 7.86
N GLU D 159 38.30 -25.35 8.35
CA GLU D 159 37.24 -25.59 9.32
C GLU D 159 35.89 -25.47 8.62
N ILE D 160 35.06 -26.50 8.74
CA ILE D 160 33.76 -26.51 8.09
C ILE D 160 32.68 -26.81 9.12
N SER D 161 31.52 -26.22 8.94
CA SER D 161 30.34 -26.55 9.73
C SER D 161 29.55 -27.62 9.01
N VAL D 162 29.22 -28.70 9.72
CA VAL D 162 28.55 -29.86 9.15
C VAL D 162 27.19 -29.99 9.81
N THR D 163 26.13 -29.74 9.05
CA THR D 163 24.75 -29.84 9.54
C THR D 163 24.45 -31.28 9.95
N PRO D 164 23.36 -31.55 10.69
CA PRO D 164 23.11 -32.93 11.14
C PRO D 164 22.96 -33.94 10.00
N ASN D 165 22.33 -33.55 8.89
CA ASN D 165 22.45 -34.37 7.70
C ASN D 165 23.91 -34.36 7.24
N ARG D 166 24.24 -35.25 6.32
CA ARG D 166 25.64 -35.42 5.92
C ARG D 166 26.47 -35.88 7.12
N ALA D 167 25.98 -36.92 7.80
CA ALA D 167 26.77 -37.59 8.83
C ALA D 167 28.03 -38.21 8.25
N ASP D 168 28.10 -38.38 6.93
CA ASP D 168 29.25 -38.96 6.25
C ASP D 168 30.39 -37.98 6.10
N CYS D 169 30.18 -36.70 6.35
CA CYS D 169 31.22 -35.69 6.17
C CYS D 169 31.89 -35.30 7.48
N LEU D 170 32.11 -36.26 8.37
CA LEU D 170 32.80 -36.01 9.63
C LEU D 170 34.14 -36.74 9.69
N GLY D 171 34.74 -37.04 8.54
CA GLY D 171 36.05 -37.62 8.47
C GLY D 171 36.66 -37.29 7.12
N ILE D 172 37.95 -37.61 6.99
CA ILE D 172 38.66 -37.26 5.77
C ILE D 172 38.05 -37.96 4.56
N ILE D 173 37.76 -39.26 4.70
CA ILE D 173 37.21 -40.02 3.58
C ILE D 173 35.87 -39.43 3.13
N GLY D 174 35.07 -38.96 4.08
CA GLY D 174 33.76 -38.44 3.74
C GLY D 174 33.83 -37.12 2.98
N VAL D 175 34.63 -36.18 3.49
CA VAL D 175 34.78 -34.89 2.81
C VAL D 175 35.43 -35.08 1.45
N ALA D 176 36.44 -35.96 1.38
CA ALA D 176 37.13 -36.19 0.11
C ALA D 176 36.21 -36.85 -0.90
N ARG D 177 35.34 -37.76 -0.45
CA ARG D 177 34.40 -38.39 -1.37
C ARG D 177 33.48 -37.36 -2.01
N ASP D 178 32.95 -36.44 -1.21
CA ASP D 178 32.02 -35.44 -1.75
C ASP D 178 32.74 -34.46 -2.67
N VAL D 179 33.96 -34.07 -2.31
CA VAL D 179 34.76 -33.22 -3.19
C VAL D 179 35.06 -33.94 -4.49
N ALA D 180 35.32 -35.25 -4.43
CA ALA D 180 35.54 -36.02 -5.65
C ALA D 180 34.30 -35.99 -6.55
N VAL D 181 33.11 -36.06 -5.95
CA VAL D 181 31.88 -36.01 -6.72
C VAL D 181 31.77 -34.69 -7.47
N LEU D 182 32.04 -33.58 -6.77
CA LEU D 182 31.90 -32.26 -7.38
C LEU D 182 32.87 -32.06 -8.54
N ASN D 183 34.04 -32.67 -8.47
CA ASN D 183 35.06 -32.55 -9.51
C ASN D 183 35.00 -33.67 -10.53
N GLN D 184 34.05 -34.59 -10.40
CA GLN D 184 33.94 -35.75 -11.29
C GLN D 184 35.25 -36.53 -11.35
N LEU D 185 35.90 -36.67 -10.20
CA LEU D 185 37.16 -37.38 -10.07
C LEU D 185 36.96 -38.66 -9.27
N PRO D 186 37.80 -39.67 -9.49
CA PRO D 186 37.75 -40.86 -8.64
C PRO D 186 38.45 -40.61 -7.31
N LEU D 187 37.98 -41.31 -6.28
CA LEU D 187 38.53 -41.17 -4.95
C LEU D 187 39.72 -42.11 -4.76
N VAL D 188 40.83 -41.56 -4.30
CA VAL D 188 42.04 -42.34 -4.03
C VAL D 188 42.03 -42.78 -2.58
N GLN D 189 41.96 -44.08 -2.35
CA GLN D 189 41.88 -44.60 -1.00
C GLN D 189 43.15 -45.36 -0.64
N PRO D 190 43.61 -45.25 0.61
CA PRO D 190 44.82 -46.00 1.00
C PRO D 190 44.53 -47.48 1.11
N GLU D 191 45.56 -48.27 0.84
CA GLU D 191 45.47 -49.72 0.98
C GLU D 191 45.56 -50.06 2.47
N ILE D 192 44.46 -50.56 3.03
CA ILE D 192 44.39 -50.93 4.44
C ILE D 192 44.38 -52.45 4.49
N VAL D 193 45.54 -53.04 4.74
CA VAL D 193 45.68 -54.49 4.71
C VAL D 193 45.28 -55.05 6.07
N PRO D 194 44.43 -56.07 6.13
CA PRO D 194 44.13 -56.72 7.41
C PRO D 194 45.41 -57.20 8.07
N VAL D 195 45.42 -57.21 9.39
CA VAL D 195 46.65 -57.48 10.13
C VAL D 195 46.97 -58.97 10.13
N GLY D 196 46.01 -59.80 10.53
CA GLY D 196 46.27 -61.22 10.66
C GLY D 196 46.81 -61.55 12.04
N ALA D 197 46.04 -62.32 12.81
CA ALA D 197 46.38 -62.55 14.20
C ALA D 197 47.60 -63.45 14.33
N THR D 198 48.50 -63.09 15.24
CA THR D 198 49.62 -63.94 15.61
C THR D 198 49.39 -64.65 16.94
N ILE D 199 48.36 -64.26 17.69
CA ILE D 199 47.94 -64.95 18.90
C ILE D 199 46.44 -65.20 18.80
N ASP D 200 45.92 -66.04 19.69
CA ASP D 200 44.50 -66.35 19.72
C ASP D 200 43.79 -65.70 20.90
N ASP D 201 44.45 -64.78 21.60
CA ASP D 201 43.87 -64.14 22.77
C ASP D 201 42.56 -63.45 22.43
N THR D 202 41.51 -63.79 23.18
CA THR D 202 40.21 -63.14 23.08
C THR D 202 39.67 -62.96 24.49
N LEU D 203 38.45 -62.45 24.58
CA LEU D 203 37.66 -62.43 25.80
C LEU D 203 36.21 -62.49 25.39
N PRO D 204 35.33 -63.02 26.25
CA PRO D 204 33.91 -63.12 25.87
C PRO D 204 33.29 -61.74 25.71
N ILE D 205 32.54 -61.56 24.62
CA ILE D 205 31.80 -60.34 24.36
C ILE D 205 30.36 -60.73 24.06
N THR D 206 29.43 -60.19 24.86
CA THR D 206 28.01 -60.41 24.64
C THR D 206 27.32 -59.06 24.51
N VAL D 207 26.45 -58.94 23.51
CA VAL D 207 25.67 -57.73 23.27
C VAL D 207 24.25 -58.01 23.71
N GLU D 208 23.84 -57.38 24.82
CA GLU D 208 22.49 -57.55 25.34
C GLU D 208 21.50 -56.57 24.73
N ALA D 209 21.98 -55.50 24.07
CA ALA D 209 21.13 -54.54 23.37
C ALA D 209 21.52 -54.53 21.90
N PRO D 210 21.10 -55.55 21.13
CA PRO D 210 21.49 -55.60 19.72
C PRO D 210 20.86 -54.50 18.88
N GLU D 211 19.71 -53.96 19.30
CA GLU D 211 19.12 -52.84 18.57
C GLU D 211 19.94 -51.57 18.77
N ALA D 212 20.54 -51.39 19.94
CA ALA D 212 21.40 -50.25 20.19
C ALA D 212 22.79 -50.45 19.59
N CYS D 213 23.29 -51.69 19.59
CA CYS D 213 24.61 -52.01 19.05
C CYS D 213 24.49 -53.19 18.09
N PRO D 214 24.15 -52.92 16.82
CA PRO D 214 24.10 -54.01 15.85
C PRO D 214 25.45 -54.62 15.51
N ARG D 215 26.55 -53.93 15.80
CA ARG D 215 27.88 -54.48 15.51
C ARG D 215 28.88 -53.98 16.55
N TYR D 216 29.56 -54.91 17.20
CA TYR D 216 30.62 -54.61 18.16
C TYR D 216 31.85 -55.43 17.79
N LEU D 217 32.92 -54.75 17.38
CA LEU D 217 34.19 -55.40 17.10
C LEU D 217 35.14 -55.16 18.27
N GLY D 218 35.64 -56.25 18.85
CA GLY D 218 36.67 -56.18 19.86
C GLY D 218 37.91 -56.92 19.38
N ARG D 219 39.07 -56.47 19.86
CA ARG D 219 40.33 -57.11 19.49
C ARG D 219 41.35 -56.95 20.60
N VAL D 220 41.93 -58.07 21.01
CA VAL D 220 43.01 -58.05 21.99
C VAL D 220 44.32 -57.75 21.28
N VAL D 221 45.06 -56.77 21.79
CA VAL D 221 46.42 -56.49 21.36
C VAL D 221 47.31 -56.62 22.59
N LYS D 222 48.19 -57.62 22.59
CA LYS D 222 48.94 -58.01 23.77
C LYS D 222 50.36 -57.46 23.72
N GLY D 223 50.82 -56.94 24.86
CA GLY D 223 52.21 -56.53 25.01
C GLY D 223 52.59 -55.25 24.29
N ILE D 224 51.80 -54.20 24.47
CA ILE D 224 52.08 -52.92 23.84
C ILE D 224 52.82 -52.04 24.82
N ASN D 225 53.51 -51.03 24.28
CA ASN D 225 54.20 -50.02 25.07
C ASN D 225 53.39 -48.74 24.99
N VAL D 226 52.56 -48.47 26.01
CA VAL D 226 51.71 -47.29 25.99
C VAL D 226 52.51 -46.00 26.05
N LYS D 227 53.75 -46.06 26.55
CA LYS D 227 54.60 -44.89 26.64
C LYS D 227 55.40 -44.63 25.37
N ALA D 228 55.15 -45.41 24.31
CA ALA D 228 55.82 -45.19 23.05
C ALA D 228 55.43 -43.82 22.47
N PRO D 229 56.35 -43.15 21.80
CA PRO D 229 56.07 -41.81 21.28
C PRO D 229 55.28 -41.86 19.98
N THR D 230 54.38 -40.89 19.83
CA THR D 230 53.62 -40.77 18.59
C THR D 230 54.53 -40.21 17.49
N PRO D 231 54.61 -40.85 16.32
CA PRO D 231 55.42 -40.30 15.24
C PRO D 231 54.94 -38.90 14.84
N LEU D 232 55.87 -38.10 14.32
CA LEU D 232 55.58 -36.70 14.03
C LEU D 232 54.52 -36.56 12.93
N TRP D 233 54.51 -37.48 11.96
CA TRP D 233 53.52 -37.37 10.89
C TRP D 233 52.11 -37.53 11.41
N MET D 234 51.91 -38.41 12.39
CA MET D 234 50.60 -38.56 13.00
C MET D 234 50.27 -37.37 13.91
N LYS D 235 51.27 -36.89 14.66
CA LYS D 235 51.06 -35.71 15.50
C LYS D 235 50.60 -34.52 14.66
N GLU D 236 51.15 -34.37 13.46
CA GLU D 236 50.78 -33.23 12.63
C GLU D 236 49.38 -33.38 12.05
N LYS D 237 49.03 -34.58 11.58
CA LYS D 237 47.67 -34.77 11.06
C LYS D 237 46.63 -34.61 12.16
N LEU D 238 46.93 -35.01 13.39
CA LEU D 238 46.06 -34.71 14.51
C LEU D 238 45.92 -33.20 14.70
N ARG D 239 47.06 -32.50 14.81
CA ARG D 239 47.04 -31.07 15.10
C ARG D 239 46.30 -30.29 14.02
N ARG D 240 46.63 -30.54 12.76
CA ARG D 240 45.98 -29.83 11.67
C ARG D 240 44.49 -30.13 11.55
N CYS D 241 44.00 -31.14 12.27
CA CYS D 241 42.57 -31.41 12.36
C CYS D 241 41.97 -30.97 13.70
N GLY D 242 42.72 -30.21 14.50
CA GLY D 242 42.22 -29.66 15.74
C GLY D 242 42.33 -30.57 16.95
N ILE D 243 43.10 -31.65 16.88
CA ILE D 243 43.21 -32.61 17.97
C ILE D 243 44.64 -32.59 18.50
N ARG D 244 44.77 -32.45 19.80
CA ARG D 244 46.08 -32.44 20.45
C ARG D 244 46.57 -33.87 20.66
N SER D 245 47.89 -34.04 20.60
CA SER D 245 48.51 -35.33 20.83
C SER D 245 48.57 -35.60 22.33
N ILE D 246 48.01 -36.73 22.76
CA ILE D 246 47.97 -37.10 24.18
C ILE D 246 48.95 -38.23 24.44
N ASP D 247 48.53 -39.46 24.12
CA ASP D 247 49.40 -40.64 24.18
C ASP D 247 49.20 -41.45 22.92
N ALA D 248 50.12 -42.41 22.70
CA ALA D 248 50.17 -43.12 21.43
C ALA D 248 48.87 -43.88 21.15
N VAL D 249 48.26 -44.44 22.19
CA VAL D 249 47.09 -45.30 21.97
C VAL D 249 45.87 -44.47 21.57
N VAL D 250 45.62 -43.37 22.28
CA VAL D 250 44.48 -42.52 21.92
C VAL D 250 44.78 -41.68 20.69
N ASP D 251 46.05 -41.41 20.39
CA ASP D 251 46.38 -40.73 19.14
C ASP D 251 46.02 -41.61 17.94
N VAL D 252 46.23 -42.91 18.06
CA VAL D 252 45.88 -43.84 16.98
C VAL D 252 44.36 -43.85 16.76
N THR D 253 43.59 -44.00 17.83
CA THR D 253 42.14 -44.03 17.69
C THR D 253 41.60 -42.69 17.22
N ASN D 254 42.21 -41.58 17.65
CA ASN D 254 41.81 -40.28 17.13
C ASN D 254 42.21 -40.12 15.66
N TYR D 255 43.32 -40.72 15.25
CA TYR D 255 43.70 -40.66 13.85
C TYR D 255 42.72 -41.44 12.98
N VAL D 256 42.26 -42.60 13.44
CA VAL D 256 41.29 -43.38 12.69
C VAL D 256 39.95 -42.67 12.64
N LEU D 257 39.57 -42.01 13.75
CA LEU D 257 38.34 -41.24 13.74
C LEU D 257 38.39 -40.12 12.71
N LEU D 258 39.53 -39.44 12.59
CA LEU D 258 39.65 -38.37 11.61
C LEU D 258 39.74 -38.91 10.20
N GLU D 259 40.48 -40.01 10.02
CA GLU D 259 40.72 -40.54 8.67
C GLU D 259 39.45 -41.14 8.08
N LEU D 260 38.74 -41.96 8.87
CA LEU D 260 37.63 -42.75 8.37
C LEU D 260 36.29 -42.33 8.94
N GLY D 261 36.26 -41.44 9.93
CA GLY D 261 35.00 -41.08 10.57
C GLY D 261 34.53 -42.07 11.61
N GLN D 262 35.33 -43.08 11.94
CA GLN D 262 34.90 -44.13 12.84
C GLN D 262 35.47 -43.89 14.22
N PRO D 263 34.64 -43.70 15.25
CA PRO D 263 35.18 -43.60 16.61
C PRO D 263 35.64 -44.97 17.09
N MET D 264 36.73 -44.97 17.85
CA MET D 264 37.26 -46.17 18.45
C MET D 264 37.70 -45.86 19.88
N HIS D 265 37.82 -46.92 20.68
CA HIS D 265 38.18 -46.79 22.08
C HIS D 265 39.02 -47.97 22.49
N ALA D 266 39.95 -47.74 23.41
CA ALA D 266 40.82 -48.78 23.94
C ALA D 266 40.56 -48.92 25.43
N PHE D 267 40.20 -50.12 25.85
CA PHE D 267 40.12 -50.46 27.27
C PHE D 267 41.43 -51.07 27.73
N ASP D 268 41.65 -51.04 29.05
CA ASP D 268 42.71 -51.82 29.67
C ASP D 268 42.18 -53.24 29.85
N LYS D 269 42.75 -54.20 29.12
CA LYS D 269 42.21 -55.55 29.15
C LYS D 269 42.37 -56.19 30.52
N ASP D 270 43.45 -55.87 31.23
CA ASP D 270 43.69 -56.45 32.55
C ASP D 270 42.83 -55.83 33.64
N ARG D 271 41.98 -54.87 33.30
CA ARG D 271 40.97 -54.36 34.22
C ARG D 271 39.56 -54.74 33.82
N ILE D 272 39.41 -55.50 32.73
CA ILE D 272 38.12 -56.06 32.33
C ILE D 272 37.92 -57.37 33.09
N GLU D 273 36.86 -57.43 33.90
CA GLU D 273 36.58 -58.59 34.74
C GLU D 273 35.61 -59.51 34.00
N GLY D 274 36.07 -60.72 33.67
CA GLY D 274 35.23 -61.69 33.00
C GLY D 274 35.16 -61.50 31.50
N GLY D 275 34.39 -60.52 31.06
CA GLY D 275 34.24 -60.23 29.65
C GLY D 275 33.61 -58.87 29.46
N ILE D 276 33.20 -58.60 28.22
CA ILE D 276 32.55 -57.35 27.85
C ILE D 276 31.06 -57.61 27.65
N VAL D 277 30.22 -56.77 28.25
CA VAL D 277 28.78 -56.85 28.11
C VAL D 277 28.29 -55.50 27.60
N VAL D 278 27.73 -55.48 26.39
CA VAL D 278 27.15 -54.27 25.82
C VAL D 278 25.66 -54.32 26.14
N ARG D 279 25.23 -53.50 27.10
CA ARG D 279 23.88 -53.56 27.62
C ARG D 279 23.40 -52.16 27.96
N MET D 280 22.09 -52.03 28.14
CA MET D 280 21.53 -50.79 28.67
C MET D 280 21.93 -50.62 30.13
N ALA D 281 22.16 -49.38 30.53
CA ALA D 281 22.45 -49.10 31.93
C ALA D 281 21.23 -49.41 32.78
N LYS D 282 21.50 -49.82 34.02
CA LYS D 282 20.42 -49.95 34.99
C LYS D 282 20.01 -48.57 35.48
N GLU D 283 18.74 -48.45 35.87
CA GLU D 283 18.23 -47.17 36.33
C GLU D 283 18.96 -46.73 37.59
N GLY D 284 19.69 -45.62 37.51
CA GLY D 284 20.46 -45.11 38.61
C GLY D 284 21.89 -45.62 38.69
N GLU D 285 22.32 -46.47 37.75
CA GLU D 285 23.67 -46.99 37.78
C GLU D 285 24.68 -45.86 37.57
N THR D 286 25.70 -45.82 38.41
CA THR D 286 26.67 -44.73 38.40
C THR D 286 27.94 -45.16 37.66
N LEU D 287 28.63 -44.17 37.11
CA LEU D 287 29.88 -44.40 36.38
C LEU D 287 30.76 -43.16 36.52
N VAL D 288 32.00 -43.36 36.96
CA VAL D 288 32.96 -42.27 37.06
C VAL D 288 33.62 -42.11 35.70
N LEU D 289 33.36 -40.98 35.05
CA LEU D 289 33.82 -40.77 33.68
C LEU D 289 35.31 -40.48 33.67
N LEU D 290 35.87 -40.36 32.46
CA LEU D 290 37.29 -40.10 32.30
C LEU D 290 37.70 -38.75 32.87
N ASP D 291 36.76 -37.81 33.02
CA ASP D 291 37.05 -36.50 33.56
C ASP D 291 37.00 -36.46 35.09
N GLY D 292 36.83 -37.62 35.73
CA GLY D 292 36.76 -37.68 37.17
C GLY D 292 35.41 -37.36 37.77
N THR D 293 34.41 -37.04 36.95
CA THR D 293 33.08 -36.73 37.44
C THR D 293 32.17 -37.95 37.36
N GLU D 294 31.16 -37.97 38.21
CA GLU D 294 30.25 -39.10 38.28
C GLU D 294 29.03 -38.87 37.40
N ALA D 295 28.56 -39.93 36.75
CA ALA D 295 27.37 -39.88 35.92
C ALA D 295 26.34 -40.84 36.48
N LYS D 296 25.15 -40.32 36.79
CA LYS D 296 24.03 -41.13 37.25
C LYS D 296 23.14 -41.42 36.05
N LEU D 297 23.19 -42.65 35.56
CA LEU D 297 22.60 -42.98 34.27
C LEU D 297 21.18 -43.51 34.41
N ASN D 298 20.43 -43.38 33.33
CA ASN D 298 19.07 -43.91 33.23
C ASN D 298 19.08 -45.19 32.40
N ALA D 299 17.95 -45.91 32.45
CA ALA D 299 17.84 -47.21 31.79
C ALA D 299 17.81 -47.10 30.27
N ASP D 300 17.83 -45.90 29.70
CA ASP D 300 17.82 -45.71 28.26
C ASP D 300 19.21 -45.43 27.69
N THR D 301 20.24 -45.49 28.52
CA THR D 301 21.60 -45.15 28.13
C THR D 301 22.42 -46.42 27.94
N LEU D 302 23.04 -46.55 26.77
CA LEU D 302 23.87 -47.70 26.47
C LEU D 302 25.22 -47.59 27.15
N VAL D 303 25.66 -48.68 27.79
CA VAL D 303 26.95 -48.72 28.46
C VAL D 303 27.75 -49.90 27.94
N ILE D 304 29.07 -49.75 27.95
CA ILE D 304 30.00 -50.85 27.73
C ILE D 304 30.46 -51.30 29.11
N ALA D 305 30.01 -52.48 29.53
CA ALA D 305 30.26 -52.97 30.88
C ALA D 305 31.05 -54.26 30.83
N ASP D 306 31.51 -54.70 32.01
CA ASP D 306 32.05 -56.03 32.16
C ASP D 306 31.06 -56.88 32.97
N HIS D 307 31.54 -58.00 33.50
CA HIS D 307 30.68 -58.89 34.26
C HIS D 307 30.32 -58.37 35.64
N ASN D 308 30.88 -57.25 36.07
CA ASN D 308 30.62 -56.73 37.41
C ASN D 308 30.21 -55.27 37.44
N LYS D 309 30.73 -54.44 36.54
CA LYS D 309 30.53 -53.00 36.62
C LYS D 309 30.48 -52.39 35.23
N ALA D 310 29.97 -51.16 35.16
CA ALA D 310 29.99 -50.41 33.91
C ALA D 310 31.37 -49.80 33.68
N LEU D 311 31.81 -49.80 32.43
CA LEU D 311 33.14 -49.28 32.09
C LEU D 311 33.11 -47.97 31.35
N ALA D 312 32.09 -47.72 30.52
CA ALA D 312 32.06 -46.52 29.69
C ALA D 312 30.64 -46.28 29.21
N MET D 313 30.38 -45.04 28.80
CA MET D 313 29.13 -44.71 28.13
C MET D 313 29.27 -45.05 26.66
N GLY D 314 28.51 -46.04 26.19
CA GLY D 314 28.60 -46.54 24.83
C GLY D 314 28.61 -45.44 23.77
N GLY D 315 29.71 -45.36 23.04
CA GLY D 315 29.82 -44.40 21.95
C GLY D 315 29.81 -42.95 22.38
N ILE D 316 30.08 -42.66 23.65
CA ILE D 316 30.01 -41.29 24.15
C ILE D 316 31.29 -40.93 24.88
N PHE D 317 31.51 -41.54 26.05
CA PHE D 317 32.61 -41.16 26.91
C PHE D 317 33.14 -42.39 27.63
N GLY D 318 34.46 -42.45 27.83
CA GLY D 318 35.06 -43.55 28.52
C GLY D 318 35.13 -43.35 30.03
N GLY D 319 35.29 -44.46 30.74
CA GLY D 319 35.40 -44.42 32.19
C GLY D 319 36.79 -44.02 32.66
N GLU D 320 36.89 -43.74 33.96
CA GLU D 320 38.13 -43.22 34.51
C GLU D 320 39.20 -44.29 34.60
N HIS D 321 38.87 -45.45 35.16
CA HIS D 321 39.86 -46.48 35.44
C HIS D 321 39.87 -47.62 34.43
N SER D 322 38.87 -47.72 33.55
CA SER D 322 38.87 -48.75 32.53
C SER D 322 39.72 -48.39 31.33
N GLY D 323 40.09 -47.11 31.18
CA GLY D 323 40.86 -46.68 30.04
C GLY D 323 42.33 -47.02 30.16
N VAL D 324 43.08 -46.62 29.14
CA VAL D 324 44.52 -46.84 29.12
C VAL D 324 45.19 -45.98 30.17
N ASN D 325 46.07 -46.57 30.95
CA ASN D 325 46.83 -45.87 31.99
C ASN D 325 48.33 -46.10 31.77
N ASP D 326 49.14 -45.58 32.69
CA ASP D 326 50.59 -45.60 32.51
C ASP D 326 51.16 -47.02 32.56
N GLU D 327 50.50 -47.93 33.27
CA GLU D 327 50.99 -49.29 33.43
C GLU D 327 50.20 -50.29 32.59
N THR D 328 49.39 -49.81 31.65
CA THR D 328 48.68 -50.72 30.76
C THR D 328 49.65 -51.41 29.81
N GLN D 329 49.55 -52.74 29.71
CA GLN D 329 50.34 -53.50 28.76
C GLN D 329 49.50 -54.22 27.72
N ASN D 330 48.22 -54.49 27.98
CA ASN D 330 47.35 -55.17 27.05
C ASN D 330 46.04 -54.40 26.95
N VAL D 331 45.59 -54.16 25.73
CA VAL D 331 44.37 -53.39 25.51
C VAL D 331 43.35 -54.24 24.75
N LEU D 332 42.09 -53.84 24.86
CA LEU D 332 41.02 -54.34 24.01
C LEU D 332 40.54 -53.15 23.18
N LEU D 333 40.80 -53.21 21.88
CA LEU D 333 40.33 -52.19 20.96
C LEU D 333 38.85 -52.38 20.69
N GLU D 334 38.09 -51.29 20.77
CA GLU D 334 36.66 -51.30 20.49
C GLU D 334 36.40 -50.53 19.20
N CYS D 335 35.60 -51.13 18.31
CA CYS D 335 35.14 -50.46 17.09
C CYS D 335 33.73 -50.97 16.82
N ALA D 336 32.75 -50.08 16.92
CA ALA D 336 31.36 -50.52 16.88
C ALA D 336 30.54 -49.59 16.00
N PHE D 337 29.40 -50.11 15.55
CA PHE D 337 28.32 -49.28 15.04
C PHE D 337 27.21 -49.26 16.07
N PHE D 338 26.91 -48.08 16.59
CA PHE D 338 25.77 -47.87 17.47
C PHE D 338 24.66 -47.15 16.70
N SER D 339 23.43 -47.58 16.92
CA SER D 339 22.31 -46.94 16.26
C SER D 339 22.19 -45.49 16.73
N PRO D 340 21.98 -44.54 15.81
CA PRO D 340 21.90 -43.13 16.23
C PRO D 340 20.79 -42.85 17.22
N LEU D 341 19.63 -43.47 17.06
CA LEU D 341 18.52 -43.23 18.00
C LEU D 341 18.85 -43.72 19.40
N SER D 342 19.75 -44.70 19.53
CA SER D 342 20.15 -45.21 20.83
C SER D 342 21.22 -44.36 21.50
N ILE D 343 21.82 -43.41 20.77
CA ILE D 343 22.88 -42.58 21.32
C ILE D 343 22.44 -41.12 21.46
N THR D 344 21.54 -40.64 20.60
CA THR D 344 21.22 -39.21 20.57
C THR D 344 20.64 -38.75 21.91
N GLY D 345 21.04 -37.55 22.33
CA GLY D 345 20.53 -36.94 23.54
C GLY D 345 21.20 -37.38 24.82
N ARG D 346 21.83 -38.56 24.86
CA ARG D 346 22.41 -39.04 26.11
C ARG D 346 23.63 -38.22 26.52
N ALA D 347 24.45 -37.81 25.55
CA ALA D 347 25.62 -37.00 25.88
C ALA D 347 25.21 -35.63 26.40
N ARG D 348 24.27 -34.98 25.73
CA ARG D 348 23.83 -33.66 26.15
C ARG D 348 23.12 -33.73 27.51
N ARG D 349 22.52 -34.88 27.83
CA ARG D 349 21.88 -35.05 29.12
C ARG D 349 22.88 -34.94 30.27
N HIS D 350 24.12 -35.38 30.05
CA HIS D 350 25.16 -35.29 31.06
C HIS D 350 26.19 -34.22 30.76
N GLY D 351 25.84 -33.23 29.93
CA GLY D 351 26.76 -32.16 29.63
C GLY D 351 27.98 -32.57 28.86
N LEU D 352 27.92 -33.71 28.18
CA LEU D 352 29.04 -34.22 27.40
C LEU D 352 28.84 -33.93 25.92
N HIS D 353 29.97 -33.75 25.21
CA HIS D 353 29.94 -33.58 23.76
C HIS D 353 31.32 -33.98 23.24
N THR D 354 31.42 -35.19 22.72
CA THR D 354 32.70 -35.76 22.30
C THR D 354 32.71 -35.98 20.79
N ASP D 355 33.90 -36.26 20.27
CA ASP D 355 34.00 -36.63 18.86
C ASP D 355 33.25 -37.92 18.56
N ALA D 356 33.21 -38.84 19.51
CA ALA D 356 32.49 -40.10 19.31
C ALA D 356 30.98 -39.89 19.32
N SER D 357 30.47 -39.24 20.37
CA SER D 357 29.02 -39.02 20.49
C SER D 357 28.49 -38.21 19.32
N HIS D 358 29.24 -37.20 18.88
CA HIS D 358 28.78 -36.36 17.77
C HIS D 358 28.56 -37.18 16.52
N ARG D 359 29.43 -38.16 16.27
CA ARG D 359 29.33 -38.95 15.05
C ARG D 359 28.30 -40.07 15.18
N TYR D 360 28.24 -40.73 16.34
CA TYR D 360 27.33 -41.86 16.51
C TYR D 360 25.87 -41.42 16.48
N GLU D 361 25.55 -40.26 17.06
CA GLU D 361 24.16 -39.83 17.07
C GLU D 361 23.71 -39.32 15.70
N ARG D 362 24.65 -38.95 14.83
CA ARG D 362 24.28 -38.55 13.47
C ARG D 362 24.31 -39.73 12.49
N GLY D 363 25.25 -40.65 12.68
CA GLY D 363 25.31 -41.84 11.83
C GLY D 363 26.69 -42.18 11.35
N VAL D 364 27.25 -43.28 11.86
CA VAL D 364 28.53 -43.83 11.40
C VAL D 364 28.24 -44.92 10.38
N ASP D 365 28.97 -44.90 9.27
CA ASP D 365 28.86 -45.89 8.20
C ASP D 365 28.90 -47.30 8.78
N PRO D 366 27.83 -48.09 8.65
CA PRO D 366 27.79 -49.44 9.23
C PRO D 366 28.57 -50.48 8.43
N ALA D 367 29.23 -50.09 7.35
CA ALA D 367 30.14 -50.98 6.64
C ALA D 367 31.59 -50.60 6.84
N LEU D 368 31.90 -49.89 7.93
CA LEU D 368 33.20 -49.26 8.12
C LEU D 368 34.02 -49.87 9.25
N GLN D 369 33.40 -50.65 10.14
CA GLN D 369 34.07 -51.02 11.38
C GLN D 369 35.23 -51.98 11.17
N HIS D 370 35.13 -52.89 10.19
CA HIS D 370 36.22 -53.83 9.97
C HIS D 370 37.45 -53.12 9.40
N LYS D 371 37.27 -52.23 8.44
CA LYS D 371 38.39 -51.50 7.87
C LYS D 371 39.05 -50.62 8.93
N ALA D 372 38.24 -49.97 9.78
CA ALA D 372 38.81 -49.13 10.82
C ALA D 372 39.56 -49.95 11.87
N MET D 373 39.01 -51.09 12.26
CA MET D 373 39.69 -51.95 13.23
C MET D 373 41.04 -52.41 12.69
N GLU D 374 41.10 -52.83 11.42
CA GLU D 374 42.38 -53.24 10.85
C GLU D 374 43.34 -52.06 10.71
N ARG D 375 42.79 -50.87 10.46
CA ARG D 375 43.62 -49.67 10.37
C ARG D 375 44.24 -49.33 11.72
N ALA D 376 43.43 -49.34 12.78
CA ALA D 376 43.94 -49.01 14.11
C ALA D 376 44.88 -50.09 14.61
N THR D 377 44.59 -51.36 14.32
CA THR D 377 45.46 -52.44 14.79
C THR D 377 46.86 -52.31 14.22
N ARG D 378 46.96 -52.04 12.91
CA ARG D 378 48.28 -51.95 12.28
C ARG D 378 49.04 -50.72 12.75
N LEU D 379 48.36 -49.58 12.88
CA LEU D 379 49.02 -48.38 13.36
C LEU D 379 49.46 -48.53 14.81
N LEU D 380 48.61 -49.15 15.65
CA LEU D 380 48.96 -49.31 17.06
C LEU D 380 50.20 -50.20 17.23
N ILE D 381 50.29 -51.27 16.44
CA ILE D 381 51.43 -52.18 16.58
C ILE D 381 52.69 -51.55 15.98
N ASP D 382 52.57 -50.86 14.85
CA ASP D 382 53.73 -50.21 14.27
C ASP D 382 54.28 -49.11 15.16
N ILE D 383 53.47 -48.56 16.06
CA ILE D 383 53.89 -47.47 16.93
C ILE D 383 54.27 -47.97 18.32
N CYS D 384 53.48 -48.87 18.89
CA CYS D 384 53.66 -49.33 20.26
C CYS D 384 54.17 -50.77 20.36
N GLY D 385 54.31 -51.46 19.25
CA GLY D 385 54.65 -52.87 19.32
C GLY D 385 53.47 -53.71 19.79
N GLY D 386 53.77 -54.97 20.08
CA GLY D 386 52.76 -55.90 20.56
C GLY D 386 52.32 -56.87 19.49
N GLU D 387 51.38 -57.73 19.87
CA GLU D 387 50.84 -58.76 19.01
C GLU D 387 49.32 -58.71 19.04
N ALA D 388 48.71 -58.94 17.88
CA ALA D 388 47.26 -58.85 17.72
C ALA D 388 46.61 -60.22 17.76
N GLY D 389 45.52 -60.33 18.50
CA GLY D 389 44.68 -61.50 18.44
C GLY D 389 43.67 -61.35 17.32
N PRO D 390 42.74 -62.30 17.22
CA PRO D 390 41.72 -62.21 16.17
C PRO D 390 40.64 -61.18 16.50
N VAL D 391 40.02 -60.68 15.44
CA VAL D 391 38.90 -59.75 15.61
C VAL D 391 37.71 -60.50 16.16
N ILE D 392 37.16 -60.00 17.25
CA ILE D 392 35.94 -60.56 17.84
C ILE D 392 34.75 -59.80 17.26
N ASP D 393 33.98 -60.46 16.41
CA ASP D 393 32.90 -59.84 15.66
C ASP D 393 31.56 -60.26 16.27
N ILE D 394 30.88 -59.32 16.91
CA ILE D 394 29.52 -59.55 17.38
C ILE D 394 28.56 -58.71 16.56
N THR D 395 28.10 -59.25 15.42
CA THR D 395 27.24 -58.53 14.50
C THR D 395 25.87 -59.18 14.46
N ASN D 396 24.83 -58.37 14.62
CA ASN D 396 23.44 -58.80 14.50
C ASN D 396 22.90 -58.26 13.19
N GLU D 397 22.83 -59.11 12.17
CA GLU D 397 22.39 -58.68 10.85
C GLU D 397 20.96 -58.15 10.85
N ALA D 398 20.13 -58.59 11.79
CA ALA D 398 18.73 -58.15 11.79
C ALA D 398 18.59 -56.68 12.17
N THR D 399 19.43 -56.21 13.09
CA THR D 399 19.32 -54.82 13.56
C THR D 399 20.26 -53.87 12.82
N LEU D 400 21.10 -54.38 11.92
CA LEU D 400 21.90 -53.50 11.09
C LEU D 400 20.97 -52.68 10.18
N PRO D 401 21.24 -51.39 10.00
CA PRO D 401 20.34 -50.58 9.17
C PRO D 401 20.42 -51.00 7.71
N LYS D 402 19.29 -50.84 7.03
CA LYS D 402 19.16 -51.25 5.64
C LYS D 402 19.32 -50.05 4.71
N ARG D 403 20.07 -50.24 3.63
CA ARG D 403 20.18 -49.20 2.63
C ARG D 403 18.85 -49.04 1.91
N ALA D 404 18.39 -47.80 1.79
CA ALA D 404 17.07 -47.54 1.25
C ALA D 404 17.08 -47.58 -0.27
N THR D 405 16.02 -48.15 -0.85
CA THR D 405 15.78 -48.12 -2.29
C THR D 405 14.77 -47.02 -2.57
N ILE D 406 15.20 -45.98 -3.28
CA ILE D 406 14.42 -44.77 -3.48
C ILE D 406 14.11 -44.63 -4.96
N THR D 407 12.84 -44.34 -5.27
CA THR D 407 12.41 -44.08 -6.64
C THR D 407 12.36 -42.58 -6.87
N LEU D 408 13.11 -42.10 -7.85
CA LEU D 408 13.15 -40.69 -8.21
C LEU D 408 12.45 -40.54 -9.56
N ARG D 409 11.30 -39.88 -9.56
CA ARG D 409 10.52 -39.69 -10.77
C ARG D 409 10.94 -38.42 -11.49
N ARG D 410 10.96 -38.49 -12.83
CA ARG D 410 11.28 -37.32 -13.64
C ARG D 410 10.31 -36.17 -13.35
N SER D 411 9.03 -36.49 -13.15
CA SER D 411 8.03 -35.45 -12.93
C SER D 411 8.30 -34.68 -11.64
N LYS D 412 8.50 -35.41 -10.53
CA LYS D 412 8.79 -34.75 -9.26
C LYS D 412 10.10 -33.96 -9.34
N LEU D 413 11.09 -34.50 -10.05
CA LEU D 413 12.36 -33.79 -10.19
C LEU D 413 12.18 -32.48 -10.93
N ASP D 414 11.42 -32.50 -12.02
CA ASP D 414 11.24 -31.28 -12.82
C ASP D 414 10.30 -30.30 -12.12
N ARG D 415 9.32 -30.78 -11.35
CA ARG D 415 8.40 -29.87 -10.67
C ARG D 415 9.08 -29.15 -9.52
N LEU D 416 9.83 -29.89 -8.69
CA LEU D 416 10.45 -29.28 -7.52
C LEU D 416 11.58 -28.33 -7.90
N ILE D 417 12.32 -28.64 -8.96
CA ILE D 417 13.43 -27.79 -9.38
C ILE D 417 12.99 -26.72 -10.36
N GLY D 418 12.06 -27.05 -11.25
CA GLY D 418 11.65 -26.10 -12.27
C GLY D 418 12.64 -25.92 -13.40
N HIS D 419 13.68 -26.75 -13.45
CA HIS D 419 14.70 -26.67 -14.48
C HIS D 419 15.12 -28.09 -14.84
N HIS D 420 15.04 -28.42 -16.12
CA HIS D 420 15.32 -29.78 -16.57
C HIS D 420 16.80 -30.09 -16.50
N ILE D 421 17.14 -31.20 -15.87
CA ILE D 421 18.51 -31.72 -15.82
C ILE D 421 18.52 -33.03 -16.60
N ALA D 422 19.49 -33.19 -17.50
CA ALA D 422 19.52 -34.33 -18.41
C ALA D 422 19.51 -35.65 -17.66
N ASP D 423 18.93 -36.68 -18.30
CA ASP D 423 18.88 -38.01 -17.69
C ASP D 423 20.28 -38.52 -17.38
N GLU D 424 21.21 -38.35 -18.32
CA GLU D 424 22.57 -38.88 -18.13
C GLU D 424 23.26 -38.19 -16.95
N GLN D 425 23.01 -36.89 -16.78
CA GLN D 425 23.63 -36.18 -15.66
C GLN D 425 23.00 -36.59 -14.33
N VAL D 426 21.71 -36.90 -14.31
CA VAL D 426 21.06 -37.36 -13.09
C VAL D 426 21.61 -38.73 -12.68
N THR D 427 21.73 -39.64 -13.65
CA THR D 427 22.28 -40.96 -13.35
C THR D 427 23.75 -40.85 -12.93
N ASP D 428 24.52 -39.99 -13.61
CA ASP D 428 25.94 -39.85 -13.27
C ASP D 428 26.11 -39.32 -11.86
N ILE D 429 25.34 -38.28 -11.48
CA ILE D 429 25.46 -37.70 -10.15
C ILE D 429 25.14 -38.72 -9.08
N LEU D 430 24.01 -39.42 -9.21
CA LEU D 430 23.62 -40.38 -8.18
C LEU D 430 24.60 -41.53 -8.09
N ARG D 431 25.19 -41.95 -9.21
CA ARG D 431 26.15 -43.04 -9.18
C ARG D 431 27.48 -42.61 -8.57
N ARG D 432 27.94 -41.40 -8.89
CA ARG D 432 29.18 -40.90 -8.29
C ARG D 432 29.03 -40.71 -6.78
N LEU D 433 27.81 -40.47 -6.31
CA LEU D 433 27.55 -40.36 -4.87
C LEU D 433 27.53 -41.72 -4.17
N GLY D 434 27.54 -42.81 -4.93
CA GLY D 434 27.56 -44.15 -4.36
C GLY D 434 26.28 -44.93 -4.51
N CYS D 435 25.25 -44.37 -5.14
CA CYS D 435 24.00 -45.09 -5.30
C CYS D 435 24.12 -46.15 -6.38
N GLU D 436 23.41 -47.26 -6.17
CA GLU D 436 23.18 -48.24 -7.23
C GLU D 436 21.95 -47.79 -7.99
N VAL D 437 22.16 -47.33 -9.24
CA VAL D 437 21.12 -46.66 -10.01
C VAL D 437 20.67 -47.57 -11.15
N THR D 438 19.38 -47.88 -11.18
CA THR D 438 18.74 -48.57 -12.29
C THR D 438 17.82 -47.60 -13.00
N GLU D 439 18.09 -47.32 -14.27
CA GLU D 439 17.29 -46.39 -15.04
C GLU D 439 16.00 -47.06 -15.51
N GLY D 440 14.90 -46.31 -15.43
CA GLY D 440 13.61 -46.84 -15.82
C GLY D 440 12.81 -45.91 -16.71
N LYS D 441 11.49 -46.09 -16.75
CA LYS D 441 10.61 -45.28 -17.60
C LYS D 441 10.37 -43.94 -16.93
N ASP D 442 11.19 -42.95 -17.30
CA ASP D 442 11.11 -41.60 -16.75
C ASP D 442 11.23 -41.61 -15.23
N GLU D 443 12.06 -42.51 -14.71
CA GLU D 443 12.30 -42.58 -13.28
C GLU D 443 13.58 -43.35 -13.04
N TRP D 444 14.16 -43.12 -11.86
CA TRP D 444 15.39 -43.79 -11.44
C TRP D 444 15.10 -44.59 -10.18
N GLN D 445 15.74 -45.76 -10.08
CA GLN D 445 15.70 -46.59 -8.88
C GLN D 445 17.10 -46.59 -8.29
N ALA D 446 17.26 -45.92 -7.14
CA ALA D 446 18.56 -45.74 -6.52
C ALA D 446 18.59 -46.40 -5.15
N VAL D 447 19.64 -47.20 -4.90
CA VAL D 447 19.90 -47.77 -3.59
C VAL D 447 20.97 -46.93 -2.93
N ALA D 448 20.61 -46.29 -1.81
CA ALA D 448 21.52 -45.37 -1.15
C ALA D 448 22.75 -46.11 -0.62
N PRO D 449 23.92 -45.47 -0.64
CA PRO D 449 25.10 -46.09 -0.06
C PRO D 449 25.01 -46.16 1.47
N SER D 450 25.87 -46.99 2.04
CA SER D 450 25.76 -47.31 3.46
C SER D 450 26.09 -46.12 4.36
N TRP D 451 26.88 -45.17 3.87
CA TRP D 451 27.34 -44.07 4.71
C TRP D 451 26.37 -42.89 4.74
N ARG D 452 25.38 -42.84 3.86
CA ARG D 452 24.44 -41.73 3.81
C ARG D 452 23.27 -42.03 4.72
N PHE D 453 23.12 -41.22 5.77
CA PHE D 453 21.97 -41.30 6.68
C PHE D 453 20.91 -40.27 6.35
N ASP D 454 21.05 -39.59 5.21
CA ASP D 454 20.13 -38.55 4.76
C ASP D 454 19.53 -38.89 3.40
N MET D 455 19.41 -40.19 3.08
CA MET D 455 18.87 -40.63 1.80
C MET D 455 17.77 -41.66 2.08
N GLU D 456 16.57 -41.18 2.36
CA GLU D 456 15.43 -42.02 2.65
C GLU D 456 14.27 -41.85 1.68
N ILE D 457 14.04 -40.64 1.17
CA ILE D 457 12.87 -40.34 0.35
C ILE D 457 13.30 -39.70 -0.96
N GLU D 458 12.31 -39.50 -1.83
CA GLU D 458 12.57 -39.00 -3.18
C GLU D 458 13.17 -37.61 -3.16
N GLU D 459 12.69 -36.74 -2.26
CA GLU D 459 13.19 -35.37 -2.20
C GLU D 459 14.67 -35.33 -1.80
N ASP D 460 15.15 -36.34 -1.08
CA ASP D 460 16.58 -36.38 -0.75
C ASP D 460 17.43 -36.50 -2.01
N LEU D 461 16.96 -37.29 -2.99
CA LEU D 461 17.69 -37.39 -4.25
C LEU D 461 17.56 -36.12 -5.07
N VAL D 462 16.42 -35.43 -4.99
CA VAL D 462 16.24 -34.16 -5.67
C VAL D 462 17.29 -33.15 -5.21
N GLU D 463 17.53 -33.09 -3.90
CA GLU D 463 18.55 -32.18 -3.37
C GLU D 463 19.94 -32.59 -3.83
N GLU D 464 20.22 -33.90 -3.85
CA GLU D 464 21.54 -34.36 -4.27
C GLU D 464 21.81 -34.00 -5.73
N VAL D 465 20.82 -34.23 -6.60
CA VAL D 465 20.97 -33.85 -8.00
C VAL D 465 21.17 -32.34 -8.11
N ALA D 466 20.34 -31.57 -7.41
CA ALA D 466 20.38 -30.11 -7.55
C ALA D 466 21.69 -29.54 -7.01
N ARG D 467 22.17 -30.03 -5.87
CA ARG D 467 23.37 -29.45 -5.29
C ARG D 467 24.62 -29.80 -6.11
N VAL D 468 24.66 -30.98 -6.72
CA VAL D 468 25.82 -31.34 -7.54
C VAL D 468 25.74 -30.66 -8.89
N TYR D 469 24.53 -30.57 -9.47
CA TYR D 469 24.34 -29.78 -10.68
C TYR D 469 24.70 -28.32 -10.43
N GLY D 470 24.54 -27.84 -9.20
CA GLY D 470 24.87 -26.47 -8.86
C GLY D 470 23.64 -25.61 -8.71
N TYR D 471 23.45 -25.02 -7.53
CA TYR D 471 22.27 -24.20 -7.29
C TYR D 471 22.25 -22.98 -8.21
N ASN D 472 23.41 -22.39 -8.46
CA ASN D 472 23.48 -21.20 -9.30
C ASN D 472 23.49 -21.52 -10.79
N ASN D 473 23.45 -22.80 -11.16
CA ASN D 473 23.16 -23.19 -12.54
C ASN D 473 21.67 -23.36 -12.78
N ILE D 474 20.86 -23.17 -11.75
CA ILE D 474 19.40 -23.22 -11.86
C ILE D 474 18.91 -21.79 -12.06
N PRO D 475 18.20 -21.47 -13.14
CA PRO D 475 17.85 -20.09 -13.42
C PRO D 475 16.73 -19.58 -12.51
N ASP D 476 16.48 -18.28 -12.60
CA ASP D 476 15.41 -17.64 -11.88
C ASP D 476 14.14 -17.58 -12.73
N GLU D 477 13.00 -17.63 -12.06
CA GLU D 477 11.70 -17.52 -12.72
C GLU D 477 10.67 -17.08 -11.70
N PRO D 478 9.90 -16.03 -11.98
CA PRO D 478 8.92 -15.56 -10.99
C PRO D 478 7.83 -16.58 -10.74
N VAL D 479 7.22 -16.47 -9.56
CA VAL D 479 6.07 -17.31 -9.23
C VAL D 479 4.89 -16.92 -10.12
N GLN D 480 4.25 -17.93 -10.71
CA GLN D 480 3.05 -17.74 -11.52
C GLN D 480 1.88 -18.28 -10.70
N ALA D 481 1.09 -17.38 -10.12
CA ALA D 481 -0.02 -17.77 -9.26
C ALA D 481 -1.19 -16.82 -9.50
N SER D 482 -2.26 -17.03 -8.73
CA SER D 482 -3.45 -16.21 -8.84
C SER D 482 -3.26 -14.86 -8.14
N LEU D 483 -4.02 -13.87 -8.61
CA LEU D 483 -4.06 -12.55 -7.99
C LEU D 483 -5.39 -12.40 -7.28
N ILE D 484 -5.44 -12.91 -6.05
CA ILE D 484 -6.61 -12.81 -5.19
C ILE D 484 -6.34 -11.78 -4.10
N MET D 485 -7.34 -10.98 -3.76
CA MET D 485 -7.14 -9.84 -2.90
C MET D 485 -6.92 -10.24 -1.45
N GLY D 486 -7.80 -11.08 -0.92
CA GLY D 486 -7.83 -11.35 0.51
C GLY D 486 -8.84 -10.47 1.23
N THR D 487 -9.03 -10.78 2.50
CA THR D 487 -10.09 -10.16 3.30
C THR D 487 -9.58 -8.89 3.96
N HIS D 488 -10.26 -7.78 3.71
CA HIS D 488 -9.99 -6.51 4.35
C HIS D 488 -11.13 -6.15 5.31
N ARG D 489 -10.81 -5.39 6.34
CA ARG D 489 -11.82 -4.91 7.28
C ARG D 489 -11.49 -3.46 7.62
N GLU D 490 -12.35 -2.53 7.19
CA GLU D 490 -12.11 -1.12 7.47
C GLU D 490 -12.18 -0.82 8.95
N ALA D 491 -12.84 -1.67 9.74
CA ALA D 491 -12.93 -1.47 11.18
C ALA D 491 -11.63 -1.80 11.90
N ASP D 492 -10.64 -2.39 11.22
CA ASP D 492 -9.36 -2.65 11.85
C ASP D 492 -8.63 -1.33 12.10
N LEU D 493 -8.09 -1.19 13.31
CA LEU D 493 -7.18 -0.10 13.62
C LEU D 493 -5.76 -0.63 13.51
N SER D 494 -4.97 -0.02 12.62
CA SER D 494 -3.61 -0.48 12.40
C SER D 494 -2.73 -0.08 13.58
N LEU D 495 -1.90 -1.03 14.05
CA LEU D 495 -0.91 -0.69 15.07
C LEU D 495 0.15 0.25 14.52
N LYS D 496 0.49 0.13 13.23
CA LYS D 496 1.46 1.04 12.63
C LYS D 496 0.91 2.46 12.57
N ARG D 497 -0.40 2.62 12.39
CA ARG D 497 -1.00 3.95 12.44
C ARG D 497 -0.89 4.54 13.84
N VAL D 498 -1.06 3.72 14.87
CA VAL D 498 -0.98 4.19 16.25
C VAL D 498 0.46 4.56 16.59
N LYS D 499 1.44 3.78 16.12
CA LYS D 499 2.83 4.14 16.33
C LYS D 499 3.16 5.46 15.62
N THR D 500 2.57 5.68 14.44
CA THR D 500 2.80 6.92 13.73
C THR D 500 2.28 8.11 14.51
N LEU D 501 1.13 7.95 15.17
CA LEU D 501 0.58 9.04 15.98
C LEU D 501 1.49 9.33 17.18
N LEU D 502 1.98 8.28 17.84
CA LEU D 502 2.89 8.50 18.98
C LEU D 502 4.17 9.18 18.53
N ASN D 503 4.70 8.82 17.36
CA ASN D 503 5.84 9.55 16.82
C ASN D 503 5.50 11.01 16.61
N ASP D 504 4.31 11.29 16.07
CA ASP D 504 3.84 12.66 15.86
C ASP D 504 3.41 13.34 17.15
N LYS D 505 3.49 12.65 18.29
CA LYS D 505 3.26 13.25 19.60
C LYS D 505 4.52 13.30 20.44
N GLY D 506 5.69 13.03 19.84
CA GLY D 506 6.95 13.15 20.54
C GLY D 506 7.47 11.89 21.19
N TYR D 507 7.07 10.71 20.70
CA TYR D 507 7.48 9.44 21.29
C TYR D 507 8.40 8.69 20.33
N GLN D 508 9.47 8.12 20.88
CA GLN D 508 10.40 7.28 20.14
C GLN D 508 10.13 5.81 20.49
N GLU D 509 10.12 4.96 19.47
CA GLU D 509 9.89 3.54 19.70
C GLU D 509 11.15 2.89 20.27
N VAL D 510 10.95 1.97 21.21
CA VAL D 510 12.03 1.15 21.76
C VAL D 510 11.59 -0.30 21.74
N ILE D 511 12.56 -1.19 21.81
CA ILE D 511 12.33 -2.63 21.87
C ILE D 511 13.22 -3.19 22.98
N THR D 512 12.60 -3.70 24.04
CA THR D 512 13.32 -4.24 25.19
C THR D 512 13.20 -5.76 25.23
N TYR D 513 14.05 -6.38 26.03
CA TYR D 513 14.06 -7.83 26.15
C TYR D 513 12.79 -8.33 26.83
N SER D 514 12.27 -9.47 26.34
CA SER D 514 11.05 -10.03 26.89
C SER D 514 11.27 -10.61 28.28
N PHE D 515 12.49 -11.06 28.59
CA PHE D 515 12.84 -11.49 29.93
C PHE D 515 13.60 -10.38 30.63
N VAL D 516 13.26 -10.14 31.90
CA VAL D 516 13.77 -9.03 32.67
C VAL D 516 14.29 -9.53 34.02
N ASP D 517 14.78 -8.60 34.82
CA ASP D 517 15.25 -8.90 36.16
C ASP D 517 14.06 -9.02 37.10
N PRO D 518 13.82 -10.18 37.71
CA PRO D 518 12.71 -10.29 38.66
C PRO D 518 12.87 -9.40 39.87
N LYS D 519 14.10 -9.12 40.30
CA LYS D 519 14.31 -8.21 41.43
C LYS D 519 13.80 -6.81 41.12
N VAL D 520 13.91 -6.38 39.86
CA VAL D 520 13.38 -5.08 39.47
C VAL D 520 11.88 -5.16 39.22
N GLN D 521 11.42 -6.27 38.61
CA GLN D 521 10.00 -6.41 38.33
C GLN D 521 9.19 -6.57 39.61
N GLN D 522 9.79 -7.17 40.65
CA GLN D 522 9.11 -7.28 41.93
C GLN D 522 8.92 -5.90 42.57
N MET D 523 9.79 -4.93 42.25
CA MET D 523 9.57 -3.57 42.73
C MET D 523 8.40 -2.92 42.04
N ILE D 524 8.14 -3.26 40.78
CA ILE D 524 7.02 -2.67 40.04
C ILE D 524 5.74 -3.47 40.25
N HIS D 525 5.84 -4.80 40.33
CA HIS D 525 4.69 -5.67 40.55
C HIS D 525 5.02 -6.59 41.72
N PRO D 526 4.92 -6.10 42.95
CA PRO D 526 5.27 -6.92 44.11
C PRO D 526 4.26 -8.05 44.33
N GLY D 527 4.78 -9.22 44.71
CA GLY D 527 3.97 -10.37 45.01
C GLY D 527 3.45 -11.13 43.80
N VAL D 528 3.63 -10.60 42.60
CA VAL D 528 3.15 -11.26 41.39
C VAL D 528 4.25 -12.19 40.90
N GLU D 529 4.01 -13.50 41.00
CA GLU D 529 4.98 -14.49 40.55
C GLU D 529 4.98 -14.56 39.02
N ALA D 530 6.13 -14.36 38.42
CA ALA D 530 6.29 -14.41 36.97
C ALA D 530 6.91 -15.75 36.57
N LEU D 531 6.63 -16.15 35.32
CA LEU D 531 7.20 -17.38 34.78
C LEU D 531 8.70 -17.21 34.62
N LEU D 532 9.47 -17.94 35.42
CA LEU D 532 10.92 -17.82 35.41
C LEU D 532 11.54 -18.81 34.42
N LEU D 533 12.77 -18.51 34.02
CA LEU D 533 13.49 -19.33 33.06
C LEU D 533 14.44 -20.25 33.80
N PRO D 534 14.21 -21.56 33.81
CA PRO D 534 15.22 -22.49 34.34
C PRO D 534 16.45 -22.49 33.44
N SER D 535 17.62 -22.32 34.04
CA SER D 535 18.89 -22.18 33.32
C SER D 535 18.81 -21.04 32.32
N PRO D 536 18.75 -19.78 32.79
CA PRO D 536 18.63 -18.66 31.85
C PRO D 536 19.99 -18.13 31.41
N ILE D 537 19.98 -17.11 30.54
CA ILE D 537 21.22 -16.45 30.17
C ILE D 537 21.79 -15.70 31.36
N SER D 538 20.94 -15.19 32.24
CA SER D 538 21.35 -14.49 33.45
C SER D 538 20.15 -14.40 34.38
N VAL D 539 20.42 -14.16 35.66
CA VAL D 539 19.32 -13.93 36.59
C VAL D 539 18.69 -12.56 36.34
N GLU D 540 19.46 -11.62 35.79
CA GLU D 540 18.91 -10.31 35.43
C GLU D 540 18.05 -10.38 34.17
N MET D 541 18.00 -11.53 33.50
CA MET D 541 17.16 -11.74 32.33
C MET D 541 16.51 -13.11 32.40
N SER D 542 15.90 -13.42 33.55
CA SER D 542 15.33 -14.73 33.80
C SER D 542 13.83 -14.73 34.02
N ALA D 543 13.20 -13.56 34.11
CA ALA D 543 11.76 -13.47 34.39
C ALA D 543 11.04 -12.95 33.15
N MET D 544 10.10 -13.74 32.65
CA MET D 544 9.24 -13.26 31.57
C MET D 544 8.44 -12.07 32.05
N ARG D 545 8.41 -11.01 31.24
CA ARG D 545 7.85 -9.75 31.69
C ARG D 545 6.33 -9.85 31.88
N LEU D 546 5.86 -9.43 33.06
CA LEU D 546 4.43 -9.32 33.30
C LEU D 546 3.83 -8.08 32.67
N SER D 547 4.66 -7.12 32.32
CA SER D 547 4.26 -5.90 31.64
C SER D 547 5.48 -5.36 30.90
N LEU D 548 5.31 -4.23 30.23
CA LEU D 548 6.42 -3.62 29.52
C LEU D 548 7.09 -2.52 30.34
N TRP D 549 6.63 -2.27 31.56
CA TRP D 549 7.15 -1.15 32.35
C TRP D 549 8.57 -1.41 32.84
N THR D 550 8.92 -2.66 33.13
CA THR D 550 10.26 -2.97 33.62
C THR D 550 11.31 -2.61 32.58
N GLY D 551 11.07 -3.00 31.32
CA GLY D 551 12.00 -2.64 30.27
C GLY D 551 11.98 -1.17 29.90
N LEU D 552 10.78 -0.57 29.89
CA LEU D 552 10.66 0.85 29.57
C LEU D 552 11.37 1.70 30.61
N LEU D 553 11.13 1.43 31.89
CA LEU D 553 11.78 2.20 32.94
C LEU D 553 13.29 1.96 32.96
N ALA D 554 13.73 0.75 32.64
CA ALA D 554 15.16 0.49 32.52
C ALA D 554 15.76 1.31 31.39
N THR D 555 15.01 1.47 30.29
CA THR D 555 15.47 2.33 29.20
C THR D 555 15.54 3.79 29.63
N VAL D 556 14.61 4.22 30.49
CA VAL D 556 14.63 5.58 31.01
C VAL D 556 15.88 5.81 31.84
N VAL D 557 16.16 4.89 32.77
CA VAL D 557 17.35 5.02 33.61
C VAL D 557 18.61 4.92 32.77
N TYR D 558 18.59 4.06 31.75
CA TYR D 558 19.75 3.93 30.87
C TYR D 558 20.10 5.25 30.20
N ASN D 559 19.09 5.95 29.67
CA ASN D 559 19.34 7.21 29.00
C ASN D 559 19.61 8.36 29.97
N GLN D 560 18.99 8.33 31.15
CA GLN D 560 19.25 9.36 32.14
C GLN D 560 20.69 9.29 32.67
N ASN D 561 21.26 8.08 32.73
CA ASN D 561 22.66 7.96 33.11
C ASN D 561 23.60 8.52 32.06
N ARG D 562 23.11 8.75 30.85
CA ARG D 562 23.90 9.37 29.78
C ARG D 562 23.49 10.82 29.55
N GLN D 563 23.06 11.51 30.61
CA GLN D 563 22.77 12.95 30.56
C GLN D 563 21.59 13.27 29.65
N GLN D 564 20.52 12.49 29.78
CA GLN D 564 19.28 12.72 29.01
C GLN D 564 18.11 12.53 29.97
N ASN D 565 17.64 13.64 30.55
CA ASN D 565 16.53 13.56 31.50
C ASN D 565 15.20 13.34 30.79
N ARG D 566 14.97 14.03 29.67
CA ARG D 566 13.70 13.99 28.97
C ARG D 566 13.65 12.74 28.09
N VAL D 567 12.82 11.77 28.47
CA VAL D 567 12.67 10.51 27.75
C VAL D 567 11.19 10.27 27.51
N ARG D 568 10.81 10.14 26.24
CA ARG D 568 9.42 9.86 25.84
C ARG D 568 9.46 8.71 24.85
N ILE D 569 9.11 7.51 25.31
CA ILE D 569 9.27 6.31 24.51
C ILE D 569 8.02 5.45 24.62
N PHE D 570 7.87 4.54 23.66
CA PHE D 570 6.80 3.56 23.67
C PHE D 570 7.32 2.24 23.12
N GLU D 571 6.61 1.16 23.43
CA GLU D 571 6.98 -0.16 22.95
C GLU D 571 5.72 -1.00 22.80
N SER D 572 5.66 -1.79 21.74
CA SER D 572 4.64 -2.81 21.55
C SER D 572 5.27 -4.18 21.69
N GLY D 573 4.57 -5.09 22.36
CA GLY D 573 5.08 -6.42 22.56
C GLY D 573 4.22 -7.20 23.54
N LEU D 574 4.50 -8.50 23.60
CA LEU D 574 3.70 -9.38 24.44
C LEU D 574 4.11 -9.28 25.90
N ARG D 575 3.11 -9.44 26.77
CA ARG D 575 3.33 -9.71 28.19
C ARG D 575 3.04 -11.18 28.46
N PHE D 576 3.56 -11.67 29.58
CA PHE D 576 3.44 -13.08 29.94
C PHE D 576 2.96 -13.16 31.39
N VAL D 577 1.67 -13.44 31.55
CA VAL D 577 1.03 -13.51 32.86
C VAL D 577 0.57 -14.95 33.09
N PRO D 578 1.02 -15.62 34.15
CA PRO D 578 0.56 -16.99 34.41
C PRO D 578 -0.95 -17.04 34.64
N ASP D 579 -1.60 -17.99 33.97
CA ASP D 579 -3.05 -18.14 34.06
C ASP D 579 -3.38 -19.61 33.81
N THR D 580 -3.98 -20.26 34.82
CA THR D 580 -4.29 -21.68 34.69
C THR D 580 -5.34 -21.93 33.61
N GLN D 581 -6.19 -20.94 33.32
CA GLN D 581 -7.20 -21.06 32.29
C GLN D 581 -6.70 -20.68 30.91
N ALA D 582 -5.43 -20.26 30.79
CA ALA D 582 -4.82 -19.87 29.53
C ALA D 582 -4.03 -21.03 28.93
N PRO D 583 -3.90 -21.08 27.60
CA PRO D 583 -3.13 -22.16 26.98
C PRO D 583 -1.69 -22.16 27.49
N LEU D 584 -1.19 -23.37 27.76
CA LEU D 584 0.15 -23.58 28.32
C LEU D 584 0.31 -22.92 29.69
N GLY D 585 -0.79 -22.63 30.38
CA GLY D 585 -0.73 -22.00 31.67
C GLY D 585 -0.19 -20.59 31.68
N ILE D 586 -0.03 -19.96 30.52
CA ILE D 586 0.52 -18.62 30.41
C ILE D 586 -0.30 -17.85 29.38
N ARG D 587 -0.78 -16.67 29.75
CA ARG D 587 -1.53 -15.82 28.84
C ARG D 587 -0.58 -14.81 28.21
N GLN D 588 -0.55 -14.80 26.88
CA GLN D 588 0.34 -13.93 26.12
C GLN D 588 -0.52 -12.89 25.41
N ASP D 589 -0.47 -11.65 25.90
CA ASP D 589 -1.28 -10.55 25.38
C ASP D 589 -0.37 -9.50 24.75
N LEU D 590 -0.72 -9.07 23.55
CA LEU D 590 0.03 -8.00 22.90
C LEU D 590 -0.32 -6.67 23.57
N MET D 591 0.71 -6.00 24.08
CA MET D 591 0.53 -4.75 24.82
C MET D 591 1.16 -3.60 24.06
N LEU D 592 0.65 -2.39 24.32
CA LEU D 592 1.23 -1.14 23.85
C LEU D 592 1.46 -0.27 25.08
N ALA D 593 2.72 -0.03 25.42
CA ALA D 593 3.09 0.68 26.63
C ALA D 593 4.08 1.79 26.30
N GLY D 594 4.19 2.74 27.22
CA GLY D 594 5.13 3.84 27.03
C GLY D 594 5.30 4.62 28.33
N VAL D 595 6.25 5.54 28.30
CA VAL D 595 6.59 6.33 29.48
C VAL D 595 7.14 7.68 29.03
N ILE D 596 6.78 8.74 29.75
CA ILE D 596 7.32 10.08 29.53
C ILE D 596 7.85 10.62 30.85
N CYS D 597 8.84 11.50 30.75
CA CYS D 597 9.39 12.19 31.91
C CYS D 597 10.15 13.41 31.41
N GLY D 598 10.62 14.21 32.36
CA GLY D 598 11.34 15.41 32.03
C GLY D 598 10.39 16.56 31.72
N ASN D 599 10.94 17.58 31.07
CA ASN D 599 10.15 18.74 30.71
C ASN D 599 9.18 18.41 29.57
N ARG D 600 8.14 19.25 29.46
CA ARG D 600 7.15 19.07 28.40
C ARG D 600 7.79 19.17 27.02
N TYR D 601 8.69 20.13 26.85
CA TYR D 601 9.41 20.32 25.60
C TYR D 601 10.90 20.45 25.90
N GLU D 602 11.70 20.39 24.84
CA GLU D 602 13.08 20.81 24.95
C GLU D 602 13.13 22.33 25.15
N GLU D 603 14.28 22.81 25.61
CA GLU D 603 14.41 24.22 25.91
C GLU D 603 14.13 25.06 24.67
N HIS D 604 13.11 25.92 24.77
CA HIS D 604 12.60 26.69 23.66
C HIS D 604 12.47 28.15 24.08
N TRP D 605 12.67 29.06 23.12
CA TRP D 605 12.63 30.49 23.43
C TRP D 605 11.23 30.98 23.75
N ASN D 606 10.19 30.23 23.40
CA ASN D 606 8.81 30.66 23.62
C ASN D 606 7.95 29.63 24.34
N LEU D 607 8.43 28.40 24.56
CA LEU D 607 7.70 27.40 25.31
C LEU D 607 8.29 27.32 26.72
N ALA D 608 7.41 27.33 27.72
CA ALA D 608 7.86 27.39 29.10
C ALA D 608 8.42 26.05 29.56
N LYS D 609 9.42 26.11 30.43
CA LYS D 609 10.03 24.92 31.02
C LYS D 609 9.13 24.42 32.14
N GLU D 610 8.34 23.39 31.86
CA GLU D 610 7.47 22.78 32.85
C GLU D 610 7.54 21.27 32.71
N THR D 611 7.46 20.57 33.84
CA THR D 611 7.52 19.11 33.83
C THR D 611 6.18 18.53 33.40
N VAL D 612 6.26 17.38 32.72
CA VAL D 612 5.06 16.70 32.25
C VAL D 612 4.23 16.22 33.45
N ASP D 613 2.91 16.25 33.29
CA ASP D 613 2.01 15.79 34.34
C ASP D 613 1.00 14.79 33.80
N PHE D 614 0.04 14.40 34.65
CA PHE D 614 -0.89 13.34 34.28
C PHE D 614 -1.65 13.65 33.00
N TYR D 615 -2.08 14.91 32.83
CA TYR D 615 -2.89 15.26 31.69
C TYR D 615 -2.08 15.42 30.41
N ASP D 616 -0.76 15.50 30.50
CA ASP D 616 0.08 15.41 29.32
C ASP D 616 0.09 14.00 28.75
N LEU D 617 0.22 13.00 29.61
CA LEU D 617 0.22 11.62 29.14
C LEU D 617 -1.20 11.18 28.77
N LYS D 618 -2.20 11.58 29.56
CA LYS D 618 -3.57 11.24 29.22
C LYS D 618 -3.99 11.84 27.88
N GLY D 619 -3.51 13.06 27.59
CA GLY D 619 -3.82 13.67 26.32
C GLY D 619 -3.31 12.85 25.14
N ASP D 620 -2.09 12.31 25.26
CA ASP D 620 -1.56 11.44 24.23
C ASP D 620 -2.38 10.16 24.10
N LEU D 621 -2.85 9.62 25.24
CA LEU D 621 -3.67 8.42 25.19
C LEU D 621 -5.04 8.71 24.57
N GLU D 622 -5.59 9.89 24.83
CA GLU D 622 -6.85 10.26 24.18
C GLU D 622 -6.67 10.38 22.68
N SER D 623 -5.52 10.88 22.23
CA SER D 623 -5.24 10.95 20.80
C SER D 623 -5.18 9.55 20.19
N VAL D 624 -4.58 8.59 20.90
CA VAL D 624 -4.57 7.20 20.44
C VAL D 624 -6.00 6.66 20.41
N LEU D 625 -6.72 6.77 21.53
CA LEU D 625 -8.05 6.20 21.63
C LEU D 625 -9.03 6.85 20.67
N ASP D 626 -8.78 8.11 20.28
CA ASP D 626 -9.69 8.78 19.36
C ASP D 626 -9.61 8.22 17.96
N LEU D 627 -8.55 7.48 17.62
CA LEU D 627 -8.48 6.81 16.33
C LEU D 627 -9.51 5.70 16.19
N THR D 628 -10.00 5.17 17.32
CA THR D 628 -11.06 4.17 17.28
C THR D 628 -12.44 4.77 17.05
N GLY D 629 -12.57 6.09 17.13
CA GLY D 629 -13.88 6.71 17.04
C GLY D 629 -14.77 6.49 18.23
N LYS D 630 -14.26 5.87 19.30
CA LYS D 630 -15.05 5.55 20.48
C LYS D 630 -14.56 6.29 21.72
N LEU D 631 -13.96 7.48 21.52
CA LEU D 631 -13.45 8.23 22.65
C LEU D 631 -14.55 8.64 23.63
N ASN D 632 -15.75 8.94 23.10
CA ASN D 632 -16.88 9.28 23.95
C ASN D 632 -17.33 8.13 24.84
N GLU D 633 -16.87 6.90 24.57
CA GLU D 633 -17.19 5.74 25.40
C GLU D 633 -16.01 5.29 26.23
N VAL D 634 -14.98 6.13 26.35
CA VAL D 634 -13.80 5.84 27.15
C VAL D 634 -13.97 6.49 28.52
N GLU D 635 -13.66 5.74 29.58
CA GLU D 635 -13.73 6.22 30.94
C GLU D 635 -12.38 6.07 31.61
N PHE D 636 -11.99 7.10 32.37
CA PHE D 636 -10.78 7.06 33.20
C PHE D 636 -11.22 7.04 34.66
N ARG D 637 -11.07 5.88 35.30
CA ARG D 637 -11.48 5.68 36.69
C ARG D 637 -10.26 5.59 37.58
N ALA D 638 -10.28 6.33 38.69
CA ALA D 638 -9.19 6.26 39.65
C ALA D 638 -9.15 4.87 40.28
N GLU D 639 -7.97 4.24 40.21
CA GLU D 639 -7.84 2.85 40.65
C GLU D 639 -6.43 2.63 41.15
N ALA D 640 -6.30 1.74 42.14
CA ALA D 640 -5.02 1.53 42.80
C ALA D 640 -4.16 0.54 42.02
N ASN D 641 -2.86 0.86 41.91
CA ASN D 641 -1.87 -0.02 41.33
C ASN D 641 -0.60 0.19 42.16
N PRO D 642 0.05 -0.88 42.61
CA PRO D 642 1.21 -0.72 43.50
C PRO D 642 2.36 0.08 42.89
N ALA D 643 2.39 0.26 41.58
CA ALA D 643 3.48 0.99 40.94
C ALA D 643 3.17 2.45 40.71
N LEU D 644 1.93 2.89 40.95
CA LEU D 644 1.50 4.23 40.58
C LEU D 644 1.08 5.02 41.81
N HIS D 645 1.17 6.35 41.68
CA HIS D 645 0.66 7.25 42.71
C HIS D 645 -0.83 6.99 42.89
N PRO D 646 -1.29 6.72 44.12
CA PRO D 646 -2.71 6.35 44.30
C PRO D 646 -3.68 7.46 43.96
N GLY D 647 -3.26 8.72 44.04
CA GLY D 647 -4.12 9.84 43.71
C GLY D 647 -4.00 10.34 42.29
N GLN D 648 -3.03 9.84 41.54
CA GLN D 648 -2.79 10.26 40.16
C GLN D 648 -2.64 9.05 39.25
N SER D 649 -3.48 8.04 39.47
CA SER D 649 -3.49 6.84 38.65
C SER D 649 -4.91 6.57 38.16
N ALA D 650 -5.02 5.92 37.02
CA ALA D 650 -6.32 5.65 36.43
C ALA D 650 -6.29 4.32 35.69
N ALA D 651 -7.40 3.60 35.76
CA ALA D 651 -7.65 2.44 34.91
C ALA D 651 -8.48 2.90 33.71
N ILE D 652 -8.05 2.51 32.52
CA ILE D 652 -8.70 2.96 31.29
C ILE D 652 -9.74 1.93 30.89
N TYR D 653 -10.97 2.39 30.67
CA TYR D 653 -12.07 1.54 30.27
C TYR D 653 -12.61 1.98 28.92
N LEU D 654 -13.11 1.01 28.15
CA LEU D 654 -13.73 1.26 26.85
C LEU D 654 -15.04 0.49 26.81
N LYS D 655 -16.15 1.21 26.92
CA LYS D 655 -17.49 0.61 26.99
C LYS D 655 -17.58 -0.41 28.14
N GLY D 656 -16.95 -0.08 29.26
CA GLY D 656 -16.98 -0.94 30.43
C GLY D 656 -15.91 -2.00 30.48
N GLU D 657 -15.03 -2.06 29.48
CA GLU D 657 -13.97 -3.06 29.42
C GLU D 657 -12.65 -2.41 29.81
N ARG D 658 -11.98 -2.95 30.83
CA ARG D 658 -10.68 -2.44 31.21
C ARG D 658 -9.66 -2.76 30.13
N ILE D 659 -9.02 -1.73 29.58
CA ILE D 659 -8.08 -1.90 28.48
C ILE D 659 -6.67 -1.46 28.83
N GLY D 660 -6.44 -0.93 30.03
CA GLY D 660 -5.09 -0.55 30.39
C GLY D 660 -5.06 0.33 31.63
N PHE D 661 -3.85 0.82 31.92
CA PHE D 661 -3.58 1.63 33.10
C PHE D 661 -2.67 2.79 32.73
N VAL D 662 -2.78 3.87 33.49
CA VAL D 662 -1.94 5.05 33.31
C VAL D 662 -1.85 5.78 34.64
N GLY D 663 -0.67 6.31 34.94
CA GLY D 663 -0.51 7.08 36.16
C GLY D 663 0.93 7.47 36.39
N VAL D 664 1.11 8.39 37.33
CA VAL D 664 2.44 8.79 37.77
C VAL D 664 3.06 7.66 38.58
N VAL D 665 4.31 7.34 38.29
CA VAL D 665 5.03 6.34 39.07
C VAL D 665 5.07 6.75 40.53
N HIS D 666 4.80 5.81 41.42
CA HIS D 666 4.76 6.10 42.85
C HIS D 666 6.10 6.69 43.30
N PRO D 667 6.08 7.70 44.17
CA PRO D 667 7.34 8.36 44.56
C PRO D 667 8.36 7.42 45.19
N GLU D 668 7.91 6.43 45.96
CA GLU D 668 8.85 5.46 46.53
C GLU D 668 9.47 4.61 45.44
N LEU D 669 8.65 4.10 44.52
CA LEU D 669 9.18 3.42 43.35
C LEU D 669 9.98 4.36 42.47
N GLU D 670 9.65 5.66 42.50
CA GLU D 670 10.43 6.64 41.74
C GLU D 670 11.80 6.87 42.36
N ARG D 671 11.87 6.93 43.70
CA ARG D 671 13.17 7.05 44.36
C ARG D 671 14.00 5.79 44.15
N LYS D 672 13.39 4.63 44.30
CA LYS D 672 14.00 3.41 43.79
C LYS D 672 14.12 3.50 42.27
N LEU D 673 14.94 2.61 41.69
CA LEU D 673 15.30 2.65 40.28
C LEU D 673 16.12 3.89 39.95
N ASP D 674 16.21 4.84 40.89
CA ASP D 674 16.96 6.09 40.73
C ASP D 674 16.47 6.89 39.52
N LEU D 675 15.17 7.16 39.51
CA LEU D 675 14.58 8.00 38.48
C LEU D 675 14.86 9.46 38.78
N ASN D 676 15.22 10.21 37.74
CA ASN D 676 15.61 11.61 37.93
C ASN D 676 14.48 12.48 38.44
N GLY D 677 13.23 12.09 38.22
CA GLY D 677 12.11 12.87 38.68
C GLY D 677 10.77 12.21 38.43
N ARG D 678 9.72 13.01 38.28
CA ARG D 678 8.39 12.48 38.05
C ARG D 678 8.35 11.76 36.70
N THR D 679 7.94 10.50 36.72
CA THR D 679 7.82 9.70 35.51
C THR D 679 6.42 9.13 35.43
N LEU D 680 5.89 9.06 34.21
CA LEU D 680 4.50 8.64 33.98
C LEU D 680 4.49 7.51 32.98
N VAL D 681 3.83 6.41 33.32
CA VAL D 681 3.81 5.21 32.50
C VAL D 681 2.38 4.89 32.11
N PHE D 682 2.25 4.14 31.02
CA PHE D 682 0.96 3.58 30.63
C PHE D 682 1.21 2.23 29.97
N GLU D 683 0.14 1.44 29.88
CA GLU D 683 0.16 0.19 29.15
C GLU D 683 -1.26 -0.12 28.72
N LEU D 684 -1.42 -0.54 27.47
CA LEU D 684 -2.73 -0.82 26.89
C LEU D 684 -2.76 -2.22 26.31
N GLU D 685 -3.89 -2.90 26.45
CA GLU D 685 -4.09 -4.19 25.82
C GLU D 685 -4.55 -3.94 24.38
N TRP D 686 -3.67 -4.24 23.42
CA TRP D 686 -3.87 -3.76 22.06
C TRP D 686 -5.15 -4.31 21.44
N ASN D 687 -5.38 -5.61 21.56
CA ASN D 687 -6.54 -6.21 20.89
C ASN D 687 -7.87 -5.75 21.46
N LYS D 688 -7.86 -5.11 22.64
CA LYS D 688 -9.08 -4.52 23.17
C LYS D 688 -9.49 -3.27 22.43
N LEU D 689 -8.54 -2.59 21.77
CA LEU D 689 -8.82 -1.33 21.07
C LEU D 689 -8.38 -1.36 19.62
N ALA D 690 -8.15 -2.55 19.05
CA ALA D 690 -7.74 -2.68 17.65
C ALA D 690 -8.90 -2.55 16.68
N ASP D 691 -10.03 -2.01 17.12
CA ASP D 691 -11.20 -1.83 16.27
C ASP D 691 -11.61 -0.36 16.27
N ARG D 692 -12.19 0.07 15.15
CA ARG D 692 -12.65 1.44 15.01
C ARG D 692 -14.02 1.45 14.35
N VAL D 693 -14.79 2.50 14.64
CA VAL D 693 -16.12 2.65 14.08
C VAL D 693 -16.00 3.09 12.62
N VAL D 694 -16.69 2.37 11.73
CA VAL D 694 -16.77 2.77 10.33
C VAL D 694 -17.80 3.88 10.23
N PRO D 695 -17.46 5.03 9.69
CA PRO D 695 -18.37 6.19 9.77
C PRO D 695 -19.62 5.98 8.95
N GLN D 696 -20.74 6.46 9.49
CA GLN D 696 -22.00 6.54 8.78
C GLN D 696 -22.44 7.99 8.79
N ALA D 697 -22.62 8.56 7.60
CA ALA D 697 -22.90 10.00 7.50
C ALA D 697 -24.23 10.35 8.16
N ARG D 698 -24.22 11.45 8.91
CA ARG D 698 -25.41 11.97 9.56
C ARG D 698 -25.77 13.33 8.96
N GLU D 699 -27.06 13.66 9.00
CA GLU D 699 -27.53 14.92 8.46
C GLU D 699 -26.94 16.09 9.24
N ILE D 700 -26.57 17.14 8.52
CA ILE D 700 -26.01 18.35 9.09
C ILE D 700 -27.06 19.44 9.03
N SER D 701 -27.26 20.13 10.15
CA SER D 701 -28.32 21.14 10.25
C SER D 701 -27.94 22.39 9.46
N ARG D 702 -28.86 22.86 8.63
CA ARG D 702 -28.69 24.12 7.91
C ARG D 702 -29.14 25.33 8.71
N PHE D 703 -29.62 25.11 9.95
CA PHE D 703 -30.10 26.13 10.86
C PHE D 703 -29.06 26.43 11.94
N PRO D 704 -29.00 27.68 12.42
CA PRO D 704 -27.95 28.04 13.38
C PRO D 704 -28.11 27.30 14.69
N ALA D 705 -27.00 27.25 15.43
CA ALA D 705 -26.93 26.60 16.73
C ALA D 705 -26.88 27.64 17.85
N ASN D 706 -27.14 27.18 19.07
CA ASN D 706 -27.16 28.04 20.24
C ASN D 706 -26.23 27.48 21.31
N ARG D 707 -25.51 28.37 21.97
CA ARG D 707 -24.64 28.00 23.08
C ARG D 707 -25.21 28.53 24.38
N ARG D 708 -25.27 27.65 25.39
CA ARG D 708 -25.71 28.01 26.73
C ARG D 708 -24.72 27.43 27.72
N ASP D 709 -24.04 28.30 28.46
CA ASP D 709 -23.08 27.87 29.48
C ASP D 709 -23.78 27.72 30.82
N ILE D 710 -23.38 26.69 31.57
CA ILE D 710 -23.93 26.42 32.89
C ILE D 710 -22.78 26.28 33.88
N ALA D 711 -23.05 26.64 35.12
CA ALA D 711 -22.09 26.52 36.21
C ALA D 711 -22.61 25.46 37.16
N VAL D 712 -21.94 24.30 37.19
CA VAL D 712 -22.36 23.15 37.97
C VAL D 712 -21.38 22.97 39.11
N VAL D 713 -21.88 23.07 40.34
CA VAL D 713 -21.07 22.85 41.54
C VAL D 713 -21.42 21.48 42.11
N VAL D 714 -20.40 20.65 42.29
CA VAL D 714 -20.55 19.29 42.79
C VAL D 714 -19.52 19.05 43.88
N ALA D 715 -19.64 17.90 44.54
CA ALA D 715 -18.62 17.47 45.47
C ALA D 715 -17.29 17.28 44.75
N GLU D 716 -16.19 17.39 45.50
CA GLU D 716 -14.86 17.32 44.89
C GLU D 716 -14.60 15.93 44.31
N ASN D 717 -15.15 14.89 44.92
CA ASN D 717 -14.90 13.51 44.51
C ASN D 717 -15.75 13.09 43.31
N VAL D 718 -16.51 14.00 42.71
CA VAL D 718 -17.36 13.69 41.57
C VAL D 718 -16.50 13.78 40.31
N PRO D 719 -16.35 12.70 39.54
CA PRO D 719 -15.58 12.77 38.29
C PRO D 719 -16.24 13.74 37.31
N ALA D 720 -15.44 14.62 36.74
CA ALA D 720 -15.98 15.64 35.83
C ALA D 720 -16.52 15.01 34.54
N ALA D 721 -15.92 13.91 34.09
CA ALA D 721 -16.38 13.27 32.86
C ALA D 721 -17.79 12.71 33.01
N ASP D 722 -18.17 12.26 34.20
CA ASP D 722 -19.52 11.75 34.41
C ASP D 722 -20.56 12.85 34.29
N ILE D 723 -20.22 14.08 34.72
CA ILE D 723 -21.11 15.21 34.52
C ILE D 723 -21.31 15.47 33.03
N LEU D 724 -20.20 15.51 32.28
CA LEU D 724 -20.29 15.74 30.84
C LEU D 724 -21.04 14.60 30.15
N SER D 725 -20.74 13.36 30.54
CA SER D 725 -21.40 12.21 29.91
C SER D 725 -22.90 12.23 30.17
N GLU D 726 -23.32 12.60 31.37
CA GLU D 726 -24.74 12.69 31.67
C GLU D 726 -25.42 13.78 30.85
N CYS D 727 -24.71 14.87 30.57
CA CYS D 727 -25.27 15.92 29.73
C CYS D 727 -25.48 15.45 28.29
N LYS D 728 -24.52 14.69 27.76
CA LYS D 728 -24.65 14.18 26.41
C LYS D 728 -25.75 13.12 26.30
N LYS D 729 -26.00 12.38 27.39
CA LYS D 729 -26.99 11.31 27.35
C LYS D 729 -28.41 11.85 27.39
N VAL D 730 -28.67 12.83 28.26
CA VAL D 730 -30.03 13.37 28.38
C VAL D 730 -30.40 14.19 27.16
N GLY D 731 -29.48 15.02 26.68
CA GLY D 731 -29.70 15.75 25.45
C GLY D 731 -29.21 14.98 24.25
N VAL D 732 -30.14 14.37 23.50
CA VAL D 732 -29.81 13.50 22.38
C VAL D 732 -30.14 14.16 21.05
N ASN D 733 -31.36 14.69 20.91
CA ASN D 733 -31.79 15.22 19.62
C ASN D 733 -31.27 16.64 19.39
N GLN D 734 -31.19 17.46 20.44
CA GLN D 734 -30.82 18.86 20.31
C GLN D 734 -29.41 19.16 20.78
N VAL D 735 -29.00 18.63 21.94
CA VAL D 735 -27.68 18.89 22.47
C VAL D 735 -26.64 18.18 21.61
N VAL D 736 -26.04 18.91 20.67
CA VAL D 736 -25.06 18.34 19.75
C VAL D 736 -23.63 18.60 20.22
N GLY D 737 -23.45 19.16 21.41
CA GLY D 737 -22.13 19.45 21.91
C GLY D 737 -22.09 19.76 23.40
N VAL D 738 -21.22 19.07 24.12
CA VAL D 738 -21.01 19.30 25.55
C VAL D 738 -19.51 19.41 25.76
N ASN D 739 -19.08 20.53 26.36
CA ASN D 739 -17.65 20.76 26.58
C ASN D 739 -17.44 21.47 27.90
N LEU D 740 -16.43 21.02 28.64
CA LEU D 740 -16.01 21.66 29.88
C LEU D 740 -14.90 22.65 29.56
N PHE D 741 -15.08 23.92 29.95
CA PHE D 741 -14.09 24.94 29.67
C PHE D 741 -13.49 25.59 30.91
N ASP D 742 -13.95 25.24 32.10
CA ASP D 742 -13.36 25.81 33.31
C ASP D 742 -13.69 24.93 34.51
N VAL D 743 -12.71 24.77 35.40
CA VAL D 743 -12.88 24.12 36.69
C VAL D 743 -12.34 25.06 37.76
N TYR D 744 -13.16 25.34 38.78
CA TYR D 744 -12.78 26.26 39.84
C TYR D 744 -13.04 25.63 41.20
N ARG D 745 -12.11 25.86 42.13
CA ARG D 745 -12.26 25.39 43.50
C ARG D 745 -11.44 26.33 44.40
N GLY D 746 -12.12 27.31 44.99
CA GLY D 746 -11.46 28.27 45.85
C GLY D 746 -12.40 29.28 46.47
N LYS D 747 -11.98 30.54 46.53
CA LYS D 747 -12.80 31.60 47.12
C LYS D 747 -14.04 31.81 46.27
N GLY D 748 -15.21 31.45 46.81
CA GLY D 748 -16.45 31.55 46.07
C GLY D 748 -17.25 30.27 46.16
N VAL D 749 -16.57 29.15 46.38
CA VAL D 749 -17.19 27.85 46.57
C VAL D 749 -16.71 27.28 47.90
N ALA D 750 -17.56 26.48 48.53
CA ALA D 750 -17.22 25.88 49.81
C ALA D 750 -16.09 24.88 49.66
N GLU D 751 -15.32 24.72 50.74
CA GLU D 751 -14.21 23.77 50.73
C GLU D 751 -14.74 22.36 50.53
N GLY D 752 -14.03 21.58 49.72
CA GLY D 752 -14.48 20.26 49.34
C GLY D 752 -15.45 20.23 48.18
N TYR D 753 -15.66 21.36 47.52
CA TYR D 753 -16.56 21.46 46.38
C TYR D 753 -15.84 22.13 45.22
N LYS D 754 -16.46 22.08 44.05
CA LYS D 754 -15.86 22.61 42.84
C LYS D 754 -16.95 23.00 41.86
N SER D 755 -16.69 24.02 41.06
CA SER D 755 -17.63 24.52 40.07
C SER D 755 -17.14 24.14 38.68
N LEU D 756 -18.02 23.48 37.92
CA LEU D 756 -17.71 23.02 36.57
C LEU D 756 -18.45 23.90 35.57
N ALA D 757 -17.69 24.62 34.74
CA ALA D 757 -18.27 25.45 33.69
C ALA D 757 -18.39 24.62 32.41
N ILE D 758 -19.63 24.38 31.98
CA ILE D 758 -19.93 23.49 30.87
C ILE D 758 -20.68 24.27 29.80
N SER D 759 -20.24 24.14 28.55
CA SER D 759 -20.93 24.73 27.42
C SER D 759 -21.82 23.67 26.76
N LEU D 760 -23.04 24.07 26.41
CA LEU D 760 -24.01 23.19 25.77
C LEU D 760 -24.40 23.80 24.43
N ILE D 761 -24.09 23.09 23.36
CA ILE D 761 -24.48 23.50 22.01
C ILE D 761 -25.78 22.78 21.65
N LEU D 762 -26.80 23.54 21.26
CA LEU D 762 -28.10 23.00 20.92
C LEU D 762 -28.43 23.37 19.48
N GLN D 763 -28.88 22.39 18.70
CA GLN D 763 -29.17 22.61 17.29
C GLN D 763 -30.15 21.55 16.82
N ASP D 764 -31.03 21.94 15.91
CA ASP D 764 -32.00 21.04 15.31
C ASP D 764 -31.82 21.03 13.80
N THR D 765 -32.07 19.87 13.19
CA THR D 765 -31.89 19.70 11.76
C THR D 765 -33.06 20.20 10.94
N SER D 766 -34.18 20.56 11.57
CA SER D 766 -35.39 20.93 10.84
C SER D 766 -35.89 22.33 11.15
N ARG D 767 -35.34 23.02 12.15
CA ARG D 767 -35.85 24.34 12.51
C ARG D 767 -34.83 25.06 13.37
N THR D 768 -35.02 26.37 13.50
CA THR D 768 -34.28 27.16 14.47
C THR D 768 -34.97 27.08 15.82
N LEU D 769 -34.18 27.23 16.88
CA LEU D 769 -34.68 27.10 18.25
C LEU D 769 -34.81 28.48 18.90
N GLU D 770 -35.86 28.66 19.69
CA GLU D 770 -36.08 29.87 20.45
C GLU D 770 -35.83 29.60 21.93
N GLU D 771 -35.90 30.68 22.73
CA GLU D 771 -35.48 30.61 24.13
C GLU D 771 -36.34 29.65 24.93
N GLU D 772 -37.61 29.47 24.56
CA GLU D 772 -38.49 28.59 25.33
C GLU D 772 -38.04 27.14 25.22
N GLU D 773 -37.71 26.68 24.01
CA GLU D 773 -37.27 25.29 23.85
C GLU D 773 -35.82 25.11 24.28
N ILE D 774 -34.98 26.14 24.12
CA ILE D 774 -33.58 26.03 24.53
C ILE D 774 -33.48 25.89 26.04
N ALA D 775 -34.16 26.78 26.78
CA ALA D 775 -34.12 26.71 28.24
C ALA D 775 -34.76 25.44 28.77
N ALA D 776 -35.78 24.93 28.08
CA ALA D 776 -36.43 23.69 28.50
C ALA D 776 -35.46 22.52 28.41
N THR D 777 -34.68 22.43 27.34
CA THR D 777 -33.71 21.36 27.21
C THR D 777 -32.51 21.56 28.12
N VAL D 778 -32.10 22.81 28.34
CA VAL D 778 -31.00 23.08 29.25
C VAL D 778 -31.40 22.74 30.68
N ALA D 779 -32.62 23.11 31.08
CA ALA D 779 -33.10 22.76 32.41
C ALA D 779 -33.22 21.24 32.57
N LYS D 780 -33.53 20.53 31.48
CA LYS D 780 -33.61 19.08 31.55
C LYS D 780 -32.25 18.46 31.85
N CYS D 781 -31.17 19.08 31.39
CA CYS D 781 -29.84 18.59 31.73
C CYS D 781 -29.46 18.94 33.16
N VAL D 782 -29.90 20.10 33.65
CA VAL D 782 -29.56 20.53 35.01
C VAL D 782 -30.22 19.62 36.03
N GLU D 783 -31.51 19.31 35.83
CA GLU D 783 -32.19 18.42 36.77
C GLU D 783 -31.65 17.00 36.70
N ALA D 784 -31.11 16.60 35.54
CA ALA D 784 -30.46 15.29 35.45
C ALA D 784 -29.17 15.26 36.25
N LEU D 785 -28.38 16.34 36.19
CA LEU D 785 -27.19 16.42 37.02
C LEU D 785 -27.53 16.55 38.50
N LYS D 786 -28.72 17.08 38.81
CA LYS D 786 -29.15 17.21 40.19
C LYS D 786 -29.69 15.90 40.74
N GLU D 787 -30.27 15.07 39.89
CA GLU D 787 -30.79 13.77 40.34
C GLU D 787 -29.67 12.76 40.54
N ARG D 788 -28.63 12.80 39.71
CA ARG D 788 -27.57 11.82 39.76
C ARG D 788 -26.40 12.26 40.63
N PHE D 789 -26.06 13.55 40.61
CA PHE D 789 -24.90 14.05 41.34
C PHE D 789 -25.25 15.03 42.45
N GLN D 790 -26.54 15.32 42.67
CA GLN D 790 -26.96 16.31 43.66
C GLN D 790 -26.29 17.66 43.41
N ALA D 791 -26.13 18.01 42.14
CA ALA D 791 -25.44 19.22 41.74
C ALA D 791 -26.33 20.44 41.92
N SER D 792 -25.71 21.61 41.79
CA SER D 792 -26.42 22.88 41.89
C SER D 792 -25.94 23.81 40.78
N LEU D 793 -26.84 24.67 40.32
CA LEU D 793 -26.54 25.65 39.29
C LEU D 793 -26.24 26.99 39.94
N ARG D 794 -25.10 27.58 39.58
CA ARG D 794 -24.72 28.88 40.09
C ARG D 794 -24.95 29.97 39.05
#